data_7KNV
#
_entry.id   7KNV
#
loop_
_entity.id
_entity.type
_entity.pdbx_description
1 polymer 'Cadherin-related family member 3'
2 non-polymer 'CALCIUM ION'
#
_entity_poly.entity_id   1
_entity_poly.type   'polypeptide(L)'
_entity_poly.pdbx_seq_one_letter_code
;MASDYKDDDDKLHLILLPATGNVAENSPPGTSVHKFSVKLSASLSPVIPGFPQIVNSNPLTEAFRVNWLSGTYFEVVTTG
MEQLDFETGPNIFDLQIYVKDEVGVTDLQVLTVQVTDVNEPPGGTK
;
_entity_poly.pdbx_strand_id   A
#
loop_
_chem_comp.id
_chem_comp.type
_chem_comp.name
_chem_comp.formula
CA non-polymer 'CALCIUM ION' 'Ca 2'
#
# COMPACT_ATOMS: atom_id res chain seq x y z
N MET A 1 17.67 -2.41 28.74
CA MET A 1 17.05 -3.75 28.78
C MET A 1 16.73 -4.22 27.35
N ALA A 2 15.79 -3.52 26.70
CA ALA A 2 15.39 -3.86 25.34
C ALA A 2 15.29 -2.62 24.47
N SER A 3 14.65 -1.56 25.00
CA SER A 3 14.49 -0.32 24.25
C SER A 3 15.83 0.32 23.93
N ASP A 4 16.73 0.30 24.92
CA ASP A 4 18.09 0.84 24.73
C ASP A 4 18.84 0.03 23.68
N TYR A 5 18.60 -1.28 23.67
CA TYR A 5 19.23 -2.19 22.73
C TYR A 5 18.76 -1.88 21.30
N LYS A 6 19.71 -1.83 20.36
CA LYS A 6 19.38 -1.56 18.96
C LYS A 6 18.77 -2.80 18.32
N ASP A 7 17.48 -3.03 18.64
CA ASP A 7 16.76 -4.20 18.14
C ASP A 7 16.55 -4.16 16.62
N ASP A 8 16.47 -2.94 16.06
CA ASP A 8 16.26 -2.76 14.62
C ASP A 8 17.48 -3.21 13.80
N ASP A 9 18.68 -2.95 14.33
CA ASP A 9 19.94 -3.29 13.63
C ASP A 9 20.08 -4.80 13.42
N ASP A 10 19.66 -5.59 14.41
CA ASP A 10 19.81 -7.06 14.35
C ASP A 10 18.59 -7.76 13.73
N LYS A 11 17.70 -6.98 13.07
CA LYS A 11 16.52 -7.55 12.41
C LYS A 11 16.28 -6.92 11.04
N LEU A 12 15.55 -7.63 10.19
CA LEU A 12 15.25 -7.16 8.83
C LEU A 12 14.16 -6.10 8.85
N HIS A 13 14.27 -5.13 7.93
CA HIS A 13 13.29 -4.06 7.81
C HIS A 13 13.09 -3.64 6.37
N LEU A 14 11.95 -2.99 6.09
CA LEU A 14 11.59 -2.60 4.73
C LEU A 14 12.41 -1.40 4.25
N ILE A 15 12.76 -1.42 2.95
CA ILE A 15 13.49 -0.31 2.32
C ILE A 15 12.46 0.74 1.88
N LEU A 16 12.77 2.03 2.19
CA LEU A 16 11.85 3.18 1.95
C LEU A 16 10.86 3.30 3.09
N LEU A 17 11.23 4.12 4.10
CA LEU A 17 10.41 4.27 5.30
C LEU A 17 8.92 4.57 4.93
N PRO A 18 7.94 3.77 5.43
CA PRO A 18 6.49 3.96 5.10
C PRO A 18 5.87 5.19 5.82
N ALA A 19 4.80 5.84 5.24
CA ALA A 19 4.19 5.48 3.93
C ALA A 19 3.20 6.54 3.47
N THR A 20 3.34 6.99 2.22
CA THR A 20 2.44 8.01 1.65
C THR A 20 1.95 7.60 0.26
N GLY A 21 0.77 8.12 -0.11
CA GLY A 21 0.19 7.84 -1.42
C GLY A 21 -0.60 9.04 -1.93
N ASN A 22 -0.50 9.32 -3.25
CA ASN A 22 -1.22 10.45 -3.83
C ASN A 22 -1.46 10.28 -5.34
N VAL A 23 -2.74 10.21 -5.71
CA VAL A 23 -3.15 10.15 -7.13
C VAL A 23 -4.20 11.21 -7.43
N ALA A 24 -4.33 11.55 -8.72
CA ALA A 24 -5.30 12.56 -9.15
C ALA A 24 -6.71 11.98 -9.14
N GLU A 25 -7.35 12.00 -7.97
CA GLU A 25 -8.70 11.44 -7.79
C GLU A 25 -8.76 10.01 -8.36
N ASN A 26 -9.97 9.51 -8.61
CA ASN A 26 -10.17 8.15 -9.15
C ASN A 26 -10.11 8.13 -10.70
N SER A 27 -9.66 9.25 -11.31
CA SER A 27 -9.59 9.34 -12.77
C SER A 27 -8.75 8.20 -13.38
N PRO A 28 -7.52 7.93 -12.89
CA PRO A 28 -6.69 6.82 -13.45
C PRO A 28 -7.10 5.45 -12.86
N PRO A 29 -7.51 4.46 -13.69
CA PRO A 29 -7.92 3.11 -13.19
C PRO A 29 -6.75 2.12 -13.17
N GLY A 30 -6.50 1.52 -11.99
CA GLY A 30 -5.44 0.52 -11.85
C GLY A 30 -4.04 1.14 -11.89
N THR A 31 -3.96 2.44 -11.59
CA THR A 31 -2.68 3.14 -11.59
C THR A 31 -2.11 3.16 -10.16
N SER A 32 -0.84 2.76 -10.04
CA SER A 32 -0.20 2.68 -8.74
C SER A 32 -0.10 4.04 -8.07
N VAL A 33 -0.30 4.05 -6.75
CA VAL A 33 -0.24 5.28 -5.96
C VAL A 33 1.18 5.48 -5.43
N HIS A 34 1.76 4.41 -4.88
CA HIS A 34 3.13 4.46 -4.33
C HIS A 34 3.75 3.07 -4.26
N LYS A 35 5.08 3.03 -4.33
CA LYS A 35 5.83 1.77 -4.29
C LYS A 35 6.74 1.70 -3.05
N PHE A 36 6.83 0.50 -2.46
CA PHE A 36 7.67 0.26 -1.30
C PHE A 36 8.53 -0.98 -1.54
N SER A 37 9.73 -0.99 -0.95
CA SER A 37 10.67 -2.10 -1.13
C SER A 37 10.98 -2.77 0.19
N VAL A 38 11.46 -4.01 0.12
CA VAL A 38 11.79 -4.81 1.32
C VAL A 38 13.24 -5.28 1.25
N LYS A 39 13.95 -5.24 2.41
CA LYS A 39 15.36 -5.65 2.44
C LYS A 39 15.47 -7.14 2.17
N LEU A 40 16.49 -7.50 1.37
CA LEU A 40 16.71 -8.90 0.99
C LEU A 40 17.06 -9.77 2.19
N SER A 41 16.22 -10.78 2.43
CA SER A 41 16.41 -11.72 3.52
C SER A 41 17.63 -12.60 3.24
N ALA A 42 18.30 -13.06 4.31
CA ALA A 42 19.49 -13.90 4.17
C ALA A 42 19.13 -15.17 3.41
N SER A 43 17.96 -15.74 3.72
CA SER A 43 17.47 -16.93 3.03
C SER A 43 17.19 -16.60 1.56
N LEU A 44 16.64 -15.41 1.31
CA LEU A 44 16.33 -14.96 -0.04
C LEU A 44 15.41 -15.94 -0.77
N SER A 45 14.55 -16.64 -0.01
CA SER A 45 13.61 -17.61 -0.57
C SER A 45 12.49 -16.88 -1.34
N PRO A 46 11.91 -17.48 -2.41
CA PRO A 46 10.81 -16.82 -3.19
C PRO A 46 9.52 -16.77 -2.38
N VAL A 47 8.68 -15.77 -2.66
CA VAL A 47 7.40 -15.61 -1.95
C VAL A 47 6.23 -15.98 -2.85
N ILE A 48 5.16 -16.49 -2.24
CA ILE A 48 3.97 -16.92 -3.00
C ILE A 48 3.21 -15.68 -3.59
N PRO A 49 2.37 -15.87 -4.63
CA PRO A 49 1.57 -14.74 -5.23
C PRO A 49 0.69 -14.07 -4.18
N GLY A 50 0.50 -12.75 -4.31
CA GLY A 50 -0.31 -12.00 -3.36
C GLY A 50 0.49 -11.67 -2.11
N PHE A 51 1.54 -10.86 -2.30
CA PHE A 51 2.44 -10.49 -1.21
C PHE A 51 1.65 -9.86 -0.01
N PRO A 52 1.83 -10.38 1.24
CA PRO A 52 1.10 -9.83 2.46
C PRO A 52 1.42 -8.34 2.69
N GLN A 53 0.43 -7.48 3.12
CA GLN A 53 -1.00 -7.81 3.41
C GLN A 53 -1.73 -6.53 3.84
N ILE A 54 -3.03 -6.43 3.52
CA ILE A 54 -3.84 -5.30 3.98
C ILE A 54 -4.66 -5.73 5.21
N VAL A 55 -4.38 -5.11 6.35
CA VAL A 55 -5.07 -5.47 7.60
C VAL A 55 -6.21 -4.50 7.92
N ASN A 56 -6.00 -3.20 7.66
CA ASN A 56 -7.06 -2.21 7.97
C ASN A 56 -7.00 -0.98 7.06
N SER A 57 -8.05 -0.15 7.15
CA SER A 57 -8.15 1.08 6.36
C SER A 57 -9.02 2.10 7.09
N ASN A 58 -8.85 3.40 6.76
CA ASN A 58 -9.69 4.44 7.36
C ASN A 58 -10.95 4.69 6.44
N PRO A 59 -12.19 4.34 6.89
CA PRO A 59 -13.42 4.47 6.05
C PRO A 59 -13.93 5.93 5.94
N LEU A 60 -14.87 6.23 4.95
CA LEU A 60 -15.41 5.25 3.96
C LEU A 60 -14.64 5.31 2.66
N THR A 61 -13.83 4.28 2.39
CA THR A 61 -13.05 4.24 1.15
C THR A 61 -12.80 2.80 0.69
N GLU A 62 -13.15 2.50 -0.56
CA GLU A 62 -12.86 1.20 -1.17
C GLU A 62 -12.38 1.38 -2.61
N ALA A 63 -11.06 1.22 -2.84
CA ALA A 63 -10.46 1.36 -4.19
C ALA A 63 -8.92 1.26 -4.12
N PHE A 64 -8.45 0.18 -3.49
CA PHE A 64 -7.01 -0.03 -3.32
C PHE A 64 -6.67 -1.52 -3.21
N ARG A 65 -5.44 -1.86 -3.57
CA ARG A 65 -4.95 -3.24 -3.50
C ARG A 65 -3.41 -3.26 -3.50
N VAL A 66 -2.83 -4.42 -3.14
CA VAL A 66 -1.36 -4.56 -3.09
C VAL A 66 -0.85 -5.32 -4.33
N ASN A 67 0.11 -4.71 -5.03
CA ASN A 67 0.68 -5.32 -6.25
C ASN A 67 2.16 -5.66 -6.05
N TRP A 68 2.47 -6.95 -6.00
CA TRP A 68 3.85 -7.43 -5.85
C TRP A 68 4.50 -7.49 -7.24
N LEU A 69 5.27 -6.44 -7.57
CA LEU A 69 5.89 -6.35 -8.90
C LEU A 69 6.89 -7.47 -9.13
N SER A 70 7.80 -7.68 -8.16
CA SER A 70 8.80 -8.75 -8.25
C SER A 70 9.68 -8.80 -7.00
N GLY A 71 10.09 -10.00 -6.62
CA GLY A 71 11.02 -10.23 -5.50
C GLY A 71 10.62 -9.48 -4.22
N THR A 72 11.07 -8.22 -4.09
CA THR A 72 10.84 -7.43 -2.87
C THR A 72 10.26 -6.02 -3.18
N TYR A 73 9.84 -5.80 -4.43
CA TYR A 73 9.28 -4.51 -4.84
C TYR A 73 7.78 -4.62 -5.09
N PHE A 74 7.01 -3.69 -4.51
CA PHE A 74 5.56 -3.71 -4.68
C PHE A 74 4.97 -2.30 -4.58
N GLU A 75 3.77 -2.13 -5.13
CA GLU A 75 3.07 -0.82 -5.08
C GLU A 75 1.56 -1.01 -4.94
N VAL A 76 0.92 -0.03 -4.28
CA VAL A 76 -0.52 -0.05 -4.08
C VAL A 76 -1.21 0.42 -5.37
N VAL A 77 -2.24 -0.32 -5.81
CA VAL A 77 -2.94 0.01 -7.07
C VAL A 77 -4.36 0.52 -6.77
N THR A 78 -4.76 1.60 -7.47
CA THR A 78 -6.06 2.23 -7.25
C THR A 78 -7.17 1.61 -8.12
N THR A 79 -8.41 1.93 -7.77
CA THR A 79 -9.59 1.46 -8.50
C THR A 79 -9.76 -0.05 -8.40
N GLY A 80 -10.46 -0.47 -7.33
CA GLY A 80 -10.74 -1.89 -7.10
C GLY A 80 -12.23 -2.17 -7.29
N MET A 81 -12.89 -2.61 -6.20
CA MET A 81 -14.32 -2.90 -6.25
C MET A 81 -15.14 -1.64 -6.54
N GLU A 82 -14.73 -0.51 -5.94
CA GLU A 82 -15.43 0.76 -6.12
C GLU A 82 -14.45 1.91 -6.34
N GLN A 83 -14.94 3.00 -6.95
CA GLN A 83 -14.11 4.17 -7.23
C GLN A 83 -14.28 5.22 -6.12
N LEU A 84 -13.25 6.09 -5.96
CA LEU A 84 -13.29 7.15 -4.92
C LEU A 84 -13.70 8.48 -5.53
N ASP A 85 -14.62 9.19 -4.85
CA ASP A 85 -15.08 10.49 -5.32
C ASP A 85 -14.72 11.61 -4.34
N PHE A 86 -14.10 12.67 -4.88
CA PHE A 86 -13.71 13.83 -4.08
C PHE A 86 -14.95 14.52 -3.49
N GLU A 87 -16.01 14.60 -4.29
CA GLU A 87 -17.26 15.25 -3.89
C GLU A 87 -17.89 14.58 -2.65
N THR A 88 -17.50 13.33 -2.38
CA THR A 88 -18.03 12.58 -1.24
C THR A 88 -17.65 13.31 0.07
N GLY A 89 -16.40 13.76 0.15
CA GLY A 89 -15.92 14.48 1.33
C GLY A 89 -14.50 14.03 1.75
N PRO A 90 -14.33 12.78 2.21
CA PRO A 90 -12.99 12.27 2.66
C PRO A 90 -11.94 12.39 1.55
N ASN A 91 -10.72 12.80 1.95
CA ASN A 91 -9.61 12.94 1.00
C ASN A 91 -8.37 12.14 1.43
N ILE A 92 -8.37 11.64 2.69
CA ILE A 92 -7.24 10.86 3.18
C ILE A 92 -7.70 9.65 4.01
N PHE A 93 -6.94 8.54 3.86
CA PHE A 93 -7.20 7.34 4.68
C PHE A 93 -5.91 6.58 4.95
N ASP A 94 -5.84 6.00 6.16
CA ASP A 94 -4.66 5.25 6.59
C ASP A 94 -4.90 3.76 6.43
N LEU A 95 -3.95 3.09 5.79
CA LEU A 95 -4.03 1.65 5.58
C LEU A 95 -3.00 0.91 6.44
N GLN A 96 -3.50 0.03 7.32
CA GLN A 96 -2.61 -0.78 8.16
C GLN A 96 -2.15 -2.00 7.37
N ILE A 97 -0.91 -1.95 6.90
CA ILE A 97 -0.35 -3.01 6.05
C ILE A 97 0.63 -3.89 6.85
N TYR A 98 0.39 -5.19 6.81
CA TYR A 98 1.20 -6.19 7.48
C TYR A 98 2.10 -6.88 6.45
N VAL A 99 3.39 -7.02 6.77
CA VAL A 99 4.35 -7.63 5.82
C VAL A 99 4.98 -8.86 6.45
N LYS A 100 4.92 -9.99 5.72
CA LYS A 100 5.49 -11.25 6.21
C LYS A 100 6.24 -11.98 5.10
N ASP A 101 7.47 -12.37 5.40
CA ASP A 101 8.29 -13.15 4.48
C ASP A 101 8.10 -14.64 4.74
N GLU A 102 8.62 -15.46 3.83
CA GLU A 102 8.50 -16.92 3.97
C GLU A 102 9.22 -17.40 5.23
N VAL A 103 10.36 -16.77 5.54
CA VAL A 103 11.15 -17.13 6.72
C VAL A 103 10.41 -16.83 8.03
N GLY A 104 9.45 -15.88 8.00
CA GLY A 104 8.66 -15.55 9.19
C GLY A 104 8.89 -14.12 9.71
N VAL A 105 9.53 -13.27 8.89
CA VAL A 105 9.75 -11.86 9.27
C VAL A 105 8.39 -11.15 9.34
N THR A 106 8.28 -10.12 10.18
CA THR A 106 7.01 -9.40 10.35
C THR A 106 7.20 -7.90 10.49
N ASP A 107 6.26 -7.12 9.93
CA ASP A 107 6.30 -5.66 10.03
C ASP A 107 4.93 -5.03 9.73
N LEU A 108 4.48 -4.15 10.63
CA LEU A 108 3.20 -3.45 10.46
C LEU A 108 3.46 -1.95 10.28
N GLN A 109 2.82 -1.38 9.26
CA GLN A 109 2.98 0.04 8.94
C GLN A 109 1.66 0.66 8.48
N VAL A 110 1.60 1.99 8.52
CA VAL A 110 0.40 2.70 8.08
C VAL A 110 0.68 3.48 6.80
N LEU A 111 -0.21 3.32 5.81
CA LEU A 111 -0.07 3.96 4.51
C LEU A 111 -1.20 4.92 4.25
N THR A 112 -0.86 6.21 4.17
CA THR A 112 -1.86 7.23 3.91
C THR A 112 -2.08 7.37 2.41
N VAL A 113 -3.35 7.46 2.02
CA VAL A 113 -3.71 7.63 0.61
C VAL A 113 -4.48 8.93 0.43
N GLN A 114 -3.97 9.80 -0.45
CA GLN A 114 -4.60 11.11 -0.68
C GLN A 114 -5.36 11.13 -2.00
N VAL A 115 -6.50 11.83 -1.96
CA VAL A 115 -7.37 11.99 -3.13
C VAL A 115 -7.36 13.45 -3.55
N THR A 116 -7.01 13.70 -4.82
CA THR A 116 -6.95 15.06 -5.36
C THR A 116 -8.03 15.25 -6.44
N ASP A 117 -8.79 16.35 -6.30
CA ASP A 117 -9.87 16.66 -7.24
C ASP A 117 -9.35 16.73 -8.66
N VAL A 118 -10.05 16.06 -9.58
CA VAL A 118 -9.67 16.03 -10.99
C VAL A 118 -10.75 16.71 -11.85
N ASN A 119 -10.32 17.61 -12.75
CA ASN A 119 -11.24 18.36 -13.60
C ASN A 119 -11.89 17.44 -14.64
N GLU A 120 -13.20 17.64 -14.84
CA GLU A 120 -13.96 16.84 -15.80
C GLU A 120 -13.60 17.25 -17.26
N PRO A 121 -13.72 16.33 -18.25
CA PRO A 121 -13.41 16.66 -19.68
C PRO A 121 -14.29 17.82 -20.21
N PRO A 122 -13.79 18.65 -21.15
CA PRO A 122 -14.60 19.80 -21.72
C PRO A 122 -15.89 19.31 -22.39
N GLY A 123 -15.86 18.06 -22.88
CA GLY A 123 -17.03 17.46 -23.51
C GLY A 123 -17.60 16.36 -22.61
N GLY A 124 -18.93 16.26 -22.56
CA GLY A 124 -19.60 15.27 -21.72
C GLY A 124 -21.11 15.48 -21.69
N THR A 125 -21.75 15.00 -20.62
CA THR A 125 -23.20 15.11 -20.47
C THR A 125 -23.62 16.58 -20.47
N LYS A 126 -24.60 16.91 -21.30
CA LYS A 126 -25.10 18.28 -21.43
C LYS A 126 -26.28 18.54 -20.46
CA CA B . -13.37 16.31 -7.48
CA CA C . -15.09 14.69 -9.78
CA CA D . -13.01 19.36 -11.24
N MET A 1 20.27 -24.13 21.27
CA MET A 1 21.09 -23.33 22.23
C MET A 1 20.64 -21.87 22.19
N ALA A 2 20.70 -21.21 23.34
CA ALA A 2 20.29 -19.80 23.45
C ALA A 2 21.15 -18.90 22.57
N SER A 3 22.45 -19.20 22.52
CA SER A 3 23.41 -18.40 21.76
C SER A 3 23.08 -18.36 20.26
N ASP A 4 22.75 -19.52 19.69
CA ASP A 4 22.45 -19.61 18.25
C ASP A 4 21.12 -18.93 17.90
N TYR A 5 20.25 -18.76 18.91
CA TYR A 5 18.95 -18.12 18.72
C TYR A 5 19.15 -16.67 18.25
N LYS A 6 18.45 -16.29 17.19
CA LYS A 6 18.55 -14.94 16.64
C LYS A 6 17.58 -14.00 17.37
N ASP A 7 18.14 -13.03 18.12
CA ASP A 7 17.32 -12.09 18.89
C ASP A 7 17.80 -10.65 18.71
N ASP A 8 19.08 -10.41 18.99
CA ASP A 8 19.67 -9.08 18.87
C ASP A 8 19.62 -8.60 17.41
N ASP A 9 19.99 -9.48 16.49
CA ASP A 9 20.03 -9.15 15.06
C ASP A 9 18.80 -9.69 14.29
N ASP A 10 17.77 -10.15 15.02
CA ASP A 10 16.56 -10.70 14.37
C ASP A 10 15.61 -9.59 13.87
N LYS A 11 16.00 -8.31 14.06
CA LYS A 11 15.17 -7.19 13.65
C LYS A 11 15.48 -6.77 12.22
N LEU A 12 14.64 -7.22 11.28
CA LEU A 12 14.77 -6.88 9.87
C LEU A 12 13.77 -5.79 9.50
N HIS A 13 14.08 -5.03 8.43
CA HIS A 13 13.22 -3.92 8.02
C HIS A 13 13.17 -3.75 6.50
N LEU A 14 12.14 -3.06 6.04
CA LEU A 14 11.93 -2.83 4.60
C LEU A 14 12.52 -1.47 4.17
N ILE A 15 13.16 -1.46 3.00
CA ILE A 15 13.77 -0.24 2.44
C ILE A 15 12.66 0.74 2.00
N LEU A 16 12.92 2.05 2.22
CA LEU A 16 11.97 3.16 1.93
C LEU A 16 11.03 3.34 3.12
N LEU A 17 11.42 4.26 4.02
CA LEU A 17 10.67 4.48 5.25
C LEU A 17 9.15 4.70 4.94
N PRO A 18 8.24 3.81 5.42
CA PRO A 18 6.77 3.96 5.17
C PRO A 18 6.13 5.14 5.98
N ALA A 19 4.98 5.75 5.51
CA ALA A 19 4.30 5.37 4.24
C ALA A 19 3.27 6.42 3.83
N THR A 20 3.27 6.76 2.53
CA THR A 20 2.34 7.73 1.98
C THR A 20 2.01 7.44 0.51
N GLY A 21 0.83 7.87 0.07
CA GLY A 21 0.39 7.64 -1.31
C GLY A 21 -0.29 8.89 -1.89
N ASN A 22 -0.23 9.01 -3.22
CA ASN A 22 -0.87 10.14 -3.91
C ASN A 22 -1.40 9.69 -5.27
N VAL A 23 -2.72 9.74 -5.44
CA VAL A 23 -3.37 9.33 -6.68
C VAL A 23 -4.66 10.13 -6.93
N ALA A 24 -5.07 10.21 -8.20
CA ALA A 24 -6.29 10.90 -8.58
C ALA A 24 -7.50 10.19 -7.97
N GLU A 25 -8.68 10.77 -8.17
CA GLU A 25 -9.92 10.19 -7.64
C GLU A 25 -10.16 8.78 -8.29
N ASN A 26 -11.43 8.42 -8.57
CA ASN A 26 -11.74 7.12 -9.21
C ASN A 26 -11.48 7.16 -10.74
N SER A 27 -10.95 8.29 -11.24
CA SER A 27 -10.71 8.47 -12.67
C SER A 27 -9.78 7.39 -13.27
N PRO A 28 -8.61 7.07 -12.66
CA PRO A 28 -7.66 6.09 -13.25
C PRO A 28 -7.86 4.65 -12.67
N PRO A 29 -8.18 3.64 -13.51
CA PRO A 29 -8.30 2.23 -13.06
C PRO A 29 -6.99 1.46 -13.25
N GLY A 30 -6.60 0.68 -12.24
CA GLY A 30 -5.38 -0.13 -12.31
C GLY A 30 -4.11 0.74 -12.33
N THR A 31 -4.19 1.90 -11.68
CA THR A 31 -3.05 2.83 -11.64
C THR A 31 -2.43 2.82 -10.23
N SER A 32 -1.10 2.64 -10.19
CA SER A 32 -0.38 2.58 -8.92
C SER A 32 -0.37 3.93 -8.22
N VAL A 33 -0.25 3.89 -6.89
CA VAL A 33 -0.23 5.13 -6.09
C VAL A 33 1.18 5.37 -5.56
N HIS A 34 1.80 4.31 -5.02
CA HIS A 34 3.16 4.41 -4.45
C HIS A 34 3.78 3.02 -4.32
N LYS A 35 5.12 2.98 -4.15
CA LYS A 35 5.83 1.69 -4.05
C LYS A 35 6.87 1.69 -2.91
N PHE A 36 7.09 0.51 -2.33
CA PHE A 36 8.08 0.33 -1.26
C PHE A 36 8.91 -0.93 -1.51
N SER A 37 10.12 -0.97 -0.92
CA SER A 37 11.02 -2.13 -1.08
C SER A 37 11.26 -2.81 0.27
N VAL A 38 11.39 -4.15 0.25
CA VAL A 38 11.57 -4.93 1.49
C VAL A 38 12.96 -5.63 1.48
N LYS A 39 13.68 -5.57 2.63
CA LYS A 39 15.00 -6.23 2.70
C LYS A 39 14.83 -7.73 2.65
N LEU A 40 15.76 -8.41 1.99
CA LEU A 40 15.69 -9.86 1.83
C LEU A 40 16.48 -10.57 2.91
N SER A 41 15.83 -11.54 3.55
CA SER A 41 16.44 -12.33 4.61
C SER A 41 17.61 -13.16 4.07
N ALA A 42 18.59 -13.43 4.94
CA ALA A 42 19.78 -14.19 4.57
C ALA A 42 19.42 -15.60 4.09
N SER A 43 18.42 -16.21 4.74
CA SER A 43 18.00 -17.57 4.40
C SER A 43 17.53 -17.66 2.96
N LEU A 44 16.80 -16.63 2.51
CA LEU A 44 16.29 -16.59 1.12
C LEU A 44 15.37 -17.80 0.84
N SER A 45 14.32 -17.92 1.66
CA SER A 45 13.35 -19.02 1.53
C SER A 45 12.45 -18.77 0.29
N PRO A 46 11.79 -19.81 -0.27
CA PRO A 46 10.89 -19.63 -1.46
C PRO A 46 9.67 -18.78 -1.11
N VAL A 47 9.16 -18.07 -2.13
CA VAL A 47 8.01 -17.17 -1.95
C VAL A 47 6.74 -17.76 -2.56
N ILE A 48 5.58 -17.19 -2.16
CA ILE A 48 4.28 -17.66 -2.64
C ILE A 48 3.44 -16.48 -3.21
N PRO A 49 2.45 -16.74 -4.09
CA PRO A 49 1.59 -15.65 -4.67
C PRO A 49 0.67 -15.03 -3.61
N GLY A 50 0.29 -13.76 -3.82
CA GLY A 50 -0.54 -13.04 -2.86
C GLY A 50 0.34 -12.32 -1.84
N PHE A 51 1.11 -11.34 -2.33
CA PHE A 51 2.07 -10.62 -1.49
C PHE A 51 1.34 -9.93 -0.29
N PRO A 52 1.72 -10.24 0.98
CA PRO A 52 1.08 -9.60 2.19
C PRO A 52 1.43 -8.11 2.35
N GLN A 53 0.49 -7.22 2.82
CA GLN A 53 -0.93 -7.54 3.20
C GLN A 53 -1.69 -6.25 3.53
N ILE A 54 -2.97 -6.22 3.19
CA ILE A 54 -3.85 -5.09 3.55
C ILE A 54 -4.68 -5.50 4.77
N VAL A 55 -4.49 -4.78 5.89
CA VAL A 55 -5.17 -5.11 7.15
C VAL A 55 -6.30 -4.13 7.46
N ASN A 56 -6.08 -2.82 7.19
CA ASN A 56 -7.10 -1.81 7.51
C ASN A 56 -6.98 -0.56 6.66
N SER A 57 -8.05 0.25 6.69
CA SER A 57 -8.10 1.51 5.97
C SER A 57 -9.01 2.50 6.70
N ASN A 58 -8.80 3.81 6.48
CA ASN A 58 -9.64 4.83 7.11
C ASN A 58 -10.79 5.23 6.13
N PRO A 59 -12.08 4.91 6.44
CA PRO A 59 -13.22 5.21 5.52
C PRO A 59 -13.59 6.72 5.49
N LEU A 60 -14.13 7.24 4.33
CA LEU A 60 -14.37 6.48 3.09
C LEU A 60 -13.07 6.30 2.31
N THR A 61 -12.91 5.14 1.67
CA THR A 61 -11.69 4.85 0.90
C THR A 61 -12.01 4.27 -0.47
N GLU A 62 -11.46 4.89 -1.51
CA GLU A 62 -11.67 4.45 -2.89
C GLU A 62 -11.07 3.07 -3.11
N ALA A 63 -11.25 2.54 -4.33
CA ALA A 63 -10.73 1.21 -4.69
C ALA A 63 -9.23 1.14 -4.38
N PHE A 64 -8.79 -0.04 -3.92
CA PHE A 64 -7.38 -0.24 -3.58
C PHE A 64 -6.94 -1.67 -3.88
N ARG A 65 -5.62 -1.85 -3.99
CA ARG A 65 -5.05 -3.14 -4.34
C ARG A 65 -3.57 -3.19 -3.92
N VAL A 66 -3.05 -4.41 -3.77
CA VAL A 66 -1.64 -4.62 -3.42
C VAL A 66 -1.00 -5.56 -4.46
N ASN A 67 0.06 -5.08 -5.13
CA ASN A 67 0.75 -5.88 -6.16
C ASN A 67 2.24 -5.99 -5.91
N TRP A 68 2.80 -7.13 -6.31
CA TRP A 68 4.24 -7.38 -6.17
C TRP A 68 4.91 -7.18 -7.52
N LEU A 69 5.66 -6.07 -7.65
CA LEU A 69 6.27 -5.72 -8.93
C LEU A 69 7.36 -6.70 -9.34
N SER A 70 8.41 -6.82 -8.52
CA SER A 70 9.51 -7.75 -8.82
C SER A 70 10.49 -7.86 -7.65
N GLY A 71 11.07 -9.05 -7.50
CA GLY A 71 12.07 -9.31 -6.46
C GLY A 71 11.55 -9.00 -5.05
N THR A 72 11.71 -7.73 -4.64
CA THR A 72 11.28 -7.29 -3.30
C THR A 72 10.54 -5.94 -3.35
N TYR A 73 10.05 -5.57 -4.55
CA TYR A 73 9.34 -4.30 -4.74
C TYR A 73 7.85 -4.55 -4.88
N PHE A 74 7.04 -3.68 -4.26
CA PHE A 74 5.58 -3.78 -4.36
C PHE A 74 4.95 -2.39 -4.33
N GLU A 75 3.72 -2.31 -4.83
CA GLU A 75 2.99 -1.03 -4.90
C GLU A 75 1.49 -1.21 -4.74
N VAL A 76 0.82 -0.14 -4.33
CA VAL A 76 -0.63 -0.14 -4.14
C VAL A 76 -1.31 0.33 -5.44
N VAL A 77 -2.35 -0.41 -5.87
CA VAL A 77 -3.05 -0.10 -7.13
C VAL A 77 -4.50 0.36 -6.86
N THR A 78 -4.92 1.41 -7.59
CA THR A 78 -6.28 1.95 -7.45
C THR A 78 -7.25 1.26 -8.41
N THR A 79 -7.81 0.14 -7.97
CA THR A 79 -8.78 -0.63 -8.75
C THR A 79 -9.68 -1.44 -7.83
N GLY A 80 -10.94 -1.62 -8.25
CA GLY A 80 -11.90 -2.39 -7.47
C GLY A 80 -13.28 -2.38 -8.11
N MET A 81 -14.18 -3.17 -7.52
CA MET A 81 -15.54 -3.30 -8.02
C MET A 81 -16.33 -1.98 -7.88
N GLU A 82 -16.12 -1.27 -6.75
CA GLU A 82 -16.89 -0.04 -6.47
C GLU A 82 -16.03 1.22 -6.48
N GLN A 83 -16.52 2.25 -7.16
CA GLN A 83 -15.87 3.56 -7.22
C GLN A 83 -16.45 4.49 -6.14
N LEU A 84 -15.64 5.45 -5.67
CA LEU A 84 -16.09 6.40 -4.64
C LEU A 84 -15.79 7.85 -5.01
N ASP A 85 -16.68 8.75 -4.59
CA ASP A 85 -16.54 10.19 -4.87
C ASP A 85 -15.72 10.92 -3.80
N PHE A 86 -14.92 11.88 -4.24
CA PHE A 86 -14.04 12.68 -3.37
C PHE A 86 -14.85 13.46 -2.30
N GLU A 87 -15.93 14.11 -2.72
CA GLU A 87 -16.68 15.00 -1.82
C GLU A 87 -17.22 14.26 -0.60
N THR A 88 -17.77 13.05 -0.82
CA THR A 88 -18.33 12.25 0.27
C THR A 88 -17.21 11.73 1.20
N GLY A 89 -16.09 11.30 0.60
CA GLY A 89 -14.98 10.73 1.36
C GLY A 89 -13.93 11.79 1.76
N PRO A 90 -13.03 11.48 2.73
CA PRO A 90 -11.97 12.44 3.17
C PRO A 90 -10.80 12.50 2.19
N ASN A 91 -10.05 13.60 2.25
CA ASN A 91 -8.88 13.81 1.41
C ASN A 91 -7.84 12.73 1.64
N ILE A 92 -7.63 12.36 2.92
CA ILE A 92 -6.62 11.36 3.28
C ILE A 92 -7.21 10.20 4.08
N PHE A 93 -6.58 9.01 3.94
CA PHE A 93 -6.97 7.84 4.73
C PHE A 93 -5.78 6.97 5.05
N ASP A 94 -5.72 6.53 6.31
CA ASP A 94 -4.64 5.68 6.79
C ASP A 94 -4.93 4.24 6.46
N LEU A 95 -3.92 3.54 5.95
CA LEU A 95 -4.07 2.14 5.54
C LEU A 95 -3.03 1.27 6.23
N GLN A 96 -3.49 0.41 7.13
CA GLN A 96 -2.60 -0.49 7.86
C GLN A 96 -2.19 -1.64 6.96
N ILE A 97 -0.88 -1.76 6.71
CA ILE A 97 -0.35 -2.80 5.85
C ILE A 97 0.60 -3.71 6.64
N TYR A 98 0.31 -5.01 6.60
CA TYR A 98 1.10 -6.02 7.30
C TYR A 98 1.93 -6.79 6.26
N VAL A 99 3.20 -7.09 6.59
CA VAL A 99 4.08 -7.79 5.65
C VAL A 99 4.72 -8.99 6.35
N LYS A 100 4.59 -10.17 5.74
CA LYS A 100 5.18 -11.40 6.29
C LYS A 100 5.88 -12.22 5.21
N ASP A 101 7.12 -12.58 5.51
CA ASP A 101 7.92 -13.42 4.64
C ASP A 101 7.73 -14.88 5.03
N GLU A 102 8.09 -15.80 4.12
CA GLU A 102 7.99 -17.23 4.41
C GLU A 102 8.87 -17.58 5.62
N VAL A 103 10.04 -16.94 5.69
CA VAL A 103 10.97 -17.15 6.81
C VAL A 103 10.35 -16.78 8.17
N GLY A 104 9.28 -15.96 8.13
CA GLY A 104 8.57 -15.57 9.37
C GLY A 104 8.85 -14.12 9.78
N VAL A 105 9.45 -13.31 8.89
CA VAL A 105 9.68 -11.89 9.17
C VAL A 105 8.32 -11.19 9.18
N THR A 106 8.15 -10.20 10.07
CA THR A 106 6.86 -9.51 10.19
C THR A 106 7.04 -8.02 10.43
N ASP A 107 6.11 -7.22 9.86
CA ASP A 107 6.16 -5.78 10.03
C ASP A 107 4.85 -5.12 9.57
N LEU A 108 4.29 -4.26 10.44
CA LEU A 108 3.03 -3.55 10.15
C LEU A 108 3.23 -2.04 10.24
N GLN A 109 2.81 -1.32 9.19
CA GLN A 109 2.96 0.14 9.14
C GLN A 109 1.68 0.82 8.67
N VAL A 110 1.64 2.14 8.79
CA VAL A 110 0.47 2.93 8.40
C VAL A 110 0.77 3.74 7.12
N LEU A 111 -0.09 3.54 6.11
CA LEU A 111 0.07 4.24 4.83
C LEU A 111 -1.09 5.20 4.59
N THR A 112 -0.78 6.51 4.59
CA THR A 112 -1.80 7.54 4.34
C THR A 112 -1.88 7.83 2.85
N VAL A 113 -3.11 7.76 2.30
CA VAL A 113 -3.32 7.96 0.87
C VAL A 113 -4.09 9.25 0.61
N GLN A 114 -3.52 10.13 -0.23
CA GLN A 114 -4.16 11.38 -0.62
C GLN A 114 -5.08 11.17 -1.81
N VAL A 115 -6.22 11.86 -1.79
CA VAL A 115 -7.22 11.76 -2.85
C VAL A 115 -7.41 13.14 -3.49
N THR A 116 -7.32 13.20 -4.83
CA THR A 116 -7.44 14.46 -5.55
C THR A 116 -8.82 14.56 -6.22
N ASP A 117 -9.49 15.70 -6.03
CA ASP A 117 -10.82 15.94 -6.60
C ASP A 117 -10.76 15.96 -8.13
N VAL A 118 -11.59 15.12 -8.75
CA VAL A 118 -11.66 15.03 -10.23
C VAL A 118 -13.11 15.23 -10.70
N ASN A 119 -13.29 16.13 -11.68
CA ASN A 119 -14.63 16.42 -12.22
C ASN A 119 -15.01 15.40 -13.28
N GLU A 120 -16.03 14.58 -12.98
CA GLU A 120 -16.51 13.55 -13.90
C GLU A 120 -18.04 13.63 -14.08
N PRO A 121 -18.60 13.14 -15.23
CA PRO A 121 -20.08 13.17 -15.47
C PRO A 121 -20.85 12.18 -14.56
N PRO A 122 -22.15 12.41 -14.28
CA PRO A 122 -22.95 11.51 -13.39
C PRO A 122 -23.22 10.15 -14.05
N GLY A 123 -23.42 9.12 -13.21
CA GLY A 123 -23.68 7.76 -13.69
C GLY A 123 -24.94 7.69 -14.53
N GLY A 124 -25.97 8.42 -14.10
CA GLY A 124 -27.26 8.43 -14.81
C GLY A 124 -27.12 9.02 -16.20
N THR A 125 -27.90 8.48 -17.14
CA THR A 125 -27.87 8.94 -18.54
C THR A 125 -29.15 9.72 -18.92
N LYS A 126 -30.21 9.56 -18.11
CA LYS A 126 -31.48 10.24 -18.37
C LYS A 126 -32.39 10.17 -17.14
CA CA B . -14.64 15.98 -5.78
CA CA C . -16.82 13.53 -6.96
CA CA D . -17.20 16.53 -10.41
N MET A 1 13.05 -17.14 28.88
CA MET A 1 13.91 -15.92 28.88
C MET A 1 13.90 -15.28 27.47
N ALA A 2 12.72 -15.29 26.83
CA ALA A 2 12.56 -14.72 25.49
C ALA A 2 12.87 -13.23 25.51
N SER A 3 12.43 -12.54 26.57
CA SER A 3 12.64 -11.09 26.71
C SER A 3 14.13 -10.76 26.79
N ASP A 4 14.94 -11.71 27.26
CA ASP A 4 16.39 -11.52 27.38
C ASP A 4 17.03 -11.27 26.02
N TYR A 5 16.50 -11.94 24.99
CA TYR A 5 17.01 -11.80 23.62
C TYR A 5 16.83 -10.34 23.16
N LYS A 6 17.90 -9.75 22.64
CA LYS A 6 17.86 -8.34 22.15
C LYS A 6 18.89 -8.09 21.04
N ASP A 7 19.31 -9.17 20.35
CA ASP A 7 20.28 -9.08 19.27
C ASP A 7 19.63 -9.45 17.92
N ASP A 8 18.39 -8.98 17.72
CA ASP A 8 17.64 -9.27 16.51
C ASP A 8 18.13 -8.42 15.32
N ASP A 9 19.39 -8.66 14.92
CA ASP A 9 20.01 -7.95 13.80
C ASP A 9 19.76 -8.69 12.48
N ASP A 10 19.57 -10.02 12.55
CA ASP A 10 19.35 -10.84 11.37
C ASP A 10 17.98 -10.57 10.72
N LYS A 11 17.02 -10.07 11.52
CA LYS A 11 15.67 -9.78 11.02
C LYS A 11 15.73 -8.70 9.94
N LEU A 12 15.07 -8.96 8.81
CA LEU A 12 15.06 -8.03 7.67
C LEU A 12 14.14 -6.84 7.94
N HIS A 13 14.49 -5.69 7.36
CA HIS A 13 13.69 -4.46 7.52
C HIS A 13 13.29 -3.92 6.15
N LEU A 14 12.02 -3.52 6.04
CA LEU A 14 11.46 -3.01 4.79
C LEU A 14 12.15 -1.71 4.36
N ILE A 15 12.65 -1.70 3.12
CA ILE A 15 13.33 -0.52 2.56
C ILE A 15 12.28 0.52 2.11
N LEU A 16 12.59 1.81 2.41
CA LEU A 16 11.68 2.97 2.12
C LEU A 16 10.72 3.16 3.28
N LEU A 17 11.11 4.03 4.21
CA LEU A 17 10.34 4.27 5.43
C LEU A 17 8.84 4.56 5.07
N PRO A 18 7.88 3.74 5.55
CA PRO A 18 6.42 3.94 5.24
C PRO A 18 5.79 5.14 6.00
N ALA A 19 4.70 5.79 5.45
CA ALA A 19 4.07 5.45 4.15
C ALA A 19 3.06 6.51 3.73
N THR A 20 3.23 7.05 2.51
CA THR A 20 2.32 8.08 1.98
C THR A 20 1.83 7.72 0.59
N GLY A 21 0.65 8.24 0.22
CA GLY A 21 0.05 7.97 -1.09
C GLY A 21 -0.62 9.21 -1.67
N ASN A 22 -0.56 9.35 -2.99
CA ASN A 22 -1.18 10.48 -3.69
C ASN A 22 -1.59 10.07 -5.12
N VAL A 23 -2.90 10.10 -5.40
CA VAL A 23 -3.42 9.72 -6.71
C VAL A 23 -4.34 10.82 -7.28
N ALA A 24 -4.38 10.94 -8.62
CA ALA A 24 -5.21 11.93 -9.29
C ALA A 24 -6.68 11.49 -9.26
N GLU A 25 -7.31 11.64 -8.08
CA GLU A 25 -8.71 11.23 -7.89
C GLU A 25 -8.93 9.79 -8.43
N ASN A 26 -10.20 9.39 -8.58
CA ASN A 26 -10.53 8.05 -9.10
C ASN A 26 -10.46 8.00 -10.66
N SER A 27 -10.00 9.11 -11.27
CA SER A 27 -9.92 9.20 -12.73
C SER A 27 -9.09 8.04 -13.36
N PRO A 28 -7.85 7.76 -12.88
CA PRO A 28 -7.03 6.66 -13.47
C PRO A 28 -7.27 5.29 -12.77
N PRO A 29 -7.74 4.24 -13.49
CA PRO A 29 -7.90 2.88 -12.93
C PRO A 29 -6.70 2.01 -13.28
N GLY A 30 -6.24 1.22 -12.31
CA GLY A 30 -5.11 0.32 -12.52
C GLY A 30 -3.79 1.09 -12.63
N THR A 31 -3.73 2.26 -12.01
CA THR A 31 -2.53 3.09 -12.03
C THR A 31 -1.88 3.09 -10.65
N SER A 32 -0.58 2.80 -10.62
CA SER A 32 0.18 2.74 -9.37
C SER A 32 0.23 4.11 -8.73
N VAL A 33 0.07 4.15 -7.40
CA VAL A 33 0.10 5.42 -6.65
C VAL A 33 1.48 5.59 -6.00
N HIS A 34 1.97 4.51 -5.40
CA HIS A 34 3.28 4.53 -4.72
C HIS A 34 3.82 3.11 -4.58
N LYS A 35 5.14 2.99 -4.41
CA LYS A 35 5.79 1.68 -4.28
C LYS A 35 6.69 1.60 -3.04
N PHE A 36 6.87 0.37 -2.54
CA PHE A 36 7.73 0.11 -1.39
C PHE A 36 8.66 -1.05 -1.68
N SER A 37 9.82 -1.06 -1.01
CA SER A 37 10.82 -2.11 -1.22
C SER A 37 11.09 -2.85 0.09
N VAL A 38 11.47 -4.11 -0.03
CA VAL A 38 11.77 -4.96 1.14
C VAL A 38 13.22 -5.44 1.07
N LYS A 39 13.93 -5.38 2.21
CA LYS A 39 15.34 -5.76 2.23
C LYS A 39 15.50 -7.25 1.93
N LEU A 40 16.43 -7.56 1.02
CA LEU A 40 16.65 -8.93 0.58
C LEU A 40 17.07 -9.82 1.75
N SER A 41 16.34 -10.92 1.94
CA SER A 41 16.65 -11.89 2.99
C SER A 41 17.86 -12.71 2.58
N ALA A 42 18.60 -13.23 3.57
CA ALA A 42 19.78 -14.03 3.29
C ALA A 42 19.38 -15.28 2.48
N SER A 43 18.28 -15.90 2.89
CA SER A 43 17.75 -17.07 2.17
C SER A 43 17.28 -16.67 0.77
N LEU A 44 16.64 -15.50 0.68
CA LEU A 44 16.13 -14.98 -0.59
C LEU A 44 15.14 -15.97 -1.23
N SER A 45 14.37 -16.66 -0.39
CA SER A 45 13.38 -17.62 -0.86
C SER A 45 12.22 -16.90 -1.62
N PRO A 46 11.81 -17.37 -2.82
CA PRO A 46 10.70 -16.71 -3.60
C PRO A 46 9.41 -16.65 -2.79
N VAL A 47 8.63 -15.59 -3.01
CA VAL A 47 7.36 -15.39 -2.30
C VAL A 47 6.18 -15.68 -3.23
N ILE A 48 5.14 -16.32 -2.68
CA ILE A 48 3.93 -16.67 -3.46
C ILE A 48 3.11 -15.41 -3.83
N PRO A 49 2.23 -15.48 -4.85
CA PRO A 49 1.38 -14.31 -5.28
C PRO A 49 0.53 -13.79 -4.13
N GLY A 50 0.31 -12.46 -4.10
CA GLY A 50 -0.47 -11.84 -3.03
C GLY A 50 0.43 -11.41 -1.88
N PHE A 51 1.33 -10.46 -2.15
CA PHE A 51 2.28 -9.99 -1.14
C PHE A 51 1.51 -9.44 0.10
N PRO A 52 1.74 -10.00 1.31
CA PRO A 52 1.04 -9.53 2.56
C PRO A 52 1.32 -8.04 2.86
N GLN A 53 0.31 -7.22 3.33
CA GLN A 53 -1.12 -7.60 3.58
C GLN A 53 -1.89 -6.34 4.02
N ILE A 54 -3.19 -6.29 3.72
CA ILE A 54 -4.05 -5.18 4.17
C ILE A 54 -4.79 -5.61 5.45
N VAL A 55 -4.46 -4.98 6.58
CA VAL A 55 -5.04 -5.35 7.88
C VAL A 55 -6.18 -4.39 8.27
N ASN A 56 -5.98 -3.09 8.02
CA ASN A 56 -7.00 -2.09 8.40
C ASN A 56 -7.03 -0.92 7.42
N SER A 57 -8.14 -0.17 7.44
CA SER A 57 -8.31 0.99 6.57
C SER A 57 -9.22 2.02 7.24
N ASN A 58 -9.08 3.30 6.82
CA ASN A 58 -9.93 4.37 7.38
C ASN A 58 -11.08 4.73 6.39
N PRO A 59 -12.36 4.42 6.72
CA PRO A 59 -13.52 4.73 5.81
C PRO A 59 -13.87 6.25 5.79
N LEU A 60 -14.39 6.80 4.63
CA LEU A 60 -14.63 6.06 3.37
C LEU A 60 -13.33 5.95 2.58
N THR A 61 -13.17 4.87 1.81
CA THR A 61 -11.93 4.64 1.05
C THR A 61 -12.21 4.44 -0.44
N GLU A 62 -11.24 4.82 -1.26
CA GLU A 62 -11.30 4.65 -2.71
C GLU A 62 -10.58 3.38 -3.10
N ALA A 63 -11.10 2.68 -4.13
CA ALA A 63 -10.54 1.39 -4.57
C ALA A 63 -9.00 1.40 -4.59
N PHE A 64 -8.42 0.43 -3.88
CA PHE A 64 -6.98 0.26 -3.81
C PHE A 64 -6.64 -1.23 -3.60
N ARG A 65 -5.41 -1.61 -3.93
CA ARG A 65 -4.96 -2.99 -3.72
C ARG A 65 -3.43 -3.06 -3.71
N VAL A 66 -2.90 -4.22 -3.28
CA VAL A 66 -1.45 -4.43 -3.26
C VAL A 66 -1.01 -5.22 -4.49
N ASN A 67 0.02 -4.72 -5.18
CA ASN A 67 0.53 -5.35 -6.39
C ASN A 67 2.02 -5.69 -6.27
N TRP A 68 2.33 -6.99 -6.26
CA TRP A 68 3.71 -7.46 -6.17
C TRP A 68 4.37 -7.35 -7.55
N LEU A 69 5.36 -6.45 -7.67
CA LEU A 69 6.02 -6.22 -8.96
C LEU A 69 7.02 -7.33 -9.28
N SER A 70 8.05 -7.47 -8.42
CA SER A 70 9.04 -8.54 -8.59
C SER A 70 9.96 -8.64 -7.38
N GLY A 71 10.57 -9.80 -7.21
CA GLY A 71 11.53 -10.05 -6.13
C GLY A 71 11.06 -9.54 -4.75
N THR A 72 11.38 -8.26 -4.45
CA THR A 72 11.05 -7.67 -3.14
C THR A 72 10.40 -6.28 -3.28
N TYR A 73 9.87 -5.98 -4.47
CA TYR A 73 9.25 -4.67 -4.73
C TYR A 73 7.75 -4.83 -4.97
N PHE A 74 6.96 -3.89 -4.43
CA PHE A 74 5.51 -3.91 -4.61
C PHE A 74 4.92 -2.50 -4.56
N GLU A 75 3.72 -2.33 -5.11
CA GLU A 75 3.07 -1.01 -5.16
C GLU A 75 1.56 -1.09 -5.05
N VAL A 76 0.97 0.01 -4.58
CA VAL A 76 -0.48 0.13 -4.43
C VAL A 76 -1.11 0.51 -5.76
N VAL A 77 -2.19 -0.19 -6.14
CA VAL A 77 -2.87 0.06 -7.42
C VAL A 77 -4.29 0.57 -7.17
N THR A 78 -4.71 1.60 -7.94
CA THR A 78 -6.04 2.20 -7.79
C THR A 78 -7.13 1.34 -8.47
N THR A 79 -7.39 0.19 -7.85
CA THR A 79 -8.43 -0.74 -8.28
C THR A 79 -9.10 -1.35 -7.07
N GLY A 80 -10.24 -2.01 -7.28
CA GLY A 80 -10.94 -2.68 -6.17
C GLY A 80 -12.40 -2.95 -6.54
N MET A 81 -13.24 -3.15 -5.51
CA MET A 81 -14.64 -3.49 -5.72
C MET A 81 -15.41 -2.40 -6.47
N GLU A 82 -15.13 -1.13 -6.14
CA GLU A 82 -15.84 -0.02 -6.80
C GLU A 82 -15.06 1.30 -6.78
N GLN A 83 -15.44 2.19 -7.70
CA GLN A 83 -14.83 3.51 -7.81
C GLN A 83 -15.46 4.49 -6.82
N LEU A 84 -14.67 5.46 -6.33
CA LEU A 84 -15.19 6.46 -5.38
C LEU A 84 -14.84 7.88 -5.81
N ASP A 85 -15.86 8.74 -5.88
CA ASP A 85 -15.67 10.14 -6.25
C ASP A 85 -15.25 10.97 -5.04
N PHE A 86 -14.30 11.88 -5.25
CA PHE A 86 -13.80 12.77 -4.20
C PHE A 86 -14.96 13.64 -3.64
N GLU A 87 -15.88 14.02 -4.53
CA GLU A 87 -16.98 14.90 -4.17
C GLU A 87 -17.84 14.30 -3.04
N THR A 88 -17.95 12.97 -3.03
CA THR A 88 -18.78 12.27 -2.04
C THR A 88 -18.28 12.48 -0.61
N GLY A 89 -16.98 12.77 -0.45
CA GLY A 89 -16.42 12.99 0.90
C GLY A 89 -14.98 12.43 1.09
N PRO A 90 -14.63 11.22 0.55
CA PRO A 90 -13.27 10.65 0.77
C PRO A 90 -12.15 11.59 0.35
N ASN A 91 -11.09 11.64 1.16
CA ASN A 91 -9.92 12.49 0.88
C ASN A 91 -8.64 11.83 1.39
N ILE A 92 -8.65 11.42 2.67
CA ILE A 92 -7.49 10.75 3.26
C ILE A 92 -7.91 9.53 4.07
N PHE A 93 -7.14 8.43 3.95
CA PHE A 93 -7.40 7.24 4.76
C PHE A 93 -6.12 6.48 5.08
N ASP A 94 -6.04 6.00 6.32
CA ASP A 94 -4.87 5.28 6.79
C ASP A 94 -5.07 3.78 6.61
N LEU A 95 -4.05 3.12 6.06
CA LEU A 95 -4.09 1.68 5.84
C LEU A 95 -3.04 0.95 6.67
N GLN A 96 -3.50 0.10 7.58
CA GLN A 96 -2.60 -0.70 8.41
C GLN A 96 -2.17 -1.91 7.61
N ILE A 97 -0.94 -1.85 7.08
CA ILE A 97 -0.43 -2.92 6.22
C ILE A 97 0.69 -3.70 6.93
N TYR A 98 0.50 -5.02 7.02
CA TYR A 98 1.49 -5.91 7.62
C TYR A 98 2.33 -6.54 6.51
N VAL A 99 3.59 -6.84 6.80
CA VAL A 99 4.48 -7.46 5.82
C VAL A 99 5.09 -8.72 6.42
N LYS A 100 4.99 -9.85 5.70
CA LYS A 100 5.52 -11.11 6.18
C LYS A 100 6.35 -11.82 5.12
N ASP A 101 7.60 -12.12 5.47
CA ASP A 101 8.51 -12.84 4.59
C ASP A 101 8.24 -14.34 4.67
N GLU A 102 8.76 -15.09 3.71
CA GLU A 102 8.57 -16.54 3.68
C GLU A 102 9.17 -17.19 4.93
N VAL A 103 10.33 -16.67 5.36
CA VAL A 103 11.02 -17.20 6.54
C VAL A 103 10.19 -16.94 7.84
N GLY A 104 9.36 -15.88 7.83
CA GLY A 104 8.51 -15.57 9.00
C GLY A 104 8.71 -14.16 9.56
N VAL A 105 9.40 -13.28 8.81
CA VAL A 105 9.60 -11.89 9.24
C VAL A 105 8.24 -11.20 9.39
N THR A 106 8.17 -10.14 10.21
CA THR A 106 6.92 -9.42 10.42
C THR A 106 7.15 -7.92 10.63
N ASP A 107 6.27 -7.09 10.03
CA ASP A 107 6.38 -5.63 10.16
C ASP A 107 5.04 -4.95 9.85
N LEU A 108 4.60 -4.06 10.76
CA LEU A 108 3.34 -3.32 10.59
C LEU A 108 3.61 -1.84 10.33
N GLN A 109 2.97 -1.31 9.30
CA GLN A 109 3.12 0.11 8.93
C GLN A 109 1.78 0.70 8.51
N VAL A 110 1.68 2.04 8.59
CA VAL A 110 0.45 2.73 8.24
C VAL A 110 0.64 3.55 6.95
N LEU A 111 -0.26 3.33 6.00
CA LEU A 111 -0.21 3.99 4.70
C LEU A 111 -1.40 4.94 4.54
N THR A 112 -1.10 6.24 4.50
CA THR A 112 -2.13 7.25 4.29
C THR A 112 -2.29 7.49 2.79
N VAL A 113 -3.52 7.40 2.30
CA VAL A 113 -3.79 7.60 0.87
C VAL A 113 -4.58 8.87 0.67
N GLN A 114 -4.01 9.80 -0.10
CA GLN A 114 -4.65 11.09 -0.37
C GLN A 114 -5.26 11.10 -1.75
N VAL A 115 -6.41 11.75 -1.85
CA VAL A 115 -7.14 11.86 -3.12
C VAL A 115 -7.06 13.30 -3.62
N THR A 116 -6.54 13.46 -4.85
CA THR A 116 -6.36 14.78 -5.46
C THR A 116 -7.54 15.11 -6.35
N ASP A 117 -8.05 16.35 -6.23
CA ASP A 117 -9.21 16.79 -7.00
C ASP A 117 -8.86 16.93 -8.49
N VAL A 118 -9.44 16.05 -9.29
CA VAL A 118 -9.23 16.04 -10.74
C VAL A 118 -10.58 16.04 -11.47
N ASN A 119 -10.73 16.95 -12.44
CA ASN A 119 -11.98 17.06 -13.19
C ASN A 119 -12.28 15.78 -13.97
N GLU A 120 -13.47 15.23 -13.75
CA GLU A 120 -13.90 14.00 -14.43
C GLU A 120 -14.82 14.35 -15.64
N PRO A 121 -14.56 13.81 -16.87
CA PRO A 121 -15.40 14.13 -18.06
C PRO A 121 -16.84 13.55 -17.94
N PRO A 122 -17.87 14.22 -18.51
CA PRO A 122 -19.30 13.74 -18.43
C PRO A 122 -19.54 12.44 -19.19
N GLY A 123 -18.64 12.14 -20.16
CA GLY A 123 -18.77 10.91 -20.97
C GLY A 123 -20.08 10.91 -21.75
N GLY A 124 -20.83 9.80 -21.66
CA GLY A 124 -22.11 9.67 -22.37
C GLY A 124 -22.00 8.73 -23.56
N THR A 125 -22.92 8.90 -24.52
CA THR A 125 -22.94 8.06 -25.72
C THR A 125 -21.65 8.23 -26.51
N LYS A 126 -21.21 9.48 -26.67
CA LYS A 126 -19.97 9.80 -27.40
C LYS A 126 -18.87 10.21 -26.43
CA CA B . -13.56 18.44 -7.88
CA CA C . -14.25 15.50 -6.81
CA CA D . -15.25 16.67 -11.94
N MET A 1 17.90 -19.21 26.40
CA MET A 1 19.03 -18.41 26.96
C MET A 1 19.22 -17.15 26.12
N ALA A 2 18.94 -16.00 26.73
CA ALA A 2 19.07 -14.71 26.06
C ALA A 2 20.52 -14.43 25.65
N SER A 3 21.46 -14.82 26.53
CA SER A 3 22.88 -14.56 26.30
C SER A 3 23.40 -15.22 25.02
N ASP A 4 23.02 -16.49 24.81
CA ASP A 4 23.46 -17.22 23.61
C ASP A 4 22.51 -17.02 22.42
N TYR A 5 21.56 -16.08 22.57
CA TYR A 5 20.59 -15.78 21.52
C TYR A 5 21.13 -14.68 20.60
N LYS A 6 21.43 -15.05 19.34
CA LYS A 6 21.99 -14.09 18.37
C LYS A 6 21.03 -13.82 17.19
N ASP A 7 19.78 -14.31 17.29
CA ASP A 7 18.79 -14.12 16.22
C ASP A 7 17.92 -12.87 16.44
N ASP A 8 18.19 -12.11 17.51
CA ASP A 8 17.42 -10.90 17.82
C ASP A 8 17.69 -9.80 16.79
N ASP A 9 18.94 -9.71 16.32
CA ASP A 9 19.35 -8.66 15.36
C ASP A 9 19.37 -9.15 13.90
N ASP A 10 19.03 -10.42 13.67
CA ASP A 10 19.04 -10.99 12.30
C ASP A 10 17.72 -10.71 11.54
N LYS A 11 16.79 -9.95 12.16
CA LYS A 11 15.51 -9.66 11.55
C LYS A 11 15.68 -8.77 10.32
N LEU A 12 14.74 -8.88 9.39
CA LEU A 12 14.77 -8.11 8.14
C LEU A 12 13.84 -6.91 8.25
N HIS A 13 14.16 -5.84 7.50
CA HIS A 13 13.36 -4.62 7.53
C HIS A 13 13.16 -4.06 6.13
N LEU A 14 11.99 -3.45 5.92
CA LEU A 14 11.63 -2.88 4.62
C LEU A 14 12.52 -1.69 4.28
N ILE A 15 12.75 -1.49 2.99
CA ILE A 15 13.57 -0.36 2.51
C ILE A 15 12.64 0.76 2.05
N LEU A 16 12.97 2.01 2.46
CA LEU A 16 12.11 3.20 2.19
C LEU A 16 11.06 3.33 3.30
N LEU A 17 11.41 4.12 4.33
CA LEU A 17 10.54 4.25 5.52
C LEU A 17 9.08 4.62 5.12
N PRO A 18 8.05 3.94 5.72
CA PRO A 18 6.61 4.20 5.37
C PRO A 18 6.07 5.50 6.04
N ALA A 19 5.01 6.17 5.43
CA ALA A 19 4.36 5.77 4.15
C ALA A 19 3.39 6.84 3.66
N THR A 20 3.56 7.28 2.41
CA THR A 20 2.66 8.28 1.81
C THR A 20 2.17 7.80 0.45
N GLY A 21 0.98 8.29 0.05
CA GLY A 21 0.39 7.91 -1.23
C GLY A 21 -0.27 9.10 -1.93
N ASN A 22 -0.23 9.08 -3.26
CA ASN A 22 -0.83 10.14 -4.07
C ASN A 22 -1.56 9.55 -5.28
N VAL A 23 -2.76 10.05 -5.56
CA VAL A 23 -3.55 9.56 -6.71
C VAL A 23 -4.36 10.72 -7.34
N ALA A 24 -4.50 10.68 -8.67
CA ALA A 24 -5.24 11.72 -9.38
C ALA A 24 -6.75 11.41 -9.39
N GLU A 25 -7.38 11.61 -8.24
CA GLU A 25 -8.81 11.36 -8.08
C GLU A 25 -9.16 9.92 -8.54
N ASN A 26 -10.47 9.62 -8.64
CA ASN A 26 -10.94 8.29 -9.08
C ASN A 26 -10.84 8.11 -10.62
N SER A 27 -10.29 9.12 -11.30
CA SER A 27 -10.19 9.09 -12.77
C SER A 27 -9.46 7.83 -13.31
N PRO A 28 -8.27 7.45 -12.76
CA PRO A 28 -7.52 6.27 -13.27
C PRO A 28 -7.83 4.97 -12.48
N PRO A 29 -8.36 3.90 -13.12
CA PRO A 29 -8.58 2.59 -12.47
C PRO A 29 -7.40 1.65 -12.72
N GLY A 30 -7.03 0.86 -11.72
CA GLY A 30 -5.93 -0.10 -11.84
C GLY A 30 -4.58 0.62 -11.95
N THR A 31 -4.48 1.81 -11.35
CA THR A 31 -3.26 2.62 -11.39
C THR A 31 -2.62 2.67 -10.01
N SER A 32 -1.32 2.37 -9.95
CA SER A 32 -0.58 2.36 -8.70
C SER A 32 -0.53 3.77 -8.10
N VAL A 33 -0.56 3.83 -6.75
CA VAL A 33 -0.52 5.13 -6.05
C VAL A 33 0.82 5.35 -5.36
N HIS A 34 1.45 4.26 -4.91
CA HIS A 34 2.75 4.33 -4.24
C HIS A 34 3.40 2.95 -4.18
N LYS A 35 4.72 2.91 -3.97
CA LYS A 35 5.46 1.64 -3.90
C LYS A 35 6.45 1.62 -2.74
N PHE A 36 6.78 0.41 -2.27
CA PHE A 36 7.73 0.22 -1.17
C PHE A 36 8.74 -0.85 -1.54
N SER A 37 9.89 -0.83 -0.87
CA SER A 37 10.95 -1.81 -1.12
C SER A 37 11.19 -2.68 0.12
N VAL A 38 11.77 -3.86 -0.10
CA VAL A 38 12.00 -4.84 0.97
C VAL A 38 13.46 -5.31 0.93
N LYS A 39 14.10 -5.43 2.11
CA LYS A 39 15.48 -5.87 2.17
C LYS A 39 15.58 -7.34 1.74
N LEU A 40 16.54 -7.64 0.85
CA LEU A 40 16.72 -9.00 0.31
C LEU A 40 16.99 -10.00 1.42
N SER A 41 16.20 -11.09 1.43
CA SER A 41 16.33 -12.15 2.42
C SER A 41 17.57 -13.00 2.16
N ALA A 42 18.19 -13.48 3.24
CA ALA A 42 19.38 -14.35 3.13
C ALA A 42 19.04 -15.66 2.42
N SER A 43 17.85 -16.19 2.71
CA SER A 43 17.36 -17.43 2.11
C SER A 43 17.18 -17.27 0.61
N LEU A 44 16.70 -16.09 0.21
CA LEU A 44 16.42 -15.78 -1.19
C LEU A 44 15.31 -16.70 -1.74
N SER A 45 14.35 -17.04 -0.87
CA SER A 45 13.22 -17.88 -1.24
C SER A 45 12.30 -17.16 -2.26
N PRO A 46 11.79 -17.84 -3.32
CA PRO A 46 10.89 -17.19 -4.32
C PRO A 46 9.66 -16.56 -3.64
N VAL A 47 9.25 -15.39 -4.14
CA VAL A 47 8.12 -14.66 -3.56
C VAL A 47 6.79 -15.22 -4.09
N ILE A 48 5.92 -15.65 -3.17
CA ILE A 48 4.62 -16.21 -3.54
C ILE A 48 3.64 -15.08 -4.00
N PRO A 49 2.73 -15.34 -4.97
CA PRO A 49 1.74 -14.31 -5.43
C PRO A 49 0.84 -13.82 -4.29
N GLY A 50 0.41 -12.56 -4.37
CA GLY A 50 -0.44 -11.97 -3.32
C GLY A 50 0.40 -11.49 -2.16
N PHE A 51 1.25 -10.49 -2.42
CA PHE A 51 2.16 -9.97 -1.41
C PHE A 51 1.36 -9.47 -0.15
N PRO A 52 1.62 -10.03 1.06
CA PRO A 52 0.92 -9.60 2.32
C PRO A 52 1.20 -8.10 2.63
N GLN A 53 0.19 -7.29 3.12
CA GLN A 53 -1.22 -7.69 3.38
C GLN A 53 -2.03 -6.45 3.76
N ILE A 54 -3.32 -6.44 3.45
CA ILE A 54 -4.20 -5.33 3.84
C ILE A 54 -5.00 -5.74 5.08
N VAL A 55 -4.79 -5.00 6.19
CA VAL A 55 -5.46 -5.32 7.47
C VAL A 55 -6.55 -4.29 7.81
N ASN A 56 -6.27 -2.99 7.56
CA ASN A 56 -7.26 -1.94 7.89
C ASN A 56 -7.16 -0.73 6.98
N SER A 57 -8.28 0.02 6.89
CA SER A 57 -8.35 1.23 6.07
C SER A 57 -9.20 2.29 6.78
N ASN A 58 -8.82 3.57 6.62
CA ASN A 58 -9.60 4.66 7.20
C ASN A 58 -10.74 5.05 6.22
N PRO A 59 -12.04 4.95 6.61
CA PRO A 59 -13.18 5.22 5.69
C PRO A 59 -13.32 6.72 5.31
N LEU A 60 -13.90 7.05 4.09
CA LEU A 60 -14.41 6.07 3.08
C LEU A 60 -13.33 5.77 2.04
N THR A 61 -12.99 4.48 1.91
CA THR A 61 -11.98 4.03 0.95
C THR A 61 -12.53 2.90 0.07
N GLU A 62 -12.40 3.06 -1.24
CA GLU A 62 -12.85 2.05 -2.20
C GLU A 62 -11.82 1.84 -3.30
N ALA A 63 -11.84 0.64 -3.90
CA ALA A 63 -10.90 0.30 -4.99
C ALA A 63 -9.45 0.35 -4.51
N PHE A 64 -8.98 -0.76 -3.95
CA PHE A 64 -7.60 -0.87 -3.48
C PHE A 64 -7.08 -2.30 -3.69
N ARG A 65 -5.77 -2.44 -3.85
CA ARG A 65 -5.15 -3.74 -4.11
C ARG A 65 -3.66 -3.68 -3.81
N VAL A 66 -3.07 -4.83 -3.51
CA VAL A 66 -1.63 -4.94 -3.27
C VAL A 66 -1.01 -5.78 -4.37
N ASN A 67 0.12 -5.31 -4.91
CA ASN A 67 0.77 -5.99 -6.04
C ASN A 67 2.29 -6.06 -5.90
N TRP A 68 2.84 -7.23 -6.26
CA TRP A 68 4.29 -7.46 -6.24
C TRP A 68 4.86 -7.11 -7.62
N LEU A 69 5.65 -6.02 -7.68
CA LEU A 69 6.20 -5.54 -8.96
C LEU A 69 7.33 -6.44 -9.45
N SER A 70 8.41 -6.54 -8.67
CA SER A 70 9.57 -7.37 -9.05
C SER A 70 10.56 -7.52 -7.91
N GLY A 71 11.21 -8.69 -7.86
CA GLY A 71 12.23 -8.98 -6.85
C GLY A 71 11.76 -8.72 -5.41
N THR A 72 11.94 -7.48 -4.94
CA THR A 72 11.58 -7.10 -3.57
C THR A 72 10.76 -5.79 -3.53
N TYR A 73 10.13 -5.44 -4.65
CA TYR A 73 9.36 -4.20 -4.76
C TYR A 73 7.87 -4.52 -4.91
N PHE A 74 7.03 -3.70 -4.27
CA PHE A 74 5.57 -3.87 -4.36
C PHE A 74 4.86 -2.52 -4.26
N GLU A 75 3.61 -2.47 -4.73
CA GLU A 75 2.84 -1.22 -4.74
C GLU A 75 1.35 -1.46 -4.54
N VAL A 76 0.63 -0.39 -4.21
CA VAL A 76 -0.81 -0.43 -4.01
C VAL A 76 -1.52 0.12 -5.25
N VAL A 77 -2.51 -0.62 -5.75
CA VAL A 77 -3.24 -0.24 -6.96
C VAL A 77 -4.69 0.10 -6.63
N THR A 78 -5.19 1.21 -7.20
CA THR A 78 -6.57 1.65 -6.97
C THR A 78 -7.52 1.04 -8.00
N THR A 79 -8.16 -0.05 -7.60
CA THR A 79 -9.13 -0.76 -8.45
C THR A 79 -10.00 -1.69 -7.59
N GLY A 80 -11.23 -1.93 -8.06
CA GLY A 80 -12.15 -2.81 -7.34
C GLY A 80 -13.57 -2.69 -7.88
N MET A 81 -14.51 -3.39 -7.23
CA MET A 81 -15.92 -3.37 -7.63
C MET A 81 -16.50 -1.96 -7.45
N GLU A 82 -16.11 -1.29 -6.36
CA GLU A 82 -16.62 0.06 -6.06
C GLU A 82 -15.55 1.12 -6.29
N GLN A 83 -15.97 2.24 -6.88
CA GLN A 83 -15.07 3.36 -7.19
C GLN A 83 -14.82 4.22 -5.96
N LEU A 84 -13.69 4.96 -5.96
CA LEU A 84 -13.34 5.84 -4.86
C LEU A 84 -14.20 7.09 -4.89
N ASP A 85 -14.91 7.34 -3.78
CA ASP A 85 -15.80 8.51 -3.67
C ASP A 85 -15.02 9.73 -3.21
N PHE A 86 -14.60 10.55 -4.17
CA PHE A 86 -13.84 11.79 -3.89
C PHE A 86 -14.76 12.98 -3.57
N GLU A 87 -16.01 12.92 -4.04
CA GLU A 87 -16.99 13.99 -3.79
C GLU A 87 -17.48 14.02 -2.34
N THR A 88 -17.22 12.93 -1.59
CA THR A 88 -17.66 12.83 -0.20
C THR A 88 -16.99 13.93 0.64
N GLY A 89 -15.69 14.14 0.41
CA GLY A 89 -14.95 15.17 1.14
C GLY A 89 -13.56 14.67 1.60
N PRO A 90 -13.48 13.52 2.31
CA PRO A 90 -12.16 13.02 2.82
C PRO A 90 -11.16 12.82 1.69
N ASN A 91 -9.93 13.27 1.94
CA ASN A 91 -8.86 13.17 0.95
C ASN A 91 -7.72 12.28 1.46
N ILE A 92 -7.66 12.08 2.80
CA ILE A 92 -6.61 11.26 3.40
C ILE A 92 -7.19 10.06 4.16
N PHE A 93 -6.56 8.89 3.97
CA PHE A 93 -6.94 7.69 4.72
C PHE A 93 -5.73 6.81 5.00
N ASP A 94 -5.67 6.30 6.23
CA ASP A 94 -4.57 5.46 6.68
C ASP A 94 -4.89 4.00 6.45
N LEU A 95 -3.92 3.27 5.92
CA LEU A 95 -4.10 1.83 5.67
C LEU A 95 -3.10 1.03 6.49
N GLN A 96 -3.61 0.12 7.33
CA GLN A 96 -2.75 -0.76 8.12
C GLN A 96 -2.37 -1.97 7.30
N ILE A 97 -1.10 -2.00 6.88
CA ILE A 97 -0.60 -3.09 6.03
C ILE A 97 0.40 -3.96 6.79
N TYR A 98 0.13 -5.26 6.79
CA TYR A 98 0.99 -6.25 7.47
C TYR A 98 1.89 -6.90 6.42
N VAL A 99 3.21 -6.98 6.70
CA VAL A 99 4.16 -7.54 5.72
C VAL A 99 4.87 -8.75 6.31
N LYS A 100 4.80 -9.88 5.58
CA LYS A 100 5.46 -11.11 6.01
C LYS A 100 6.51 -11.54 4.98
N ASP A 101 7.74 -11.69 5.44
CA ASP A 101 8.85 -12.13 4.61
C ASP A 101 8.80 -13.64 4.45
N GLU A 102 9.49 -14.15 3.42
CA GLU A 102 9.55 -15.59 3.19
C GLU A 102 10.18 -16.30 4.39
N VAL A 103 11.20 -15.65 4.99
CA VAL A 103 11.90 -16.20 6.16
C VAL A 103 10.94 -16.27 7.37
N GLY A 104 9.96 -15.35 7.42
CA GLY A 104 8.99 -15.33 8.53
C GLY A 104 9.07 -14.02 9.35
N VAL A 105 9.62 -12.96 8.75
CA VAL A 105 9.72 -11.65 9.41
C VAL A 105 8.41 -10.88 9.20
N THR A 106 7.83 -10.37 10.29
CA THR A 106 6.55 -9.66 10.22
C THR A 106 6.74 -8.18 10.55
N ASP A 107 5.87 -7.33 9.97
CA ASP A 107 5.95 -5.89 10.19
C ASP A 107 4.64 -5.21 9.83
N LEU A 108 4.11 -4.40 10.76
CA LEU A 108 2.87 -3.64 10.53
C LEU A 108 3.19 -2.18 10.30
N GLN A 109 2.65 -1.61 9.22
CA GLN A 109 2.90 -0.22 8.86
C GLN A 109 1.60 0.51 8.50
N VAL A 110 1.64 1.85 8.60
CA VAL A 110 0.49 2.69 8.29
C VAL A 110 0.75 3.48 7.01
N LEU A 111 -0.13 3.32 6.03
CA LEU A 111 0.01 3.99 4.73
C LEU A 111 -1.09 5.01 4.52
N THR A 112 -0.70 6.28 4.41
CA THR A 112 -1.65 7.34 4.14
C THR A 112 -1.81 7.54 2.64
N VAL A 113 -3.06 7.68 2.21
CA VAL A 113 -3.36 7.89 0.79
C VAL A 113 -4.05 9.23 0.58
N GLN A 114 -3.44 10.08 -0.27
CA GLN A 114 -3.99 11.39 -0.58
C GLN A 114 -4.77 11.38 -1.89
N VAL A 115 -5.87 12.12 -1.91
CA VAL A 115 -6.74 12.20 -3.09
C VAL A 115 -6.65 13.60 -3.71
N THR A 116 -6.41 13.64 -5.02
CA THR A 116 -6.31 14.90 -5.76
C THR A 116 -7.56 15.09 -6.62
N ASP A 117 -8.17 16.28 -6.53
CA ASP A 117 -9.40 16.58 -7.26
C ASP A 117 -9.11 16.86 -8.72
N VAL A 118 -9.58 15.96 -9.59
CA VAL A 118 -9.40 16.08 -11.03
C VAL A 118 -10.77 16.21 -11.71
N ASN A 119 -10.91 17.25 -12.57
CA ASN A 119 -12.18 17.53 -13.25
C ASN A 119 -12.57 16.36 -14.15
N GLU A 120 -13.86 15.96 -14.07
CA GLU A 120 -14.37 14.85 -14.88
C GLU A 120 -14.85 15.33 -16.28
N PRO A 121 -14.92 14.44 -17.29
CA PRO A 121 -15.43 14.80 -18.65
C PRO A 121 -16.98 14.94 -18.66
N PRO A 122 -17.58 15.65 -19.64
CA PRO A 122 -19.07 15.83 -19.71
C PRO A 122 -19.78 14.53 -20.06
N GLY A 123 -20.99 14.36 -19.52
CA GLY A 123 -21.80 13.16 -19.77
C GLY A 123 -22.39 13.17 -21.18
N GLY A 124 -22.67 11.96 -21.70
CA GLY A 124 -23.25 11.83 -23.05
C GLY A 124 -22.17 11.79 -24.12
N THR A 125 -22.57 11.40 -25.33
CA THR A 125 -21.66 11.33 -26.47
C THR A 125 -22.40 11.54 -27.79
N LYS A 126 -21.68 12.05 -28.80
CA LYS A 126 -22.26 12.29 -30.13
C LYS A 126 -23.39 13.31 -30.04
CA CA B . -13.00 15.75 -6.94
CA CA C . -15.42 16.15 -8.91
CA CA D . -11.45 18.97 -10.32
N MET A 1 6.19 -11.59 25.36
CA MET A 1 4.96 -11.37 26.18
C MET A 1 5.13 -10.06 26.97
N ALA A 2 6.19 -10.00 27.78
CA ALA A 2 6.47 -8.81 28.59
C ALA A 2 6.82 -7.63 27.70
N SER A 3 6.47 -6.42 28.16
CA SER A 3 6.75 -5.20 27.41
C SER A 3 8.27 -5.00 27.20
N ASP A 4 9.08 -5.60 28.11
CA ASP A 4 10.53 -5.49 28.02
C ASP A 4 11.05 -6.13 26.72
N TYR A 5 10.40 -7.22 26.30
CA TYR A 5 10.79 -7.93 25.08
C TYR A 5 10.71 -7.01 23.86
N LYS A 6 11.78 -7.01 23.06
CA LYS A 6 11.83 -6.20 21.85
C LYS A 6 12.45 -6.99 20.69
N ASP A 7 11.60 -7.33 19.71
CA ASP A 7 12.05 -8.11 18.54
C ASP A 7 12.52 -7.18 17.41
N ASP A 8 13.66 -6.50 17.64
CA ASP A 8 14.22 -5.56 16.66
C ASP A 8 15.42 -6.17 15.93
N ASP A 9 16.19 -7.00 16.65
CA ASP A 9 17.41 -7.61 16.08
C ASP A 9 17.10 -8.85 15.26
N ASP A 10 16.04 -9.58 15.64
CA ASP A 10 15.66 -10.81 14.94
C ASP A 10 14.64 -10.57 13.81
N LYS A 11 14.22 -9.30 13.62
CA LYS A 11 13.25 -8.96 12.57
C LYS A 11 13.92 -8.16 11.45
N LEU A 12 13.81 -8.67 10.22
CA LEU A 12 14.36 -7.98 9.05
C LEU A 12 13.47 -6.78 8.70
N HIS A 13 14.09 -5.72 8.17
CA HIS A 13 13.35 -4.49 7.85
C HIS A 13 13.29 -4.24 6.36
N LEU A 14 12.25 -3.51 5.96
CA LEU A 14 12.03 -3.16 4.54
C LEU A 14 12.57 -1.76 4.23
N ILE A 15 13.22 -1.63 3.07
CA ILE A 15 13.79 -0.36 2.64
C ILE A 15 12.69 0.60 2.17
N LEU A 16 12.88 1.90 2.48
CA LEU A 16 11.90 2.98 2.18
C LEU A 16 10.92 3.12 3.33
N LEU A 17 11.25 4.02 4.27
CA LEU A 17 10.43 4.21 5.46
C LEU A 17 8.97 4.57 5.10
N PRO A 18 7.95 3.86 5.66
CA PRO A 18 6.51 4.14 5.35
C PRO A 18 5.99 5.43 6.06
N ALA A 19 4.93 6.12 5.48
CA ALA A 19 4.28 5.76 4.20
C ALA A 19 3.33 6.88 3.73
N THR A 20 3.59 7.44 2.54
CA THR A 20 2.78 8.53 1.99
C THR A 20 2.28 8.17 0.58
N GLY A 21 0.98 8.41 0.34
CA GLY A 21 0.36 8.12 -0.96
C GLY A 21 -0.42 9.32 -1.49
N ASN A 22 -0.42 9.47 -2.81
CA ASN A 22 -1.14 10.56 -3.48
C ASN A 22 -1.65 10.09 -4.85
N VAL A 23 -2.98 10.07 -5.00
CA VAL A 23 -3.60 9.62 -6.25
C VAL A 23 -4.93 10.37 -6.48
N ALA A 24 -5.33 10.47 -7.75
CA ALA A 24 -6.58 11.12 -8.11
C ALA A 24 -7.77 10.34 -7.58
N GLU A 25 -8.97 10.87 -7.79
CA GLU A 25 -10.22 10.26 -7.31
C GLU A 25 -10.41 8.82 -7.93
N ASN A 26 -11.66 8.47 -8.33
CA ASN A 26 -11.95 7.15 -8.92
C ASN A 26 -11.50 7.06 -10.40
N SER A 27 -11.03 8.20 -10.95
CA SER A 27 -10.68 8.30 -12.37
C SER A 27 -9.63 7.25 -12.83
N PRO A 28 -8.47 7.12 -12.16
CA PRO A 28 -7.41 6.13 -12.61
C PRO A 28 -7.73 4.69 -12.14
N PRO A 29 -7.89 3.72 -13.08
CA PRO A 29 -8.12 2.30 -12.72
C PRO A 29 -6.84 1.48 -12.86
N GLY A 30 -6.52 0.71 -11.83
CA GLY A 30 -5.32 -0.16 -11.86
C GLY A 30 -4.03 0.68 -11.84
N THR A 31 -4.08 1.86 -11.21
CA THR A 31 -2.93 2.74 -11.14
C THR A 31 -2.29 2.68 -9.75
N SER A 32 -0.97 2.43 -9.72
CA SER A 32 -0.22 2.33 -8.48
C SER A 32 -0.20 3.68 -7.76
N VAL A 33 -0.17 3.64 -6.42
CA VAL A 33 -0.17 4.87 -5.62
C VAL A 33 1.16 5.04 -4.85
N HIS A 34 1.76 3.92 -4.44
CA HIS A 34 3.01 3.95 -3.69
C HIS A 34 3.68 2.58 -3.71
N LYS A 35 5.03 2.57 -3.66
CA LYS A 35 5.79 1.31 -3.70
C LYS A 35 6.78 1.21 -2.53
N PHE A 36 7.06 -0.04 -2.12
CA PHE A 36 7.99 -0.30 -1.01
C PHE A 36 8.99 -1.39 -1.39
N SER A 37 10.16 -1.37 -0.75
CA SER A 37 11.20 -2.35 -1.00
C SER A 37 11.49 -3.13 0.28
N VAL A 38 11.85 -4.41 0.12
CA VAL A 38 12.12 -5.29 1.28
C VAL A 38 13.58 -5.76 1.26
N LYS A 39 14.20 -5.83 2.46
CA LYS A 39 15.59 -6.27 2.57
C LYS A 39 15.68 -7.74 2.18
N LEU A 40 16.71 -8.07 1.38
CA LEU A 40 16.87 -9.42 0.86
C LEU A 40 16.82 -10.45 1.97
N SER A 41 16.04 -11.51 1.73
CA SER A 41 15.88 -12.60 2.69
C SER A 41 17.14 -13.44 2.76
N ALA A 42 17.49 -13.86 3.98
CA ALA A 42 18.68 -14.69 4.20
C ALA A 42 18.56 -16.03 3.46
N SER A 43 17.35 -16.61 3.49
CA SER A 43 17.08 -17.87 2.80
C SER A 43 16.63 -17.65 1.35
N LEU A 44 16.26 -16.40 1.02
CA LEU A 44 15.84 -16.04 -0.33
C LEU A 44 14.65 -16.91 -0.78
N SER A 45 13.73 -17.18 0.15
CA SER A 45 12.55 -17.99 -0.13
C SER A 45 11.54 -17.24 -1.04
N PRO A 46 10.81 -17.94 -1.93
CA PRO A 46 9.80 -17.28 -2.83
C PRO A 46 8.52 -16.86 -2.09
N VAL A 47 7.82 -15.88 -2.65
CA VAL A 47 6.57 -15.39 -2.05
C VAL A 47 5.36 -15.89 -2.88
N ILE A 48 4.38 -16.47 -2.19
CA ILE A 48 3.19 -17.01 -2.85
C ILE A 48 2.27 -15.87 -3.42
N PRO A 49 1.37 -16.18 -4.37
CA PRO A 49 0.45 -15.14 -4.98
C PRO A 49 -0.39 -14.45 -3.91
N GLY A 50 -0.67 -13.16 -4.12
CA GLY A 50 -1.42 -12.37 -3.16
C GLY A 50 -0.49 -11.86 -2.06
N PHE A 51 0.46 -11.00 -2.47
CA PHE A 51 1.46 -10.49 -1.55
C PHE A 51 0.78 -9.78 -0.33
N PRO A 52 1.05 -10.23 0.92
CA PRO A 52 0.44 -9.57 2.15
C PRO A 52 0.86 -8.10 2.28
N GLN A 53 -0.04 -7.14 2.72
CA GLN A 53 -1.46 -7.38 3.10
C GLN A 53 -2.14 -6.04 3.39
N ILE A 54 -3.43 -5.95 3.09
CA ILE A 54 -4.23 -4.76 3.42
C ILE A 54 -5.03 -5.05 4.68
N VAL A 55 -4.58 -4.50 5.82
CA VAL A 55 -5.22 -4.78 7.12
C VAL A 55 -6.38 -3.82 7.40
N ASN A 56 -6.19 -2.52 7.07
CA ASN A 56 -7.26 -1.54 7.35
C ASN A 56 -7.15 -0.27 6.51
N SER A 57 -8.23 0.53 6.53
CA SER A 57 -8.29 1.81 5.83
C SER A 57 -9.26 2.74 6.53
N ASN A 58 -8.96 4.06 6.49
CA ASN A 58 -9.85 5.05 7.10
C ASN A 58 -10.96 5.47 6.10
N PRO A 59 -12.26 5.14 6.35
CA PRO A 59 -13.37 5.52 5.41
C PRO A 59 -13.47 7.06 5.20
N LEU A 60 -13.83 7.55 3.95
CA LEU A 60 -14.14 6.71 2.76
C LEU A 60 -12.86 6.43 1.97
N THR A 61 -12.78 5.22 1.38
CA THR A 61 -11.59 4.82 0.62
C THR A 61 -11.95 3.89 -0.55
N GLU A 62 -11.17 3.98 -1.63
CA GLU A 62 -11.34 3.10 -2.79
C GLU A 62 -10.74 1.73 -2.50
N ALA A 63 -10.90 0.81 -3.46
CA ALA A 63 -10.37 -0.53 -3.32
C ALA A 63 -8.88 -0.55 -3.68
N PHE A 64 -8.07 -1.11 -2.78
CA PHE A 64 -6.62 -1.20 -2.95
C PHE A 64 -6.13 -2.63 -2.80
N ARG A 65 -5.01 -2.94 -3.45
CA ARG A 65 -4.41 -4.27 -3.37
C ARG A 65 -2.90 -4.19 -3.55
N VAL A 66 -2.17 -5.22 -3.09
CA VAL A 66 -0.70 -5.22 -3.17
C VAL A 66 -0.24 -6.09 -4.35
N ASN A 67 0.55 -5.48 -5.24
CA ASN A 67 1.05 -6.17 -6.43
C ASN A 67 2.57 -6.26 -6.39
N TRP A 68 3.09 -7.48 -6.20
CA TRP A 68 4.52 -7.72 -6.18
C TRP A 68 5.09 -7.45 -7.58
N LEU A 69 6.04 -6.50 -7.67
CA LEU A 69 6.63 -6.15 -8.95
C LEU A 69 7.70 -7.16 -9.37
N SER A 70 8.76 -7.28 -8.55
CA SER A 70 9.83 -8.23 -8.82
C SER A 70 10.74 -8.38 -7.59
N GLY A 71 11.44 -9.52 -7.52
CA GLY A 71 12.40 -9.79 -6.44
C GLY A 71 11.85 -9.47 -5.03
N THR A 72 12.05 -8.22 -4.59
CA THR A 72 11.60 -7.79 -3.25
C THR A 72 10.89 -6.41 -3.28
N TYR A 73 10.34 -6.06 -4.45
CA TYR A 73 9.65 -4.77 -4.63
C TYR A 73 8.16 -5.00 -4.87
N PHE A 74 7.32 -4.12 -4.29
CA PHE A 74 5.86 -4.22 -4.48
C PHE A 74 5.19 -2.85 -4.35
N GLU A 75 3.97 -2.73 -4.87
CA GLU A 75 3.23 -1.46 -4.82
C GLU A 75 1.73 -1.67 -4.65
N VAL A 76 1.06 -0.64 -4.14
CA VAL A 76 -0.39 -0.68 -3.91
C VAL A 76 -1.11 -0.11 -5.14
N VAL A 77 -2.12 -0.85 -5.63
CA VAL A 77 -2.86 -0.44 -6.82
C VAL A 77 -4.33 -0.16 -6.47
N THR A 78 -4.84 0.96 -6.99
CA THR A 78 -6.21 1.39 -6.73
C THR A 78 -7.18 0.75 -7.74
N THR A 79 -8.45 0.60 -7.31
CA THR A 79 -9.51 0.01 -8.15
C THR A 79 -9.36 -1.51 -8.23
N GLY A 80 -9.95 -2.19 -7.24
CA GLY A 80 -9.91 -3.65 -7.18
C GLY A 80 -11.31 -4.22 -7.35
N MET A 81 -12.19 -3.95 -6.37
CA MET A 81 -13.57 -4.44 -6.42
C MET A 81 -14.54 -3.37 -6.92
N GLU A 82 -14.39 -2.14 -6.41
CA GLU A 82 -15.26 -1.03 -6.81
C GLU A 82 -14.65 0.34 -6.51
N GLN A 83 -15.17 1.37 -7.19
CA GLN A 83 -14.73 2.75 -6.98
C GLN A 83 -15.58 3.40 -5.88
N LEU A 84 -15.01 4.42 -5.20
CA LEU A 84 -15.74 5.08 -4.09
C LEU A 84 -15.71 6.60 -4.23
N ASP A 85 -16.86 7.23 -3.92
CA ASP A 85 -17.00 8.69 -4.01
C ASP A 85 -16.37 9.36 -2.79
N PHE A 86 -15.30 10.13 -3.02
CA PHE A 86 -14.55 10.78 -1.92
C PHE A 86 -15.15 12.13 -1.49
N GLU A 87 -16.09 12.67 -2.29
CA GLU A 87 -16.72 13.95 -1.94
C GLU A 87 -17.46 13.86 -0.62
N THR A 88 -18.13 12.72 -0.39
CA THR A 88 -18.89 12.50 0.85
C THR A 88 -17.97 12.36 2.07
N GLY A 89 -16.74 11.87 1.85
CA GLY A 89 -15.78 11.66 2.95
C GLY A 89 -14.51 12.54 2.79
N PRO A 90 -13.48 12.35 3.66
CA PRO A 90 -12.21 13.15 3.58
C PRO A 90 -11.30 12.69 2.44
N ASN A 91 -10.38 13.57 2.02
CA ASN A 91 -9.42 13.27 0.95
C ASN A 91 -8.24 12.42 1.46
N ILE A 92 -8.13 12.27 2.80
CA ILE A 92 -7.02 11.50 3.39
C ILE A 92 -7.54 10.27 4.16
N PHE A 93 -6.82 9.14 3.99
CA PHE A 93 -7.12 7.92 4.75
C PHE A 93 -5.88 7.11 5.05
N ASP A 94 -5.82 6.59 6.26
CA ASP A 94 -4.68 5.81 6.72
C ASP A 94 -4.89 4.34 6.42
N LEU A 95 -3.90 3.73 5.76
CA LEU A 95 -3.98 2.31 5.39
C LEU A 95 -3.02 1.49 6.21
N GLN A 96 -3.57 0.57 7.01
CA GLN A 96 -2.76 -0.34 7.80
C GLN A 96 -2.32 -1.50 6.91
N ILE A 97 -1.07 -1.45 6.48
CA ILE A 97 -0.51 -2.47 5.57
C ILE A 97 0.48 -3.37 6.33
N TYR A 98 0.21 -4.67 6.28
CA TYR A 98 1.03 -5.68 6.96
C TYR A 98 1.76 -6.53 5.93
N VAL A 99 3.09 -6.72 6.11
CA VAL A 99 3.88 -7.48 5.13
C VAL A 99 4.53 -8.69 5.80
N LYS A 100 4.28 -9.89 5.24
CA LYS A 100 4.86 -11.12 5.77
C LYS A 100 5.53 -11.94 4.67
N ASP A 101 6.81 -12.28 4.89
CA ASP A 101 7.57 -13.09 3.96
C ASP A 101 7.40 -14.56 4.29
N GLU A 102 7.82 -15.44 3.37
CA GLU A 102 7.73 -16.88 3.59
C GLU A 102 8.57 -17.28 4.81
N VAL A 103 9.73 -16.62 4.97
CA VAL A 103 10.64 -16.90 6.08
C VAL A 103 9.96 -16.58 7.44
N GLY A 104 9.04 -15.59 7.43
CA GLY A 104 8.34 -15.21 8.66
C GLY A 104 8.68 -13.79 9.13
N VAL A 105 9.24 -12.97 8.23
CA VAL A 105 9.57 -11.58 8.55
C VAL A 105 8.28 -10.77 8.44
N THR A 106 7.92 -10.06 9.51
CA THR A 106 6.66 -9.31 9.54
C THR A 106 6.87 -7.84 9.82
N ASP A 107 5.97 -7.00 9.28
CA ASP A 107 6.04 -5.56 9.47
C ASP A 107 4.71 -4.88 9.16
N LEU A 108 4.24 -4.05 10.11
CA LEU A 108 2.99 -3.30 9.94
C LEU A 108 3.27 -1.81 9.84
N GLN A 109 2.69 -1.18 8.82
CA GLN A 109 2.90 0.25 8.58
C GLN A 109 1.59 0.93 8.21
N VAL A 110 1.60 2.26 8.30
CA VAL A 110 0.41 3.06 8.01
C VAL A 110 0.68 3.99 6.82
N LEU A 111 -0.16 3.87 5.78
CA LEU A 111 0.01 4.68 4.57
C LEU A 111 -1.17 5.63 4.39
N THR A 112 -0.89 6.93 4.50
CA THR A 112 -1.93 7.95 4.32
C THR A 112 -2.06 8.26 2.83
N VAL A 113 -3.30 8.18 2.31
CA VAL A 113 -3.54 8.39 0.87
C VAL A 113 -4.35 9.67 0.64
N GLN A 114 -3.78 10.57 -0.16
CA GLN A 114 -4.48 11.81 -0.53
C GLN A 114 -5.26 11.63 -1.82
N VAL A 115 -6.44 12.26 -1.86
CA VAL A 115 -7.34 12.12 -3.00
C VAL A 115 -7.71 13.50 -3.58
N THR A 116 -7.57 13.63 -4.90
CA THR A 116 -7.94 14.85 -5.61
C THR A 116 -9.44 14.82 -5.91
N ASP A 117 -10.14 15.91 -5.59
CA ASP A 117 -11.59 15.99 -5.80
C ASP A 117 -11.91 16.28 -7.26
N VAL A 118 -12.50 15.29 -7.94
CA VAL A 118 -12.88 15.42 -9.35
C VAL A 118 -14.40 15.17 -9.49
N ASN A 119 -15.10 16.14 -10.09
CA ASN A 119 -16.55 16.04 -10.29
C ASN A 119 -16.88 15.30 -11.58
N GLU A 120 -18.09 14.72 -11.63
CA GLU A 120 -18.55 13.98 -12.80
C GLU A 120 -19.93 14.51 -13.26
N PRO A 121 -20.27 14.39 -14.57
CA PRO A 121 -21.57 14.92 -15.11
C PRO A 121 -22.79 14.08 -14.66
N PRO A 122 -24.00 14.69 -14.55
CA PRO A 122 -25.26 13.94 -14.16
C PRO A 122 -25.57 12.81 -15.13
N GLY A 123 -26.31 11.81 -14.65
CA GLY A 123 -26.68 10.65 -15.47
C GLY A 123 -27.68 11.07 -16.56
N GLY A 124 -28.21 10.07 -17.27
CA GLY A 124 -29.14 10.32 -18.38
C GLY A 124 -30.38 11.08 -17.90
N THR A 125 -30.89 10.70 -16.72
CA THR A 125 -32.07 11.37 -16.15
C THR A 125 -33.22 11.36 -17.14
N LYS A 126 -34.11 10.38 -17.03
CA LYS A 126 -35.27 10.25 -17.92
C LYS A 126 -34.82 10.22 -19.38
CA CA B . -14.10 14.52 -4.85
CA CA C . -16.62 12.95 -8.13
CA CA D . -15.10 18.03 -8.58
N MET A 1 8.04 0.47 22.79
CA MET A 1 8.84 -0.47 23.64
C MET A 1 10.28 -0.55 23.09
N ALA A 2 10.95 0.60 23.05
CA ALA A 2 12.32 0.69 22.55
C ALA A 2 13.27 -0.16 23.38
N SER A 3 13.06 -0.16 24.71
CA SER A 3 13.91 -0.93 25.62
C SER A 3 13.86 -2.42 25.32
N ASP A 4 12.67 -2.91 25.00
CA ASP A 4 12.49 -4.33 24.66
C ASP A 4 13.35 -4.69 23.45
N TYR A 5 13.48 -3.74 22.52
CA TYR A 5 14.26 -3.92 21.30
C TYR A 5 15.77 -3.75 21.60
N LYS A 6 16.53 -4.82 21.39
CA LYS A 6 18.00 -4.78 21.59
C LYS A 6 18.75 -5.68 20.59
N ASP A 7 18.02 -6.37 19.69
CA ASP A 7 18.65 -7.25 18.71
C ASP A 7 18.32 -6.80 17.29
N ASP A 8 19.26 -6.09 16.66
CA ASP A 8 19.07 -5.60 15.29
C ASP A 8 19.45 -6.66 14.24
N ASP A 9 20.43 -7.51 14.59
CA ASP A 9 20.91 -8.54 13.66
C ASP A 9 19.81 -9.55 13.32
N ASP A 10 18.98 -9.89 14.31
CA ASP A 10 17.89 -10.85 14.11
C ASP A 10 16.61 -10.20 13.59
N LYS A 11 16.59 -8.85 13.53
CA LYS A 11 15.41 -8.11 13.06
C LYS A 11 15.62 -7.63 11.62
N LEU A 12 14.70 -8.02 10.73
CA LEU A 12 14.74 -7.62 9.33
C LEU A 12 13.87 -6.37 9.12
N HIS A 13 14.30 -5.48 8.19
CA HIS A 13 13.56 -4.23 7.96
C HIS A 13 13.20 -4.01 6.50
N LEU A 14 12.06 -3.34 6.29
CA LEU A 14 11.54 -3.05 4.95
C LEU A 14 12.14 -1.73 4.42
N ILE A 15 12.73 -1.80 3.23
CA ILE A 15 13.35 -0.63 2.57
C ILE A 15 12.26 0.36 2.10
N LEU A 16 12.56 1.66 2.23
CA LEU A 16 11.60 2.74 1.86
C LEU A 16 10.56 2.90 2.95
N LEU A 17 10.84 3.81 3.89
CA LEU A 17 9.96 4.03 5.05
C LEU A 17 8.53 4.42 4.58
N PRO A 18 7.47 3.70 5.04
CA PRO A 18 6.06 4.02 4.65
C PRO A 18 5.50 5.27 5.39
N ALA A 19 4.51 6.02 4.78
CA ALA A 19 3.95 5.76 3.42
C ALA A 19 3.05 6.90 2.96
N THR A 20 3.31 7.40 1.76
CA THR A 20 2.51 8.50 1.19
C THR A 20 1.93 8.08 -0.17
N GLY A 21 0.63 8.31 -0.34
CA GLY A 21 -0.06 7.96 -1.58
C GLY A 21 -0.88 9.14 -2.11
N ASN A 22 -1.03 9.20 -3.43
CA ASN A 22 -1.81 10.27 -4.07
C ASN A 22 -2.43 9.80 -5.37
N VAL A 23 -3.47 10.51 -5.82
CA VAL A 23 -4.18 10.17 -7.05
C VAL A 23 -5.00 11.37 -7.56
N ALA A 24 -5.23 11.42 -8.88
CA ALA A 24 -6.03 12.48 -9.48
C ALA A 24 -7.52 12.19 -9.26
N GLU A 25 -7.96 12.39 -8.01
CA GLU A 25 -9.35 12.10 -7.62
C GLU A 25 -9.59 10.57 -7.76
N ASN A 26 -10.86 10.16 -7.76
CA ASN A 26 -11.22 8.73 -7.90
C ASN A 26 -11.35 8.32 -9.39
N SER A 27 -11.13 9.28 -10.30
CA SER A 27 -11.31 9.07 -11.74
C SER A 27 -10.42 7.94 -12.31
N PRO A 28 -9.08 7.92 -12.06
CA PRO A 28 -8.17 6.91 -12.68
C PRO A 28 -8.14 5.54 -11.93
N PRO A 29 -8.51 4.42 -12.60
CA PRO A 29 -8.38 3.05 -12.02
C PRO A 29 -7.10 2.38 -12.55
N GLY A 30 -6.55 1.46 -11.76
CA GLY A 30 -5.34 0.73 -12.18
C GLY A 30 -4.11 1.64 -12.20
N THR A 31 -4.11 2.69 -11.38
CA THR A 31 -2.99 3.63 -11.32
C THR A 31 -2.27 3.51 -9.98
N SER A 32 -0.94 3.33 -10.03
CA SER A 32 -0.13 3.18 -8.82
C SER A 32 -0.04 4.50 -8.07
N VAL A 33 0.15 4.41 -6.75
CA VAL A 33 0.29 5.60 -5.90
C VAL A 33 1.70 5.70 -5.31
N HIS A 34 2.30 4.54 -5.02
CA HIS A 34 3.66 4.48 -4.47
C HIS A 34 4.17 3.05 -4.44
N LYS A 35 5.49 2.88 -4.33
CA LYS A 35 6.11 1.55 -4.29
C LYS A 35 7.07 1.42 -3.10
N PHE A 36 7.17 0.20 -2.57
CA PHE A 36 8.04 -0.08 -1.43
C PHE A 36 8.88 -1.33 -1.68
N SER A 37 10.03 -1.42 -1.00
CA SER A 37 10.93 -2.57 -1.13
C SER A 37 11.20 -3.18 0.23
N VAL A 38 11.46 -4.49 0.26
CA VAL A 38 11.71 -5.19 1.54
C VAL A 38 13.05 -5.95 1.49
N LYS A 39 13.72 -6.07 2.66
CA LYS A 39 15.00 -6.78 2.73
C LYS A 39 14.80 -8.26 2.50
N LEU A 40 15.77 -8.88 1.82
CA LEU A 40 15.70 -10.30 1.51
C LEU A 40 15.89 -11.14 2.76
N SER A 41 15.05 -12.15 2.91
CA SER A 41 15.10 -13.05 4.05
C SER A 41 16.42 -13.82 4.06
N ALA A 42 16.90 -14.16 5.27
CA ALA A 42 18.17 -14.88 5.42
C ALA A 42 18.12 -16.25 4.74
N SER A 43 16.98 -16.92 4.86
CA SER A 43 16.79 -18.24 4.25
C SER A 43 16.66 -18.13 2.73
N LEU A 44 16.26 -16.94 2.26
CA LEU A 44 16.11 -16.68 0.83
C LEU A 44 15.21 -17.75 0.17
N SER A 45 14.29 -18.33 0.96
CA SER A 45 13.37 -19.36 0.46
C SER A 45 12.28 -18.74 -0.44
N PRO A 46 11.70 -19.51 -1.39
CA PRO A 46 10.61 -18.98 -2.28
C PRO A 46 9.43 -18.47 -1.47
N VAL A 47 8.78 -17.41 -1.97
CA VAL A 47 7.64 -16.80 -1.25
C VAL A 47 6.31 -17.15 -1.92
N ILE A 48 5.28 -17.29 -1.08
CA ILE A 48 3.94 -17.63 -1.54
C ILE A 48 3.32 -16.42 -2.31
N PRO A 49 2.85 -16.58 -3.58
CA PRO A 49 2.25 -15.45 -4.38
C PRO A 49 1.15 -14.72 -3.60
N GLY A 50 1.14 -13.39 -3.71
CA GLY A 50 0.18 -12.57 -2.96
C GLY A 50 0.89 -11.88 -1.80
N PHE A 51 1.82 -10.98 -2.13
CA PHE A 51 2.64 -10.30 -1.13
C PHE A 51 1.77 -9.70 0.01
N PRO A 52 1.89 -10.18 1.28
CA PRO A 52 1.10 -9.63 2.45
C PRO A 52 1.43 -8.14 2.70
N GLN A 53 0.45 -7.28 3.13
CA GLN A 53 -0.98 -7.62 3.39
C GLN A 53 -1.73 -6.36 3.84
N ILE A 54 -3.05 -6.34 3.61
CA ILE A 54 -3.90 -5.23 4.06
C ILE A 54 -4.62 -5.66 5.35
N VAL A 55 -4.30 -4.97 6.46
CA VAL A 55 -4.88 -5.32 7.77
C VAL A 55 -5.99 -4.34 8.16
N ASN A 56 -5.77 -3.04 7.92
CA ASN A 56 -6.78 -2.02 8.29
C ASN A 56 -6.83 -0.85 7.32
N SER A 57 -7.95 -0.12 7.35
CA SER A 57 -8.15 1.06 6.50
C SER A 57 -9.04 2.08 7.20
N ASN A 58 -8.81 3.38 6.90
CA ASN A 58 -9.64 4.44 7.49
C ASN A 58 -10.85 4.76 6.55
N PRO A 59 -12.11 4.45 6.97
CA PRO A 59 -13.32 4.67 6.09
C PRO A 59 -13.70 6.18 5.95
N LEU A 60 -14.24 6.61 4.75
CA LEU A 60 -14.46 5.76 3.56
C LEU A 60 -13.14 5.54 2.82
N THR A 61 -12.97 4.37 2.21
CA THR A 61 -11.71 4.04 1.52
C THR A 61 -11.91 3.83 0.03
N GLU A 62 -10.93 4.28 -0.74
CA GLU A 62 -10.91 4.11 -2.19
C GLU A 62 -10.42 2.71 -2.52
N ALA A 63 -10.85 2.19 -3.67
CA ALA A 63 -10.41 0.87 -4.10
C ALA A 63 -8.88 0.87 -4.26
N PHE A 64 -8.22 -0.09 -3.61
CA PHE A 64 -6.77 -0.22 -3.71
C PHE A 64 -6.37 -1.68 -3.54
N ARG A 65 -5.16 -2.00 -3.99
CA ARG A 65 -4.64 -3.36 -3.88
C ARG A 65 -3.12 -3.34 -3.96
N VAL A 66 -2.49 -4.44 -3.55
CA VAL A 66 -1.03 -4.55 -3.56
C VAL A 66 -0.58 -5.44 -4.71
N ASN A 67 0.26 -4.87 -5.59
CA ASN A 67 0.75 -5.58 -6.76
C ASN A 67 2.23 -5.93 -6.59
N TRP A 68 2.50 -7.22 -6.44
CA TRP A 68 3.88 -7.71 -6.28
C TRP A 68 4.60 -7.59 -7.62
N LEU A 69 5.55 -6.63 -7.71
CA LEU A 69 6.28 -6.38 -8.96
C LEU A 69 7.27 -7.49 -9.25
N SER A 70 8.25 -7.67 -8.35
CA SER A 70 9.27 -8.71 -8.51
C SER A 70 10.14 -8.81 -7.26
N GLY A 71 10.57 -10.04 -6.96
CA GLY A 71 11.47 -10.31 -5.83
C GLY A 71 10.97 -9.71 -4.51
N THR A 72 11.35 -8.45 -4.25
CA THR A 72 10.99 -7.77 -2.99
C THR A 72 10.39 -6.37 -3.23
N TYR A 73 9.96 -6.09 -4.46
CA TYR A 73 9.40 -4.79 -4.81
C TYR A 73 7.90 -4.90 -5.10
N PHE A 74 7.13 -3.94 -4.60
CA PHE A 74 5.67 -3.92 -4.81
C PHE A 74 5.12 -2.51 -4.72
N GLU A 75 3.91 -2.31 -5.26
CA GLU A 75 3.27 -1.00 -5.25
C GLU A 75 1.75 -1.12 -5.04
N VAL A 76 1.15 -0.03 -4.57
CA VAL A 76 -0.30 0.01 -4.34
C VAL A 76 -0.97 0.67 -5.54
N VAL A 77 -2.01 0.01 -6.06
CA VAL A 77 -2.73 0.51 -7.23
C VAL A 77 -4.21 0.74 -6.90
N THR A 78 -4.75 1.87 -7.35
CA THR A 78 -6.15 2.23 -7.10
C THR A 78 -7.10 1.30 -7.88
N THR A 79 -7.19 0.06 -7.42
CA THR A 79 -8.05 -0.95 -8.02
C THR A 79 -8.65 -1.84 -6.94
N GLY A 80 -9.93 -2.17 -7.08
CA GLY A 80 -10.62 -3.01 -6.11
C GLY A 80 -12.07 -3.26 -6.52
N MET A 81 -12.92 -3.55 -5.53
CA MET A 81 -14.33 -3.88 -5.80
C MET A 81 -15.08 -2.73 -6.49
N GLU A 82 -14.87 -1.49 -6.00
CA GLU A 82 -15.57 -0.33 -6.57
C GLU A 82 -14.88 1.00 -6.25
N GLN A 83 -14.96 1.93 -7.20
CA GLN A 83 -14.42 3.28 -7.01
C GLN A 83 -15.23 4.03 -5.94
N LEU A 84 -14.61 5.05 -5.33
CA LEU A 84 -15.28 5.82 -4.27
C LEU A 84 -15.60 7.24 -4.71
N ASP A 85 -16.60 7.84 -4.07
CA ASP A 85 -17.01 9.20 -4.37
C ASP A 85 -16.10 10.18 -3.64
N PHE A 86 -15.30 10.92 -4.42
CA PHE A 86 -14.32 11.87 -3.87
C PHE A 86 -14.96 12.99 -3.04
N GLU A 87 -16.21 13.33 -3.36
CA GLU A 87 -16.90 14.41 -2.62
C GLU A 87 -17.36 13.92 -1.25
N THR A 88 -18.20 12.89 -1.24
CA THR A 88 -18.70 12.30 0.01
C THR A 88 -17.56 11.64 0.80
N GLY A 89 -16.67 10.97 0.08
CA GLY A 89 -15.54 10.25 0.68
C GLY A 89 -14.48 11.23 1.21
N PRO A 90 -13.68 10.84 2.24
CA PRO A 90 -12.63 11.73 2.81
C PRO A 90 -11.41 11.84 1.90
N ASN A 91 -10.71 12.97 1.99
CA ASN A 91 -9.51 13.23 1.20
C ASN A 91 -8.40 12.24 1.52
N ILE A 92 -8.26 11.87 2.82
CA ILE A 92 -7.17 10.97 3.23
C ILE A 92 -7.66 9.78 4.07
N PHE A 93 -6.98 8.62 3.91
CA PHE A 93 -7.24 7.45 4.74
C PHE A 93 -5.99 6.64 4.98
N ASP A 94 -5.84 6.16 6.23
CA ASP A 94 -4.66 5.40 6.61
C ASP A 94 -4.92 3.91 6.49
N LEU A 95 -3.94 3.20 5.96
CA LEU A 95 -4.05 1.77 5.76
C LEU A 95 -2.96 1.05 6.56
N GLN A 96 -3.38 0.12 7.43
CA GLN A 96 -2.41 -0.67 8.19
C GLN A 96 -1.96 -1.85 7.35
N ILE A 97 -0.77 -1.71 6.76
CA ILE A 97 -0.22 -2.70 5.87
C ILE A 97 0.84 -3.55 6.62
N TYR A 98 0.66 -4.88 6.62
CA TYR A 98 1.61 -5.77 7.32
C TYR A 98 2.34 -6.66 6.31
N VAL A 99 3.62 -6.96 6.58
CA VAL A 99 4.43 -7.78 5.66
C VAL A 99 5.01 -8.98 6.39
N LYS A 100 4.78 -10.18 5.84
CA LYS A 100 5.30 -11.43 6.43
C LYS A 100 6.25 -12.14 5.46
N ASP A 101 7.47 -12.38 5.93
CA ASP A 101 8.47 -13.11 5.16
C ASP A 101 8.25 -14.60 5.31
N GLU A 102 8.82 -15.38 4.40
CA GLU A 102 8.70 -16.85 4.44
C GLU A 102 9.30 -17.38 5.76
N VAL A 103 10.39 -16.77 6.21
CA VAL A 103 11.06 -17.17 7.45
C VAL A 103 10.11 -16.98 8.66
N GLY A 104 9.22 -15.98 8.56
CA GLY A 104 8.25 -15.71 9.65
C GLY A 104 8.47 -14.34 10.30
N VAL A 105 9.14 -13.42 9.58
CA VAL A 105 9.38 -12.07 10.09
C VAL A 105 8.20 -11.18 9.69
N THR A 106 7.63 -10.46 10.67
CA THR A 106 6.44 -9.63 10.42
C THR A 106 6.69 -8.17 10.77
N ASP A 107 5.99 -7.28 10.06
CA ASP A 107 6.11 -5.84 10.30
C ASP A 107 4.85 -5.11 9.80
N LEU A 108 4.25 -4.29 10.70
CA LEU A 108 3.01 -3.55 10.38
C LEU A 108 3.27 -2.03 10.39
N GLN A 109 2.95 -1.38 9.27
CA GLN A 109 3.11 0.08 9.13
C GLN A 109 1.90 0.70 8.45
N VAL A 110 1.73 2.01 8.61
CA VAL A 110 0.54 2.71 8.06
C VAL A 110 0.83 3.38 6.72
N LEU A 111 -0.19 3.39 5.84
CA LEU A 111 -0.09 4.01 4.51
C LEU A 111 -1.27 4.95 4.28
N THR A 112 -0.97 6.25 4.11
CA THR A 112 -2.02 7.24 3.90
C THR A 112 -2.23 7.49 2.40
N VAL A 113 -3.48 7.41 1.98
CA VAL A 113 -3.83 7.61 0.57
C VAL A 113 -4.57 8.94 0.41
N GLN A 114 -4.05 9.81 -0.46
CA GLN A 114 -4.65 11.13 -0.69
C GLN A 114 -5.45 11.19 -1.98
N VAL A 115 -6.57 11.88 -1.91
CA VAL A 115 -7.47 12.07 -3.06
C VAL A 115 -7.59 13.57 -3.35
N THR A 116 -7.35 13.94 -4.62
CA THR A 116 -7.40 15.36 -5.02
C THR A 116 -8.68 15.66 -5.81
N ASP A 117 -9.34 16.78 -5.48
CA ASP A 117 -10.56 17.17 -6.17
C ASP A 117 -10.26 17.54 -7.63
N VAL A 118 -10.97 16.89 -8.54
CA VAL A 118 -10.81 17.12 -9.98
C VAL A 118 -12.19 17.27 -10.63
N ASN A 119 -12.35 18.34 -11.43
CA ASN A 119 -13.61 18.58 -12.14
C ASN A 119 -13.67 17.75 -13.42
N GLU A 120 -14.79 17.03 -13.60
CA GLU A 120 -14.98 16.18 -14.78
C GLU A 120 -16.42 16.26 -15.32
N PRO A 121 -16.66 15.93 -16.62
CA PRO A 121 -18.04 15.98 -17.22
C PRO A 121 -19.01 15.02 -16.49
N PRO A 122 -20.31 15.37 -16.38
CA PRO A 122 -21.32 14.49 -15.68
C PRO A 122 -21.60 13.21 -16.46
N GLY A 123 -21.92 12.13 -15.74
CA GLY A 123 -22.21 10.84 -16.37
C GLY A 123 -23.66 10.78 -16.84
N GLY A 124 -24.01 9.68 -17.52
CA GLY A 124 -25.38 9.49 -18.02
C GLY A 124 -26.35 9.25 -16.88
N THR A 125 -27.61 9.68 -17.06
CA THR A 125 -28.64 9.50 -16.04
C THR A 125 -29.93 8.96 -16.65
N LYS A 126 -30.76 8.36 -15.79
CA LYS A 126 -32.06 7.80 -16.22
C LYS A 126 -31.87 6.72 -17.28
CA CA B . -13.26 16.32 -5.80
CA CA C . -15.47 17.08 -8.26
CA CA D . -12.05 20.22 -9.25
N MET A 1 9.68 -11.58 27.62
CA MET A 1 9.90 -13.03 27.83
C MET A 1 11.09 -13.49 26.98
N ALA A 2 10.97 -13.31 25.67
CA ALA A 2 12.05 -13.67 24.73
C ALA A 2 11.75 -13.14 23.32
N SER A 3 10.46 -13.13 22.95
CA SER A 3 10.04 -12.65 21.64
C SER A 3 10.38 -11.18 21.44
N ASP A 4 10.20 -10.39 22.51
CA ASP A 4 10.49 -8.95 22.46
C ASP A 4 11.99 -8.65 22.69
N TYR A 5 12.81 -9.70 22.83
CA TYR A 5 14.26 -9.54 23.05
C TYR A 5 15.00 -9.52 21.71
N LYS A 6 15.70 -8.41 21.43
CA LYS A 6 16.47 -8.25 20.19
C LYS A 6 15.62 -8.57 18.93
N ASP A 7 15.58 -9.86 18.51
CA ASP A 7 14.85 -10.29 17.30
C ASP A 7 15.16 -9.42 16.06
N ASP A 8 16.25 -8.64 16.13
CA ASP A 8 16.68 -7.81 15.01
C ASP A 8 17.25 -8.67 13.89
N ASP A 9 18.10 -9.64 14.28
CA ASP A 9 18.77 -10.53 13.32
C ASP A 9 17.78 -11.44 12.59
N ASP A 10 16.75 -11.92 13.31
CA ASP A 10 15.75 -12.83 12.73
C ASP A 10 14.61 -12.08 12.03
N LYS A 11 14.70 -10.74 11.97
CA LYS A 11 13.68 -9.92 11.31
C LYS A 11 14.33 -8.96 10.31
N LEU A 12 13.86 -9.00 9.07
CA LEU A 12 14.37 -8.11 8.02
C LEU A 12 13.49 -6.87 7.93
N HIS A 13 14.12 -5.69 7.94
CA HIS A 13 13.41 -4.41 7.90
C HIS A 13 13.02 -4.03 6.48
N LEU A 14 11.92 -3.27 6.36
CA LEU A 14 11.42 -2.83 5.07
C LEU A 14 12.07 -1.52 4.63
N ILE A 15 12.76 -1.57 3.47
CA ILE A 15 13.41 -0.38 2.88
C ILE A 15 12.35 0.59 2.34
N LEU A 16 12.59 1.90 2.51
CA LEU A 16 11.66 2.98 2.09
C LEU A 16 10.63 3.22 3.20
N LEU A 17 10.95 4.17 4.10
CA LEU A 17 10.10 4.44 5.24
C LEU A 17 8.64 4.75 4.80
N PRO A 18 7.62 3.97 5.27
CA PRO A 18 6.19 4.22 4.89
C PRO A 18 5.57 5.43 5.66
N ALA A 19 4.51 6.11 5.07
CA ALA A 19 3.93 5.81 3.74
C ALA A 19 2.96 6.90 3.31
N THR A 20 3.04 7.31 2.03
CA THR A 20 2.16 8.34 1.48
C THR A 20 1.54 7.89 0.16
N GLY A 21 0.36 8.45 -0.15
CA GLY A 21 -0.33 8.13 -1.41
C GLY A 21 -0.83 9.40 -2.09
N ASN A 22 -0.87 9.37 -3.42
CA ASN A 22 -1.34 10.53 -4.21
C ASN A 22 -1.99 10.07 -5.51
N VAL A 23 -3.27 10.42 -5.68
CA VAL A 23 -4.02 10.05 -6.89
C VAL A 23 -4.77 11.24 -7.47
N ALA A 24 -5.08 11.16 -8.76
CA ALA A 24 -5.85 12.19 -9.44
C ALA A 24 -7.28 11.69 -9.68
N GLU A 25 -8.04 11.56 -8.58
CA GLU A 25 -9.41 11.04 -8.65
C GLU A 25 -9.39 9.62 -9.28
N ASN A 26 -10.54 9.18 -9.84
CA ASN A 26 -10.64 7.85 -10.45
C ASN A 26 -10.25 7.85 -11.94
N SER A 27 -9.64 8.95 -12.40
CA SER A 27 -9.26 9.08 -13.81
C SER A 27 -8.34 7.91 -14.26
N PRO A 28 -7.26 7.57 -13.51
CA PRO A 28 -6.35 6.46 -13.90
C PRO A 28 -6.80 5.09 -13.30
N PRO A 29 -7.10 4.06 -14.14
CA PRO A 29 -7.50 2.71 -13.64
C PRO A 29 -6.30 1.76 -13.59
N GLY A 30 -6.11 1.07 -12.45
CA GLY A 30 -5.02 0.11 -12.30
C GLY A 30 -3.65 0.81 -12.28
N THR A 31 -3.64 2.05 -11.79
CA THR A 31 -2.41 2.84 -11.72
C THR A 31 -1.90 2.85 -10.28
N SER A 32 -0.62 2.51 -10.12
CA SER A 32 -0.01 2.44 -8.81
C SER A 32 0.12 3.82 -8.19
N VAL A 33 -0.02 3.89 -6.86
CA VAL A 33 0.08 5.15 -6.13
C VAL A 33 1.46 5.33 -5.51
N HIS A 34 2.05 4.21 -5.05
CA HIS A 34 3.37 4.24 -4.45
C HIS A 34 3.95 2.84 -4.36
N LYS A 35 5.28 2.75 -4.23
CA LYS A 35 5.96 1.47 -4.14
C LYS A 35 6.92 1.45 -2.93
N PHE A 36 7.09 0.26 -2.35
CA PHE A 36 7.97 0.08 -1.19
C PHE A 36 8.89 -1.12 -1.40
N SER A 37 10.05 -1.09 -0.76
CA SER A 37 11.04 -2.17 -0.89
C SER A 37 11.22 -2.92 0.43
N VAL A 38 11.44 -4.22 0.34
CA VAL A 38 11.65 -5.06 1.52
C VAL A 38 13.08 -5.60 1.50
N LYS A 39 13.75 -5.61 2.67
CA LYS A 39 15.13 -6.10 2.72
C LYS A 39 15.14 -7.57 2.39
N LEU A 40 15.98 -7.94 1.42
CA LEU A 40 16.02 -9.31 0.92
C LEU A 40 16.92 -10.20 1.76
N SER A 41 16.34 -11.31 2.21
CA SER A 41 17.07 -12.30 3.00
C SER A 41 18.12 -12.98 2.12
N ALA A 42 19.22 -13.41 2.74
CA ALA A 42 20.31 -14.05 2.00
C ALA A 42 19.81 -15.29 1.28
N SER A 43 18.94 -16.05 1.95
CA SER A 43 18.36 -17.28 1.35
C SER A 43 17.57 -16.94 0.09
N LEU A 44 16.83 -15.82 0.13
CA LEU A 44 16.04 -15.38 -1.01
C LEU A 44 15.04 -16.47 -1.46
N SER A 45 14.17 -16.88 -0.54
CA SER A 45 13.17 -17.91 -0.82
C SER A 45 12.04 -17.36 -1.75
N PRO A 46 11.42 -18.22 -2.61
CA PRO A 46 10.33 -17.77 -3.53
C PRO A 46 9.12 -17.19 -2.79
N VAL A 47 8.41 -16.26 -3.43
CA VAL A 47 7.22 -15.62 -2.83
C VAL A 47 5.95 -16.18 -3.48
N ILE A 48 5.04 -16.68 -2.63
CA ILE A 48 3.77 -17.27 -3.11
C ILE A 48 2.76 -16.19 -3.56
N PRO A 49 1.74 -16.55 -4.38
CA PRO A 49 0.68 -15.58 -4.85
C PRO A 49 -0.09 -14.98 -3.68
N GLY A 50 -0.56 -13.74 -3.84
CA GLY A 50 -1.31 -13.04 -2.79
C GLY A 50 -0.35 -12.41 -1.80
N PHE A 51 0.44 -11.45 -2.28
CA PHE A 51 1.45 -10.79 -1.46
C PHE A 51 0.82 -10.11 -0.21
N PRO A 52 1.32 -10.41 1.03
CA PRO A 52 0.79 -9.77 2.29
C PRO A 52 1.09 -8.25 2.35
N GLN A 53 0.17 -7.41 2.94
CA GLN A 53 -1.15 -7.79 3.54
C GLN A 53 -1.90 -6.52 3.98
N ILE A 54 -3.23 -6.54 3.84
CA ILE A 54 -4.07 -5.41 4.27
C ILE A 54 -4.73 -5.74 5.62
N VAL A 55 -4.45 -4.90 6.65
CA VAL A 55 -5.00 -5.13 8.00
C VAL A 55 -6.11 -4.12 8.35
N ASN A 56 -5.90 -2.84 8.00
CA ASN A 56 -6.90 -1.80 8.34
C ASN A 56 -6.92 -0.64 7.34
N SER A 57 -8.04 0.10 7.35
CA SER A 57 -8.21 1.27 6.49
C SER A 57 -9.08 2.32 7.19
N ASN A 58 -8.77 3.61 6.97
CA ASN A 58 -9.57 4.67 7.54
C ASN A 58 -10.76 4.99 6.58
N PRO A 59 -12.03 4.77 7.00
CA PRO A 59 -13.22 4.99 6.09
C PRO A 59 -13.30 6.44 5.56
N LEU A 60 -13.75 6.67 4.28
CA LEU A 60 -14.17 5.61 3.30
C LEU A 60 -12.99 5.23 2.39
N THR A 61 -12.58 3.95 2.44
CA THR A 61 -11.46 3.47 1.61
C THR A 61 -11.93 2.34 0.69
N GLU A 62 -11.87 2.59 -0.62
CA GLU A 62 -12.26 1.60 -1.63
C GLU A 62 -11.32 1.63 -2.85
N ALA A 63 -11.27 0.50 -3.58
CA ALA A 63 -10.48 0.40 -4.83
C ALA A 63 -8.95 0.53 -4.58
N PHE A 64 -8.45 -0.33 -3.70
CA PHE A 64 -7.01 -0.41 -3.41
C PHE A 64 -6.57 -1.85 -3.20
N ARG A 65 -5.38 -2.18 -3.71
CA ARG A 65 -4.84 -3.54 -3.58
C ARG A 65 -3.31 -3.51 -3.61
N VAL A 66 -2.69 -4.58 -3.10
CA VAL A 66 -1.22 -4.69 -3.08
C VAL A 66 -0.75 -5.58 -4.23
N ASN A 67 0.17 -5.05 -5.04
CA ASN A 67 0.69 -5.77 -6.21
C ASN A 67 2.21 -5.93 -6.13
N TRP A 68 2.65 -7.18 -5.94
CA TRP A 68 4.09 -7.47 -5.89
C TRP A 68 4.68 -7.32 -7.28
N LEU A 69 5.74 -6.50 -7.40
CA LEU A 69 6.37 -6.24 -8.69
C LEU A 69 7.43 -7.29 -9.01
N SER A 70 8.46 -7.39 -8.15
CA SER A 70 9.53 -8.36 -8.34
C SER A 70 10.44 -8.45 -7.13
N GLY A 71 10.96 -9.65 -6.88
CA GLY A 71 11.90 -9.90 -5.78
C GLY A 71 11.35 -9.43 -4.42
N THR A 72 11.60 -8.15 -4.09
CA THR A 72 11.18 -7.59 -2.81
C THR A 72 10.48 -6.22 -2.96
N TYR A 73 10.03 -5.91 -4.18
CA TYR A 73 9.37 -4.62 -4.46
C TYR A 73 7.89 -4.82 -4.70
N PHE A 74 7.07 -3.91 -4.17
CA PHE A 74 5.61 -3.98 -4.36
C PHE A 74 5.00 -2.57 -4.33
N GLU A 75 3.78 -2.44 -4.88
CA GLU A 75 3.10 -1.15 -4.93
C GLU A 75 1.58 -1.31 -4.79
N VAL A 76 0.93 -0.24 -4.31
CA VAL A 76 -0.53 -0.23 -4.14
C VAL A 76 -1.18 0.28 -5.42
N VAL A 77 -2.19 -0.46 -5.92
CA VAL A 77 -2.84 -0.11 -7.19
C VAL A 77 -4.32 0.30 -6.96
N THR A 78 -4.75 1.37 -7.63
CA THR A 78 -6.11 1.91 -7.49
C THR A 78 -7.10 1.22 -8.45
N THR A 79 -8.40 1.42 -8.16
CA THR A 79 -9.51 0.88 -8.98
C THR A 79 -9.50 -0.64 -8.98
N GLY A 80 -10.39 -1.24 -8.18
CA GLY A 80 -10.49 -2.69 -8.09
C GLY A 80 -11.89 -3.14 -7.66
N MET A 81 -12.37 -2.54 -6.54
CA MET A 81 -13.69 -2.92 -5.99
C MET A 81 -14.78 -1.89 -6.36
N GLU A 82 -14.47 -0.59 -6.19
CA GLU A 82 -15.44 0.47 -6.51
C GLU A 82 -14.73 1.69 -7.10
N GLN A 83 -15.46 2.49 -7.88
CA GLN A 83 -14.90 3.71 -8.49
C GLN A 83 -14.61 4.75 -7.40
N LEU A 84 -13.46 5.42 -7.52
CA LEU A 84 -13.05 6.44 -6.55
C LEU A 84 -13.75 7.77 -6.81
N ASP A 85 -13.99 8.53 -5.73
CA ASP A 85 -14.64 9.84 -5.84
C ASP A 85 -14.31 10.70 -4.62
N PHE A 86 -13.82 11.92 -4.89
CA PHE A 86 -13.42 12.85 -3.84
C PHE A 86 -14.61 13.31 -2.99
N GLU A 87 -15.74 13.58 -3.64
CA GLU A 87 -16.93 14.11 -2.95
C GLU A 87 -17.45 13.15 -1.89
N THR A 88 -17.49 11.87 -2.24
CA THR A 88 -17.98 10.84 -1.31
C THR A 88 -16.82 10.31 -0.44
N GLY A 89 -15.62 10.25 -1.03
CA GLY A 89 -14.44 9.73 -0.35
C GLY A 89 -13.72 10.82 0.47
N PRO A 90 -13.02 10.47 1.57
CA PRO A 90 -12.28 11.46 2.41
C PRO A 90 -10.98 11.91 1.75
N ASN A 91 -10.49 13.08 2.13
CA ASN A 91 -9.25 13.62 1.58
C ASN A 91 -8.08 12.70 1.87
N ILE A 92 -8.00 12.20 3.12
CA ILE A 92 -6.91 11.30 3.53
C ILE A 92 -7.44 10.09 4.32
N PHE A 93 -6.77 8.93 4.14
CA PHE A 93 -7.12 7.74 4.92
C PHE A 93 -5.90 6.87 5.19
N ASP A 94 -5.78 6.40 6.44
CA ASP A 94 -4.68 5.55 6.86
C ASP A 94 -5.02 4.11 6.61
N LEU A 95 -4.07 3.38 6.02
CA LEU A 95 -4.25 1.98 5.70
C LEU A 95 -3.13 1.15 6.30
N GLN A 96 -3.46 0.37 7.35
CA GLN A 96 -2.48 -0.46 8.01
C GLN A 96 -2.15 -1.68 7.14
N ILE A 97 -0.87 -1.81 6.77
CA ILE A 97 -0.42 -2.90 5.90
C ILE A 97 0.60 -3.77 6.64
N TYR A 98 0.30 -5.06 6.70
CA TYR A 98 1.16 -6.06 7.31
C TYR A 98 1.97 -6.76 6.21
N VAL A 99 3.24 -7.06 6.49
CA VAL A 99 4.11 -7.69 5.50
C VAL A 99 4.77 -8.94 6.10
N LYS A 100 4.68 -10.04 5.36
CA LYS A 100 5.29 -11.31 5.78
C LYS A 100 6.02 -11.96 4.59
N ASP A 101 7.29 -12.28 4.81
CA ASP A 101 8.10 -12.93 3.80
C ASP A 101 8.04 -14.45 3.96
N GLU A 102 8.59 -15.16 2.97
CA GLU A 102 8.63 -16.63 3.00
C GLU A 102 9.45 -17.10 4.22
N VAL A 103 10.54 -16.39 4.51
CA VAL A 103 11.41 -16.72 5.62
C VAL A 103 10.65 -16.62 6.96
N GLY A 104 9.66 -15.72 7.03
CA GLY A 104 8.88 -15.52 8.25
C GLY A 104 9.08 -14.13 8.86
N VAL A 105 9.63 -13.19 8.07
CA VAL A 105 9.83 -11.81 8.51
C VAL A 105 8.45 -11.16 8.65
N THR A 106 8.26 -10.34 9.68
CA THR A 106 6.96 -9.69 9.91
C THR A 106 7.14 -8.18 10.14
N ASP A 107 6.13 -7.40 9.71
CA ASP A 107 6.16 -5.95 9.91
C ASP A 107 4.80 -5.32 9.62
N LEU A 108 4.50 -4.21 10.29
CA LEU A 108 3.23 -3.49 10.11
C LEU A 108 3.51 -2.01 9.92
N GLN A 109 2.87 -1.42 8.92
CA GLN A 109 3.05 0.00 8.60
C GLN A 109 1.73 0.71 8.35
N VAL A 110 1.73 2.04 8.42
CA VAL A 110 0.53 2.84 8.19
C VAL A 110 0.68 3.61 6.87
N LEU A 111 -0.26 3.39 5.95
CA LEU A 111 -0.22 4.04 4.63
C LEU A 111 -1.34 5.06 4.48
N THR A 112 -0.96 6.36 4.47
CA THR A 112 -1.94 7.44 4.31
C THR A 112 -2.09 7.75 2.82
N VAL A 113 -3.34 7.77 2.34
CA VAL A 113 -3.61 8.00 0.92
C VAL A 113 -4.37 9.30 0.73
N GLN A 114 -3.81 10.19 -0.08
CA GLN A 114 -4.44 11.48 -0.40
C GLN A 114 -5.26 11.37 -1.68
N VAL A 115 -6.41 12.05 -1.69
CA VAL A 115 -7.31 12.05 -2.84
C VAL A 115 -7.41 13.47 -3.41
N THR A 116 -7.23 13.59 -4.74
CA THR A 116 -7.27 14.88 -5.42
C THR A 116 -8.54 14.99 -6.27
N ASP A 117 -9.25 16.11 -6.11
CA ASP A 117 -10.50 16.36 -6.85
C ASP A 117 -10.19 16.89 -8.24
N VAL A 118 -10.48 16.08 -9.26
CA VAL A 118 -10.26 16.48 -10.66
C VAL A 118 -11.58 16.98 -11.27
N ASN A 119 -11.57 18.25 -11.70
CA ASN A 119 -12.75 18.88 -12.29
C ASN A 119 -13.08 18.28 -13.65
N GLU A 120 -14.35 17.87 -13.83
CA GLU A 120 -14.82 17.28 -15.08
C GLU A 120 -16.12 17.97 -15.55
N PRO A 121 -16.42 18.00 -16.88
CA PRO A 121 -17.66 18.65 -17.41
C PRO A 121 -18.94 17.86 -17.04
N PRO A 122 -20.11 18.53 -16.91
CA PRO A 122 -21.40 17.83 -16.54
C PRO A 122 -21.72 16.70 -17.51
N GLY A 123 -22.23 15.59 -16.96
CA GLY A 123 -22.58 14.41 -17.77
C GLY A 123 -23.50 13.48 -16.99
N GLY A 124 -24.77 13.89 -16.84
CA GLY A 124 -25.75 13.09 -16.10
C GLY A 124 -27.10 13.80 -16.06
N THR A 125 -28.03 13.23 -15.28
CA THR A 125 -29.37 13.80 -15.15
C THR A 125 -29.92 13.60 -13.73
N LYS A 126 -30.85 14.48 -13.34
CA LYS A 126 -31.46 14.41 -12.00
C LYS A 126 -31.92 12.99 -11.65
CA CA B . -13.84 15.33 -6.97
CA CA C . -16.19 14.29 -9.17
CA CA D . -15.66 18.58 -10.90
N MET A 1 19.76 -3.84 32.01
CA MET A 1 19.32 -5.05 31.25
C MET A 1 18.82 -4.62 29.87
N ALA A 2 17.98 -3.59 29.84
CA ALA A 2 17.42 -3.07 28.60
C ALA A 2 18.53 -2.57 27.67
N SER A 3 19.53 -1.91 28.27
CA SER A 3 20.67 -1.36 27.52
C SER A 3 21.43 -2.47 26.80
N ASP A 4 21.59 -3.62 27.47
CA ASP A 4 22.29 -4.76 26.90
C ASP A 4 21.58 -5.25 25.62
N TYR A 5 20.25 -5.18 25.63
CA TYR A 5 19.46 -5.58 24.47
C TYR A 5 19.78 -4.67 23.29
N LYS A 6 20.08 -5.28 22.13
CA LYS A 6 20.42 -4.51 20.92
C LYS A 6 20.46 -5.40 19.67
N ASP A 7 19.69 -6.50 19.69
CA ASP A 7 19.64 -7.44 18.55
C ASP A 7 18.53 -7.07 17.53
N ASP A 8 17.87 -5.91 17.75
CA ASP A 8 16.81 -5.44 16.84
C ASP A 8 17.36 -5.13 15.44
N ASP A 9 18.63 -4.69 15.39
CA ASP A 9 19.29 -4.35 14.12
C ASP A 9 19.37 -5.58 13.20
N ASP A 10 19.60 -6.75 13.80
CA ASP A 10 19.74 -8.00 13.05
C ASP A 10 18.42 -8.43 12.40
N LYS A 11 17.29 -7.97 12.97
CA LYS A 11 15.96 -8.30 12.44
C LYS A 11 15.79 -7.72 11.04
N LEU A 12 15.09 -8.46 10.18
CA LEU A 12 14.88 -8.04 8.78
C LEU A 12 13.90 -6.87 8.71
N HIS A 13 14.27 -5.82 7.96
CA HIS A 13 13.43 -4.62 7.82
C HIS A 13 13.27 -4.23 6.35
N LEU A 14 12.15 -3.53 6.08
CA LEU A 14 11.84 -3.09 4.73
C LEU A 14 12.53 -1.75 4.43
N ILE A 15 12.85 -1.54 3.15
CA ILE A 15 13.50 -0.30 2.69
C ILE A 15 12.46 0.66 2.12
N LEU A 16 12.71 1.98 2.28
CA LEU A 16 11.78 3.06 1.87
C LEU A 16 10.76 3.31 2.97
N LEU A 17 11.08 4.28 3.84
CA LEU A 17 10.25 4.57 5.01
C LEU A 17 8.78 4.89 4.61
N PRO A 18 7.77 4.20 5.22
CA PRO A 18 6.32 4.44 4.90
C PRO A 18 5.76 5.73 5.58
N ALA A 19 4.69 6.39 5.00
CA ALA A 19 4.02 5.99 3.73
C ALA A 19 3.04 7.06 3.27
N THR A 20 3.28 7.60 2.06
CA THR A 20 2.42 8.64 1.48
C THR A 20 1.89 8.20 0.11
N GLY A 21 0.58 8.30 -0.09
CA GLY A 21 -0.06 7.90 -1.35
C GLY A 21 -0.80 9.06 -2.00
N ASN A 22 -0.65 9.16 -3.33
CA ASN A 22 -1.32 10.20 -4.11
C ASN A 22 -2.02 9.59 -5.33
N VAL A 23 -3.26 10.01 -5.58
CA VAL A 23 -4.03 9.49 -6.72
C VAL A 23 -5.00 10.56 -7.26
N ALA A 24 -5.19 10.56 -8.59
CA ALA A 24 -6.11 11.49 -9.24
C ALA A 24 -7.49 10.84 -9.39
N GLU A 25 -8.26 10.87 -8.28
CA GLU A 25 -9.60 10.26 -8.21
C GLU A 25 -9.70 8.94 -9.06
N ASN A 26 -10.88 8.67 -9.67
CA ASN A 26 -11.09 7.47 -10.47
C ASN A 26 -10.75 7.68 -11.96
N SER A 27 -10.21 8.85 -12.31
CA SER A 27 -9.92 9.17 -13.71
C SER A 27 -8.98 8.12 -14.37
N PRO A 28 -7.79 7.82 -13.78
CA PRO A 28 -6.87 6.80 -14.35
C PRO A 28 -6.97 5.44 -13.57
N PRO A 29 -7.34 4.33 -14.23
CA PRO A 29 -7.43 2.98 -13.56
C PRO A 29 -6.08 2.26 -13.52
N GLY A 30 -5.85 1.47 -12.45
CA GLY A 30 -4.63 0.67 -12.34
C GLY A 30 -3.39 1.54 -12.21
N THR A 31 -3.55 2.72 -11.59
CA THR A 31 -2.45 3.65 -11.42
C THR A 31 -1.80 3.45 -10.05
N SER A 32 -0.48 3.20 -10.07
CA SER A 32 0.29 3.02 -8.85
C SER A 32 0.35 4.35 -8.11
N VAL A 33 0.24 4.29 -6.78
CA VAL A 33 0.30 5.50 -5.95
C VAL A 33 1.61 5.59 -5.18
N HIS A 34 2.17 4.43 -4.82
CA HIS A 34 3.44 4.37 -4.08
C HIS A 34 4.02 2.96 -4.11
N LYS A 35 5.36 2.87 -4.01
CA LYS A 35 6.03 1.58 -4.00
C LYS A 35 7.00 1.47 -2.82
N PHE A 36 7.21 0.24 -2.35
CA PHE A 36 8.12 -0.03 -1.23
C PHE A 36 9.03 -1.19 -1.56
N SER A 37 10.22 -1.18 -0.97
CA SER A 37 11.20 -2.23 -1.19
C SER A 37 11.44 -2.99 0.11
N VAL A 38 11.92 -4.23 0.01
CA VAL A 38 12.15 -5.05 1.20
C VAL A 38 13.57 -5.63 1.20
N LYS A 39 14.12 -5.85 2.42
CA LYS A 39 15.48 -6.40 2.54
C LYS A 39 15.48 -7.89 2.23
N LEU A 40 16.44 -8.32 1.39
CA LEU A 40 16.52 -9.72 0.95
C LEU A 40 16.74 -10.66 2.14
N SER A 41 15.82 -11.60 2.30
CA SER A 41 15.90 -12.60 3.37
C SER A 41 17.00 -13.62 3.06
N ALA A 42 17.71 -14.07 4.11
CA ALA A 42 18.78 -15.05 3.95
C ALA A 42 18.24 -16.35 3.37
N SER A 43 17.04 -16.75 3.82
CA SER A 43 16.39 -17.97 3.34
C SER A 43 16.09 -17.86 1.84
N LEU A 44 15.72 -16.66 1.40
CA LEU A 44 15.39 -16.41 -0.02
C LEU A 44 14.27 -17.34 -0.50
N SER A 45 13.30 -17.60 0.40
CA SER A 45 12.16 -18.44 0.07
C SER A 45 11.17 -17.71 -0.86
N PRO A 46 10.46 -18.42 -1.77
CA PRO A 46 9.46 -17.79 -2.69
C PRO A 46 8.20 -17.36 -1.93
N VAL A 47 7.46 -16.40 -2.49
CA VAL A 47 6.23 -15.90 -1.85
C VAL A 47 4.99 -16.42 -2.57
N ILE A 48 3.96 -16.76 -1.79
CA ILE A 48 2.69 -17.27 -2.33
C ILE A 48 1.82 -16.13 -2.92
N PRO A 49 0.85 -16.45 -3.81
CA PRO A 49 -0.06 -15.41 -4.42
C PRO A 49 -0.84 -14.65 -3.34
N GLY A 50 -1.12 -13.37 -3.61
CA GLY A 50 -1.85 -12.52 -2.64
C GLY A 50 -0.89 -12.01 -1.57
N PHE A 51 0.08 -11.20 -2.00
CA PHE A 51 1.11 -10.69 -1.11
C PHE A 51 0.48 -9.99 0.14
N PRO A 52 0.79 -10.45 1.39
CA PRO A 52 0.23 -9.81 2.65
C PRO A 52 0.65 -8.32 2.77
N GLN A 53 -0.24 -7.38 3.24
CA GLN A 53 -1.64 -7.63 3.67
C GLN A 53 -2.31 -6.28 4.01
N ILE A 54 -3.64 -6.20 3.79
CA ILE A 54 -4.40 -5.02 4.19
C ILE A 54 -5.11 -5.33 5.52
N VAL A 55 -4.56 -4.80 6.62
CA VAL A 55 -5.09 -5.11 7.96
C VAL A 55 -6.21 -4.13 8.35
N ASN A 56 -6.04 -2.84 8.04
CA ASN A 56 -7.04 -1.83 8.40
C ASN A 56 -7.05 -0.64 7.45
N SER A 57 -8.21 -0.02 7.31
CA SER A 57 -8.38 1.17 6.45
C SER A 57 -9.25 2.21 7.16
N ASN A 58 -8.93 3.50 6.94
CA ASN A 58 -9.74 4.57 7.53
C ASN A 58 -10.93 4.90 6.57
N PRO A 59 -12.20 4.59 6.94
CA PRO A 59 -13.37 4.82 6.04
C PRO A 59 -13.53 6.30 5.62
N LEU A 60 -14.01 6.59 4.35
CA LEU A 60 -14.42 5.58 3.32
C LEU A 60 -13.25 5.29 2.37
N THR A 61 -12.88 4.01 2.25
CA THR A 61 -11.76 3.62 1.37
C THR A 61 -12.23 2.72 0.23
N GLU A 62 -11.93 3.15 -1.00
CA GLU A 62 -12.26 2.35 -2.18
C GLU A 62 -11.10 2.37 -3.18
N ALA A 63 -10.97 1.30 -3.96
CA ALA A 63 -9.91 1.21 -4.99
C ALA A 63 -8.50 1.17 -4.36
N PHE A 64 -8.21 0.05 -3.69
CA PHE A 64 -6.91 -0.16 -3.04
C PHE A 64 -6.50 -1.63 -3.13
N ARG A 65 -5.28 -1.90 -3.64
CA ARG A 65 -4.80 -3.28 -3.70
C ARG A 65 -3.27 -3.33 -3.83
N VAL A 66 -2.65 -4.15 -2.97
CA VAL A 66 -1.19 -4.34 -2.96
C VAL A 66 -0.78 -5.23 -4.15
N ASN A 67 0.23 -4.78 -4.91
CA ASN A 67 0.69 -5.53 -6.07
C ASN A 67 2.20 -5.78 -6.01
N TRP A 68 2.57 -7.05 -5.82
CA TRP A 68 3.97 -7.45 -5.82
C TRP A 68 4.52 -7.34 -7.24
N LEU A 69 5.63 -6.58 -7.40
CA LEU A 69 6.19 -6.35 -8.74
C LEU A 69 7.25 -7.38 -9.11
N SER A 70 8.36 -7.41 -8.34
CA SER A 70 9.45 -8.35 -8.61
C SER A 70 10.40 -8.45 -7.43
N GLY A 71 10.95 -9.66 -7.24
CA GLY A 71 11.96 -9.93 -6.22
C GLY A 71 11.60 -9.35 -4.84
N THR A 72 12.00 -8.10 -4.61
CA THR A 72 11.81 -7.45 -3.31
C THR A 72 11.08 -6.09 -3.43
N TYR A 73 10.27 -5.93 -4.48
CA TYR A 73 9.56 -4.65 -4.70
C TYR A 73 8.06 -4.86 -4.88
N PHE A 74 7.25 -3.92 -4.36
CA PHE A 74 5.80 -3.96 -4.52
C PHE A 74 5.21 -2.55 -4.43
N GLU A 75 3.98 -2.39 -4.95
CA GLU A 75 3.31 -1.07 -4.93
C GLU A 75 1.81 -1.19 -4.79
N VAL A 76 1.19 -0.11 -4.30
CA VAL A 76 -0.26 -0.04 -4.16
C VAL A 76 -0.85 0.40 -5.50
N VAL A 77 -1.89 -0.30 -5.93
CA VAL A 77 -2.55 -0.03 -7.21
C VAL A 77 -4.00 0.40 -6.98
N THR A 78 -4.41 1.43 -7.72
CA THR A 78 -5.75 1.98 -7.64
C THR A 78 -6.69 1.20 -8.58
N THR A 79 -7.96 1.04 -8.13
CA THR A 79 -9.05 0.30 -8.85
C THR A 79 -9.23 -1.10 -8.28
N GLY A 80 -10.22 -1.24 -7.41
CA GLY A 80 -10.54 -2.52 -6.78
C GLY A 80 -11.99 -2.91 -7.03
N MET A 81 -12.67 -3.36 -5.98
CA MET A 81 -14.07 -3.76 -6.07
C MET A 81 -14.95 -2.57 -6.46
N GLU A 82 -14.66 -1.40 -5.88
CA GLU A 82 -15.43 -0.19 -6.15
C GLU A 82 -14.53 1.03 -6.35
N GLN A 83 -15.03 2.01 -7.12
CA GLN A 83 -14.29 3.25 -7.39
C GLN A 83 -14.38 4.23 -6.22
N LEU A 84 -13.41 5.16 -6.14
CA LEU A 84 -13.37 6.15 -5.07
C LEU A 84 -13.69 7.55 -5.60
N ASP A 85 -14.15 8.43 -4.70
CA ASP A 85 -14.50 9.81 -5.07
C ASP A 85 -14.30 10.77 -3.90
N PHE A 86 -13.72 11.93 -4.19
CA PHE A 86 -13.45 12.96 -3.18
C PHE A 86 -14.76 13.47 -2.55
N GLU A 87 -15.76 13.73 -3.41
CA GLU A 87 -17.04 14.27 -2.95
C GLU A 87 -17.73 13.34 -1.95
N THR A 88 -17.65 12.02 -2.21
CA THR A 88 -18.30 11.03 -1.34
C THR A 88 -17.27 10.31 -0.44
N GLY A 89 -15.99 10.73 -0.49
CA GLY A 89 -14.94 10.10 0.31
C GLY A 89 -14.05 11.16 1.02
N PRO A 90 -13.35 10.79 2.12
CA PRO A 90 -12.46 11.75 2.86
C PRO A 90 -11.19 12.06 2.08
N ASN A 91 -10.58 13.21 2.40
CA ASN A 91 -9.36 13.65 1.73
C ASN A 91 -8.23 12.65 1.93
N ILE A 92 -8.11 12.12 3.16
CA ILE A 92 -7.05 11.15 3.47
C ILE A 92 -7.58 9.95 4.28
N PHE A 93 -6.93 8.78 4.09
CA PHE A 93 -7.25 7.59 4.88
C PHE A 93 -6.03 6.73 5.12
N ASP A 94 -5.92 6.21 6.35
CA ASP A 94 -4.78 5.41 6.77
C ASP A 94 -4.99 3.94 6.48
N LEU A 95 -3.92 3.29 6.02
CA LEU A 95 -3.96 1.86 5.69
C LEU A 95 -2.93 1.09 6.53
N GLN A 96 -3.43 0.32 7.50
CA GLN A 96 -2.57 -0.53 8.31
C GLN A 96 -2.19 -1.76 7.49
N ILE A 97 -0.99 -1.72 6.91
CA ILE A 97 -0.53 -2.79 6.02
C ILE A 97 0.54 -3.64 6.71
N TYR A 98 0.28 -4.95 6.76
CA TYR A 98 1.18 -5.92 7.39
C TYR A 98 1.86 -6.75 6.30
N VAL A 99 3.17 -6.98 6.44
CA VAL A 99 3.94 -7.74 5.45
C VAL A 99 4.58 -8.95 6.11
N LYS A 100 4.35 -10.14 5.50
CA LYS A 100 4.91 -11.38 6.01
C LYS A 100 5.39 -12.29 4.87
N ASP A 101 6.63 -12.76 5.00
CA ASP A 101 7.23 -13.68 4.03
C ASP A 101 7.08 -15.11 4.53
N GLU A 102 7.40 -16.08 3.66
CA GLU A 102 7.30 -17.49 4.02
C GLU A 102 8.25 -17.83 5.18
N VAL A 103 9.44 -17.23 5.17
CA VAL A 103 10.44 -17.49 6.20
C VAL A 103 9.98 -16.98 7.58
N GLY A 104 9.06 -15.98 7.59
CA GLY A 104 8.53 -15.45 8.86
C GLY A 104 8.80 -13.96 9.08
N VAL A 105 9.18 -13.25 8.00
CA VAL A 105 9.43 -11.79 8.08
C VAL A 105 8.14 -11.11 8.57
N THR A 106 8.28 -10.03 9.35
CA THR A 106 7.10 -9.30 9.87
C THR A 106 7.33 -7.80 9.86
N ASP A 107 6.32 -7.05 9.39
CA ASP A 107 6.40 -5.58 9.40
C ASP A 107 5.01 -4.95 9.23
N LEU A 108 4.68 -4.02 10.13
CA LEU A 108 3.39 -3.32 10.09
C LEU A 108 3.62 -1.82 10.05
N GLN A 109 2.99 -1.15 9.08
CA GLN A 109 3.13 0.30 8.93
C GLN A 109 1.83 0.94 8.44
N VAL A 110 1.72 2.25 8.65
CA VAL A 110 0.52 3.01 8.30
C VAL A 110 0.72 3.75 6.98
N LEU A 111 -0.20 3.52 6.04
CA LEU A 111 -0.13 4.15 4.71
C LEU A 111 -1.30 5.10 4.49
N THR A 112 -1.00 6.41 4.43
CA THR A 112 -2.04 7.43 4.22
C THR A 112 -2.22 7.68 2.72
N VAL A 113 -3.48 7.64 2.27
CA VAL A 113 -3.78 7.84 0.84
C VAL A 113 -4.58 9.13 0.66
N GLN A 114 -4.06 10.02 -0.18
CA GLN A 114 -4.73 11.29 -0.46
C GLN A 114 -5.61 11.18 -1.70
N VAL A 115 -6.77 11.85 -1.64
CA VAL A 115 -7.74 11.84 -2.74
C VAL A 115 -7.72 13.20 -3.47
N THR A 116 -7.51 13.16 -4.78
CA THR A 116 -7.44 14.37 -5.60
C THR A 116 -8.56 14.36 -6.64
N ASP A 117 -9.32 15.47 -6.71
CA ASP A 117 -10.44 15.60 -7.65
C ASP A 117 -9.98 15.54 -9.11
N VAL A 118 -10.85 14.97 -9.96
CA VAL A 118 -10.56 14.84 -11.40
C VAL A 118 -11.60 15.62 -12.22
N ASN A 119 -11.16 16.14 -13.37
CA ASN A 119 -12.03 16.90 -14.27
C ASN A 119 -12.73 15.97 -15.25
N GLU A 120 -14.07 15.95 -15.17
CA GLU A 120 -14.87 15.11 -16.05
C GLU A 120 -14.91 15.70 -17.50
N PRO A 121 -14.56 14.92 -18.56
CA PRO A 121 -14.62 15.42 -19.97
C PRO A 121 -16.05 15.89 -20.34
N PRO A 122 -16.21 16.83 -21.29
CA PRO A 122 -17.56 17.36 -21.67
C PRO A 122 -18.47 16.27 -22.23
N GLY A 123 -19.76 16.40 -21.96
CA GLY A 123 -20.75 15.41 -22.39
C GLY A 123 -21.18 15.65 -23.83
N GLY A 124 -22.25 14.96 -24.24
CA GLY A 124 -22.77 15.06 -25.61
C GLY A 124 -22.18 13.99 -26.55
N THR A 125 -21.17 13.25 -26.06
CA THR A 125 -20.55 12.17 -26.86
C THR A 125 -21.50 10.99 -27.01
N LYS A 126 -22.20 10.65 -25.92
CA LYS A 126 -23.17 9.55 -25.92
C LYS A 126 -24.26 9.81 -26.96
CA CA B . -15.10 15.16 -9.07
CA CA C . -13.41 15.45 -6.44
CA CA D . -11.77 18.42 -10.47
N MET A 1 26.67 13.09 10.06
CA MET A 1 27.57 12.04 10.62
C MET A 1 26.74 11.04 11.44
N ALA A 2 26.26 11.47 12.61
CA ALA A 2 25.44 10.63 13.48
C ALA A 2 24.15 10.20 12.78
N SER A 3 23.56 11.13 12.02
CA SER A 3 22.28 10.91 11.33
C SER A 3 22.35 9.76 10.32
N ASP A 4 23.46 9.66 9.58
CA ASP A 4 23.59 8.62 8.54
C ASP A 4 23.93 7.24 9.12
N TYR A 5 24.05 7.14 10.45
CA TYR A 5 24.33 5.88 11.11
C TYR A 5 23.02 5.15 11.41
N LYS A 6 22.92 3.90 10.97
CA LYS A 6 21.71 3.11 11.19
C LYS A 6 21.97 2.00 12.20
N ASP A 7 21.18 1.99 13.28
CA ASP A 7 21.30 0.97 14.32
C ASP A 7 20.43 -0.28 14.03
N ASP A 8 19.64 -0.23 12.95
CA ASP A 8 18.75 -1.35 12.58
C ASP A 8 19.39 -2.26 11.51
N ASP A 9 20.67 -2.02 11.17
CA ASP A 9 21.36 -2.82 10.15
C ASP A 9 21.45 -4.28 10.57
N ASP A 10 21.65 -4.52 11.88
CA ASP A 10 21.74 -5.89 12.42
C ASP A 10 20.37 -6.61 12.38
N LYS A 11 19.29 -5.83 12.26
CA LYS A 11 17.93 -6.38 12.19
C LYS A 11 17.37 -6.21 10.78
N LEU A 12 16.28 -6.94 10.49
CA LEU A 12 15.66 -6.88 9.16
C LEU A 12 14.49 -5.90 9.14
N HIS A 13 14.54 -4.96 8.19
CA HIS A 13 13.47 -3.97 8.01
C HIS A 13 13.33 -3.62 6.54
N LEU A 14 12.17 -3.08 6.16
CA LEU A 14 11.93 -2.75 4.75
C LEU A 14 12.59 -1.41 4.35
N ILE A 15 13.04 -1.34 3.08
CA ILE A 15 13.68 -0.13 2.55
C ILE A 15 12.60 0.86 2.07
N LEU A 16 12.78 2.15 2.42
CA LEU A 16 11.82 3.24 2.12
C LEU A 16 10.73 3.27 3.20
N LEU A 17 10.96 4.09 4.24
CA LEU A 17 10.05 4.17 5.37
C LEU A 17 8.60 4.49 4.90
N PRO A 18 7.59 3.64 5.22
CA PRO A 18 6.18 3.88 4.80
C PRO A 18 5.45 4.92 5.70
N ALA A 19 4.40 5.65 5.17
CA ALA A 19 3.92 5.55 3.77
C ALA A 19 2.95 6.68 3.43
N THR A 20 3.10 7.24 2.22
CA THR A 20 2.22 8.32 1.76
C THR A 20 1.69 8.02 0.36
N GLY A 21 0.52 8.58 0.03
CA GLY A 21 -0.10 8.39 -1.27
C GLY A 21 -0.65 9.69 -1.83
N ASN A 22 -0.56 9.85 -3.15
CA ASN A 22 -1.05 11.05 -3.83
C ASN A 22 -1.53 10.71 -5.23
N VAL A 23 -2.83 10.89 -5.48
CA VAL A 23 -3.42 10.60 -6.79
C VAL A 23 -4.30 11.75 -7.27
N ALA A 24 -4.53 11.80 -8.58
CA ALA A 24 -5.40 12.81 -9.17
C ALA A 24 -6.83 12.25 -9.27
N GLU A 25 -7.55 12.30 -8.15
CA GLU A 25 -8.91 11.77 -8.07
C GLU A 25 -8.90 10.29 -8.52
N ASN A 26 -10.09 9.70 -8.64
CA ASN A 26 -10.23 8.29 -9.05
C ASN A 26 -10.30 8.15 -10.58
N SER A 27 -9.81 9.17 -11.31
CA SER A 27 -9.87 9.16 -12.77
C SER A 27 -9.14 7.94 -13.38
N PRO A 28 -7.88 7.62 -12.97
CA PRO A 28 -7.15 6.45 -13.54
C PRO A 28 -7.45 5.12 -12.78
N PRO A 29 -7.98 4.07 -13.47
CA PRO A 29 -8.23 2.75 -12.85
C PRO A 29 -7.08 1.77 -13.14
N GLY A 30 -6.76 0.92 -12.17
CA GLY A 30 -5.71 -0.10 -12.34
C GLY A 30 -4.33 0.54 -12.45
N THR A 31 -4.12 1.64 -11.71
CA THR A 31 -2.84 2.35 -11.75
C THR A 31 -2.17 2.36 -10.38
N SER A 32 -0.83 2.23 -10.38
CA SER A 32 -0.05 2.25 -9.15
C SER A 32 -0.04 3.63 -8.52
N VAL A 33 -0.12 3.69 -7.19
CA VAL A 33 -0.12 4.99 -6.47
C VAL A 33 1.21 5.20 -5.74
N HIS A 34 1.82 4.11 -5.27
CA HIS A 34 3.09 4.19 -4.55
C HIS A 34 3.76 2.82 -4.47
N LYS A 35 5.09 2.80 -4.42
CA LYS A 35 5.85 1.56 -4.32
C LYS A 35 6.84 1.60 -3.15
N PHE A 36 7.07 0.44 -2.55
CA PHE A 36 7.99 0.31 -1.41
C PHE A 36 8.92 -0.87 -1.61
N SER A 37 10.08 -0.82 -0.94
CA SER A 37 11.08 -1.87 -1.06
C SER A 37 11.30 -2.57 0.28
N VAL A 38 11.73 -3.83 0.22
CA VAL A 38 11.97 -4.64 1.42
C VAL A 38 13.41 -5.17 1.43
N LYS A 39 14.08 -5.08 2.58
CA LYS A 39 15.47 -5.55 2.70
C LYS A 39 15.53 -7.06 2.52
N LEU A 40 16.48 -7.51 1.69
CA LEU A 40 16.62 -8.93 1.38
C LEU A 40 17.02 -9.75 2.60
N SER A 41 16.25 -10.81 2.85
CA SER A 41 16.52 -11.73 3.95
C SER A 41 17.77 -12.55 3.65
N ALA A 42 18.37 -13.12 4.70
CA ALA A 42 19.58 -13.91 4.54
C ALA A 42 19.33 -15.09 3.59
N SER A 43 18.16 -15.71 3.73
CA SER A 43 17.78 -16.81 2.85
C SER A 43 16.95 -16.31 1.66
N LEU A 44 16.07 -15.32 1.93
CA LEU A 44 15.21 -14.71 0.90
C LEU A 44 14.66 -15.76 -0.09
N SER A 45 13.74 -16.59 0.40
CA SER A 45 13.10 -17.61 -0.42
C SER A 45 11.94 -17.00 -1.24
N PRO A 46 11.52 -17.63 -2.36
CA PRO A 46 10.40 -17.09 -3.21
C PRO A 46 9.14 -16.86 -2.37
N VAL A 47 8.44 -15.75 -2.64
CA VAL A 47 7.24 -15.39 -1.88
C VAL A 47 6.00 -16.10 -2.43
N ILE A 48 5.13 -16.51 -1.50
CA ILE A 48 3.88 -17.20 -1.85
C ILE A 48 2.91 -16.23 -2.63
N PRO A 49 2.21 -16.71 -3.68
CA PRO A 49 1.24 -15.84 -4.44
C PRO A 49 0.24 -15.18 -3.50
N GLY A 50 -0.11 -13.92 -3.78
CA GLY A 50 -1.00 -13.15 -2.90
C GLY A 50 -0.21 -12.65 -1.70
N PHE A 51 0.80 -11.83 -2.00
CA PHE A 51 1.74 -11.34 -0.99
C PHE A 51 1.01 -10.59 0.16
N PRO A 52 1.38 -10.84 1.45
CA PRO A 52 0.74 -10.15 2.63
C PRO A 52 1.05 -8.64 2.66
N GLN A 53 0.11 -7.76 3.14
CA GLN A 53 -1.26 -8.09 3.66
C GLN A 53 -2.01 -6.78 3.98
N ILE A 54 -3.32 -6.75 3.73
CA ILE A 54 -4.15 -5.58 4.09
C ILE A 54 -4.91 -5.89 5.39
N VAL A 55 -4.67 -5.08 6.44
CA VAL A 55 -5.28 -5.34 7.76
C VAL A 55 -6.34 -4.30 8.13
N ASN A 56 -6.09 -3.02 7.84
CA ASN A 56 -7.04 -1.96 8.24
C ASN A 56 -7.04 -0.79 7.27
N SER A 57 -8.11 0.01 7.32
CA SER A 57 -8.25 1.21 6.50
C SER A 57 -9.14 2.23 7.21
N ASN A 58 -8.97 3.51 6.86
CA ASN A 58 -9.79 4.58 7.46
C ASN A 58 -11.01 4.90 6.54
N PRO A 59 -12.25 4.61 6.97
CA PRO A 59 -13.48 4.83 6.12
C PRO A 59 -13.87 6.33 6.00
N LEU A 60 -14.70 6.71 4.95
CA LEU A 60 -15.24 5.79 3.92
C LEU A 60 -14.33 5.78 2.69
N THR A 61 -13.66 4.64 2.45
CA THR A 61 -12.75 4.51 1.32
C THR A 61 -12.71 3.08 0.79
N GLU A 62 -13.01 2.92 -0.51
CA GLU A 62 -12.89 1.62 -1.17
C GLU A 62 -12.26 1.81 -2.55
N ALA A 63 -10.97 1.43 -2.67
CA ALA A 63 -10.20 1.53 -3.95
C ALA A 63 -8.69 1.36 -3.66
N PHE A 64 -8.30 0.14 -3.30
CA PHE A 64 -6.91 -0.16 -2.99
C PHE A 64 -6.59 -1.63 -3.22
N ARG A 65 -5.32 -1.90 -3.50
CA ARG A 65 -4.85 -3.25 -3.76
C ARG A 65 -3.34 -3.31 -3.56
N VAL A 66 -2.82 -4.49 -3.23
CA VAL A 66 -1.37 -4.66 -3.00
C VAL A 66 -0.80 -5.66 -4.03
N ASN A 67 0.28 -5.24 -4.73
CA ASN A 67 0.87 -6.08 -5.79
C ASN A 67 2.37 -6.29 -5.58
N TRP A 68 2.77 -7.56 -5.51
CA TRP A 68 4.20 -7.93 -5.40
C TRP A 68 4.82 -7.82 -6.79
N LEU A 69 5.49 -6.70 -7.06
CA LEU A 69 6.04 -6.41 -8.38
C LEU A 69 7.14 -7.41 -8.76
N SER A 70 8.12 -7.60 -7.87
CA SER A 70 9.22 -8.55 -8.11
C SER A 70 10.16 -8.61 -6.92
N GLY A 71 10.72 -9.80 -6.67
CA GLY A 71 11.70 -10.01 -5.60
C GLY A 71 11.26 -9.44 -4.24
N THR A 72 11.58 -8.14 -4.01
CA THR A 72 11.27 -7.48 -2.74
C THR A 72 10.60 -6.10 -2.94
N TYR A 73 10.13 -5.84 -4.16
CA TYR A 73 9.49 -4.57 -4.49
C TYR A 73 8.00 -4.78 -4.73
N PHE A 74 7.18 -3.86 -4.20
CA PHE A 74 5.73 -3.94 -4.38
C PHE A 74 5.10 -2.56 -4.42
N GLU A 75 3.90 -2.49 -5.00
CA GLU A 75 3.19 -1.22 -5.13
C GLU A 75 1.69 -1.39 -4.92
N VAL A 76 1.05 -0.30 -4.50
CA VAL A 76 -0.38 -0.29 -4.26
C VAL A 76 -1.12 0.11 -5.55
N VAL A 77 -2.14 -0.67 -5.90
CA VAL A 77 -2.92 -0.43 -7.11
C VAL A 77 -4.34 -0.01 -6.75
N THR A 78 -4.85 1.01 -7.47
CA THR A 78 -6.20 1.51 -7.21
C THR A 78 -7.15 0.98 -8.29
N THR A 79 -8.15 0.21 -7.84
CA THR A 79 -9.16 -0.38 -8.75
C THR A 79 -10.16 -1.22 -7.94
N GLY A 80 -10.85 -0.56 -7.02
CA GLY A 80 -11.83 -1.23 -6.17
C GLY A 80 -13.24 -1.19 -6.79
N MET A 81 -14.20 -1.75 -6.09
CA MET A 81 -15.59 -1.82 -6.57
C MET A 81 -16.30 -0.45 -6.55
N GLU A 82 -15.85 0.44 -5.65
CA GLU A 82 -16.48 1.78 -5.51
C GLU A 82 -15.50 2.90 -5.84
N GLN A 83 -15.99 3.91 -6.55
CA GLN A 83 -15.17 5.07 -6.94
C GLN A 83 -15.06 6.08 -5.80
N LEU A 84 -13.99 6.90 -5.82
CA LEU A 84 -13.76 7.91 -4.79
C LEU A 84 -13.86 9.33 -5.36
N ASP A 85 -14.58 10.21 -4.64
CA ASP A 85 -14.74 11.60 -5.06
C ASP A 85 -14.41 12.56 -3.91
N PHE A 86 -13.52 13.53 -4.19
CA PHE A 86 -13.09 14.51 -3.20
C PHE A 86 -14.30 15.35 -2.70
N GLU A 87 -15.10 15.85 -3.66
CA GLU A 87 -16.25 16.70 -3.33
C GLU A 87 -17.25 16.00 -2.40
N THR A 88 -17.17 14.66 -2.32
CA THR A 88 -18.07 13.90 -1.44
C THR A 88 -17.84 14.29 0.02
N GLY A 89 -16.55 14.41 0.41
CA GLY A 89 -16.21 14.77 1.78
C GLY A 89 -14.82 14.22 2.20
N PRO A 90 -14.54 12.91 2.03
CA PRO A 90 -13.22 12.33 2.45
C PRO A 90 -12.06 12.80 1.58
N ASN A 91 -10.87 12.87 2.19
CA ASN A 91 -9.65 13.31 1.49
C ASN A 91 -8.48 12.41 1.86
N ILE A 92 -8.36 12.05 3.14
CA ILE A 92 -7.26 11.20 3.60
C ILE A 92 -7.75 9.97 4.36
N PHE A 93 -7.05 8.83 4.15
CA PHE A 93 -7.35 7.61 4.88
C PHE A 93 -6.10 6.77 5.10
N ASP A 94 -5.95 6.27 6.34
CA ASP A 94 -4.79 5.46 6.71
C ASP A 94 -5.11 4.00 6.51
N LEU A 95 -4.16 3.28 5.94
CA LEU A 95 -4.32 1.87 5.62
C LEU A 95 -3.19 1.04 6.22
N GLN A 96 -3.53 0.22 7.22
CA GLN A 96 -2.55 -0.64 7.86
C GLN A 96 -2.26 -1.86 7.00
N ILE A 97 -1.01 -1.97 6.59
CA ILE A 97 -0.56 -3.08 5.76
C ILE A 97 0.46 -3.92 6.53
N TYR A 98 0.13 -5.19 6.72
CA TYR A 98 0.99 -6.12 7.44
C TYR A 98 1.76 -6.96 6.44
N VAL A 99 3.01 -7.28 6.76
CA VAL A 99 3.88 -8.05 5.84
C VAL A 99 4.44 -9.28 6.52
N LYS A 100 4.74 -10.27 5.69
CA LYS A 100 5.36 -11.51 6.15
C LYS A 100 6.14 -12.15 5.01
N ASP A 101 7.38 -12.51 5.30
CA ASP A 101 8.24 -13.18 4.33
C ASP A 101 8.19 -14.67 4.58
N GLU A 102 8.59 -15.46 3.57
CA GLU A 102 8.61 -16.92 3.71
C GLU A 102 9.52 -17.31 4.88
N VAL A 103 10.63 -16.58 5.03
CA VAL A 103 11.59 -16.81 6.11
C VAL A 103 10.93 -16.59 7.48
N GLY A 104 9.88 -15.73 7.54
CA GLY A 104 9.18 -15.44 8.79
C GLY A 104 9.45 -14.02 9.31
N VAL A 105 9.88 -13.12 8.41
CA VAL A 105 10.11 -11.70 8.76
C VAL A 105 8.82 -10.94 8.52
N THR A 106 8.33 -10.24 9.56
CA THR A 106 7.05 -9.53 9.47
C THR A 106 7.17 -8.10 9.91
N ASP A 107 6.18 -7.28 9.50
CA ASP A 107 6.17 -5.86 9.85
C ASP A 107 4.83 -5.20 9.54
N LEU A 108 4.49 -4.16 10.32
CA LEU A 108 3.23 -3.41 10.12
C LEU A 108 3.54 -2.01 9.60
N GLN A 109 2.82 -1.62 8.55
CA GLN A 109 3.03 -0.32 7.90
C GLN A 109 1.74 0.49 7.90
N VAL A 110 1.87 1.82 7.90
CA VAL A 110 0.70 2.72 7.86
C VAL A 110 0.75 3.53 6.55
N LEU A 111 -0.25 3.32 5.70
CA LEU A 111 -0.31 3.98 4.39
C LEU A 111 -1.46 4.99 4.32
N THR A 112 -1.12 6.28 4.26
CA THR A 112 -2.14 7.33 4.15
C THR A 112 -2.32 7.71 2.68
N VAL A 113 -3.58 7.73 2.22
CA VAL A 113 -3.89 8.03 0.82
C VAL A 113 -4.61 9.37 0.73
N GLN A 114 -4.06 10.28 -0.08
CA GLN A 114 -4.65 11.60 -0.29
C GLN A 114 -5.40 11.66 -1.62
N VAL A 115 -6.54 12.35 -1.60
CA VAL A 115 -7.39 12.49 -2.80
C VAL A 115 -7.35 13.94 -3.31
N THR A 116 -7.03 14.09 -4.60
CA THR A 116 -6.94 15.41 -5.23
C THR A 116 -8.13 15.59 -6.19
N ASP A 117 -8.81 16.74 -6.06
CA ASP A 117 -9.97 17.05 -6.89
C ASP A 117 -9.57 17.31 -8.34
N VAL A 118 -10.08 16.48 -9.24
CA VAL A 118 -9.79 16.60 -10.68
C VAL A 118 -11.09 16.85 -11.45
N ASN A 119 -11.09 17.90 -12.29
CA ASN A 119 -12.26 18.24 -13.10
C ASN A 119 -12.61 17.09 -14.03
N GLU A 120 -13.92 16.82 -14.15
CA GLU A 120 -14.41 15.71 -15.01
C GLU A 120 -15.62 16.13 -15.88
N PRO A 121 -15.88 15.42 -17.01
CA PRO A 121 -17.03 15.75 -17.92
C PRO A 121 -18.39 15.33 -17.30
N PRO A 122 -19.53 15.88 -17.78
CA PRO A 122 -20.89 15.53 -17.24
C PRO A 122 -21.13 14.02 -17.30
N GLY A 123 -21.79 13.49 -16.27
CA GLY A 123 -22.07 12.05 -16.19
C GLY A 123 -22.92 11.58 -17.36
N GLY A 124 -24.19 11.26 -17.08
CA GLY A 124 -25.12 10.77 -18.10
C GLY A 124 -26.10 11.86 -18.53
N THR A 125 -27.39 11.51 -18.53
CA THR A 125 -28.44 12.43 -18.92
C THR A 125 -29.30 12.79 -17.70
N LYS A 126 -29.49 14.09 -17.48
CA LYS A 126 -30.28 14.59 -16.34
C LYS A 126 -29.59 14.24 -15.02
CA CA B . -13.57 16.59 -6.75
CA CA C . -15.21 14.50 -9.28
CA CA D . -13.99 19.31 -10.77
N MET A 1 -0.12 -15.08 18.02
CA MET A 1 0.69 -16.21 17.52
C MET A 1 2.03 -15.68 17.03
N ALA A 2 1.99 -14.74 16.08
CA ALA A 2 3.20 -14.14 15.53
C ALA A 2 4.00 -13.44 16.62
N SER A 3 3.29 -12.74 17.51
CA SER A 3 3.92 -12.03 18.63
C SER A 3 4.63 -13.01 19.56
N ASP A 4 3.97 -14.15 19.82
CA ASP A 4 4.52 -15.19 20.68
C ASP A 4 5.82 -15.76 20.11
N TYR A 5 5.89 -15.85 18.78
CA TYR A 5 7.07 -16.36 18.09
C TYR A 5 8.28 -15.48 18.42
N LYS A 6 9.41 -16.11 18.77
CA LYS A 6 10.62 -15.37 19.12
C LYS A 6 11.27 -14.78 17.88
N ASP A 7 10.97 -13.49 17.63
CA ASP A 7 11.50 -12.78 16.47
C ASP A 7 11.51 -11.25 16.69
N ASP A 8 11.61 -10.83 17.97
CA ASP A 8 11.59 -9.41 18.32
C ASP A 8 12.74 -8.66 17.65
N ASP A 9 13.94 -9.27 17.66
CA ASP A 9 15.12 -8.66 17.02
C ASP A 9 15.39 -9.27 15.63
N ASP A 10 14.48 -10.13 15.15
CA ASP A 10 14.62 -10.77 13.83
C ASP A 10 13.70 -10.14 12.78
N LYS A 11 13.04 -9.01 13.13
CA LYS A 11 12.12 -8.35 12.21
C LYS A 11 12.86 -7.78 11.01
N LEU A 12 12.23 -7.87 9.84
CA LEU A 12 12.80 -7.35 8.59
C LEU A 12 12.33 -5.92 8.36
N HIS A 13 13.27 -5.04 8.02
CA HIS A 13 12.94 -3.63 7.78
C HIS A 13 12.89 -3.36 6.30
N LEU A 14 11.71 -2.93 5.83
CA LEU A 14 11.50 -2.63 4.43
C LEU A 14 12.13 -1.29 4.04
N ILE A 15 12.87 -1.31 2.91
CA ILE A 15 13.55 -0.11 2.41
C ILE A 15 12.52 0.92 1.94
N LEU A 16 12.80 2.21 2.25
CA LEU A 16 11.89 3.34 1.95
C LEU A 16 10.83 3.45 3.03
N LEU A 17 11.11 4.27 4.06
CA LEU A 17 10.22 4.40 5.20
C LEU A 17 8.78 4.75 4.73
N PRO A 18 7.73 4.10 5.30
CA PRO A 18 6.32 4.37 4.90
C PRO A 18 5.71 5.60 5.64
N ALA A 19 4.71 6.33 5.02
CA ALA A 19 4.19 6.06 3.66
C ALA A 19 3.27 7.19 3.19
N THR A 20 3.49 7.66 1.96
CA THR A 20 2.67 8.73 1.38
C THR A 20 2.06 8.26 0.05
N GLY A 21 0.75 8.46 -0.11
CA GLY A 21 0.04 8.05 -1.32
C GLY A 21 -0.53 9.25 -2.08
N ASN A 22 -0.30 9.28 -3.40
CA ASN A 22 -0.82 10.34 -4.26
C ASN A 22 -1.75 9.74 -5.32
N VAL A 23 -3.00 10.20 -5.34
CA VAL A 23 -4.00 9.69 -6.28
C VAL A 23 -4.70 10.84 -7.01
N ALA A 24 -4.77 10.73 -8.35
CA ALA A 24 -5.49 11.71 -9.16
C ALA A 24 -6.94 11.23 -9.29
N GLU A 25 -7.58 11.05 -8.13
CA GLU A 25 -8.93 10.49 -8.07
C GLU A 25 -8.91 9.04 -8.52
N ASN A 26 -10.07 8.39 -8.53
CA ASN A 26 -10.17 6.98 -8.93
C ASN A 26 -10.37 6.83 -10.44
N SER A 27 -10.01 7.87 -11.20
CA SER A 27 -10.20 7.88 -12.65
C SER A 27 -9.58 6.65 -13.34
N PRO A 28 -8.28 6.31 -13.08
CA PRO A 28 -7.63 5.14 -13.73
C PRO A 28 -7.64 3.87 -12.83
N PRO A 29 -8.28 2.76 -13.27
CA PRO A 29 -8.24 1.46 -12.50
C PRO A 29 -6.96 0.69 -12.80
N GLY A 30 -6.50 -0.10 -11.83
CA GLY A 30 -5.28 -0.91 -12.02
C GLY A 30 -4.02 -0.03 -12.10
N THR A 31 -4.08 1.13 -11.44
CA THR A 31 -2.95 2.07 -11.43
C THR A 31 -2.38 2.20 -10.01
N SER A 32 -1.05 2.09 -9.91
CA SER A 32 -0.38 2.17 -8.61
C SER A 32 -0.50 3.56 -8.03
N VAL A 33 -0.44 3.65 -6.69
CA VAL A 33 -0.53 4.94 -5.98
C VAL A 33 0.80 5.28 -5.28
N HIS A 34 1.47 4.24 -4.79
CA HIS A 34 2.76 4.40 -4.09
C HIS A 34 3.50 3.06 -4.07
N LYS A 35 4.84 3.12 -4.02
CA LYS A 35 5.66 1.90 -4.03
C LYS A 35 6.80 1.94 -3.02
N PHE A 36 7.26 0.75 -2.62
CA PHE A 36 8.37 0.60 -1.66
C PHE A 36 9.00 -0.79 -1.77
N SER A 37 10.15 -0.99 -1.10
CA SER A 37 10.88 -2.26 -1.19
C SER A 37 11.05 -2.92 0.17
N VAL A 38 11.17 -4.25 0.18
CA VAL A 38 11.36 -5.02 1.42
C VAL A 38 12.81 -5.53 1.49
N LYS A 39 13.50 -5.29 2.63
CA LYS A 39 14.88 -5.77 2.78
C LYS A 39 14.85 -7.27 3.03
N LEU A 40 15.52 -8.01 2.14
CA LEU A 40 15.55 -9.47 2.24
C LEU A 40 16.61 -9.94 3.21
N SER A 41 16.22 -10.88 4.06
CA SER A 41 17.12 -11.47 5.05
C SER A 41 18.28 -12.17 4.36
N ALA A 42 19.27 -12.57 5.17
CA ALA A 42 20.47 -13.23 4.65
C ALA A 42 20.12 -14.51 3.90
N SER A 43 19.14 -15.25 4.41
CA SER A 43 18.70 -16.51 3.78
C SER A 43 18.19 -16.27 2.36
N LEU A 44 17.54 -15.12 2.14
CA LEU A 44 17.01 -14.76 0.82
C LEU A 44 16.09 -15.86 0.27
N SER A 45 14.91 -16.01 0.89
CA SER A 45 13.94 -17.02 0.47
C SER A 45 13.16 -16.57 -0.79
N PRO A 46 12.51 -17.51 -1.53
CA PRO A 46 11.72 -17.16 -2.75
C PRO A 46 10.60 -16.16 -2.44
N VAL A 47 10.26 -15.32 -3.43
CA VAL A 47 9.21 -14.31 -3.24
C VAL A 47 7.91 -14.75 -3.94
N ILE A 48 6.85 -14.90 -3.14
CA ILE A 48 5.53 -15.31 -3.64
C ILE A 48 4.70 -14.08 -4.15
N PRO A 49 4.07 -14.15 -5.36
CA PRO A 49 3.23 -13.01 -5.88
C PRO A 49 2.01 -12.75 -5.00
N GLY A 50 1.50 -11.51 -5.03
CA GLY A 50 0.39 -11.12 -4.14
C GLY A 50 0.89 -10.96 -2.71
N PHE A 51 2.09 -10.37 -2.58
CA PHE A 51 2.76 -10.20 -1.31
C PHE A 51 1.80 -9.58 -0.23
N PRO A 52 1.69 -10.17 0.99
CA PRO A 52 0.80 -9.62 2.09
C PRO A 52 1.18 -8.16 2.46
N GLN A 53 0.19 -7.26 2.87
CA GLN A 53 -1.27 -7.56 3.00
C GLN A 53 -2.01 -6.29 3.46
N ILE A 54 -3.32 -6.24 3.22
CA ILE A 54 -4.16 -5.11 3.69
C ILE A 54 -4.90 -5.52 4.97
N VAL A 55 -4.60 -4.81 6.08
CA VAL A 55 -5.22 -5.15 7.38
C VAL A 55 -6.28 -4.11 7.80
N ASN A 56 -6.00 -2.81 7.58
CA ASN A 56 -6.95 -1.76 8.00
C ASN A 56 -6.87 -0.51 7.13
N SER A 57 -7.92 0.32 7.22
CA SER A 57 -8.01 1.57 6.48
C SER A 57 -8.88 2.57 7.23
N ASN A 58 -8.52 3.87 7.15
CA ASN A 58 -9.31 4.91 7.78
C ASN A 58 -10.50 5.27 6.84
N PRO A 59 -11.77 5.17 7.29
CA PRO A 59 -12.96 5.38 6.39
C PRO A 59 -13.11 6.86 5.97
N LEU A 60 -13.67 7.14 4.73
CA LEU A 60 -14.12 6.14 3.73
C LEU A 60 -13.03 5.85 2.71
N THR A 61 -12.88 4.57 2.34
CA THR A 61 -11.86 4.16 1.35
C THR A 61 -12.33 2.97 0.52
N GLU A 62 -12.06 3.02 -0.80
CA GLU A 62 -12.45 1.94 -1.71
C GLU A 62 -11.34 1.62 -2.73
N ALA A 63 -11.35 0.38 -3.23
CA ALA A 63 -10.41 -0.06 -4.28
C ALA A 63 -8.94 0.00 -3.84
N PHE A 64 -8.49 -1.08 -3.19
CA PHE A 64 -7.10 -1.20 -2.77
C PHE A 64 -6.58 -2.61 -3.01
N ARG A 65 -5.37 -2.69 -3.52
CA ARG A 65 -4.74 -3.97 -3.87
C ARG A 65 -3.22 -3.88 -3.66
N VAL A 66 -2.63 -4.98 -3.18
CA VAL A 66 -1.17 -5.03 -2.97
C VAL A 66 -0.52 -5.94 -4.03
N ASN A 67 0.48 -5.41 -4.75
CA ASN A 67 1.14 -6.17 -5.83
C ASN A 67 2.65 -6.12 -5.71
N TRP A 68 3.30 -7.23 -6.08
CA TRP A 68 4.75 -7.34 -6.08
C TRP A 68 5.28 -7.07 -7.49
N LEU A 69 5.98 -5.94 -7.65
CA LEU A 69 6.48 -5.52 -8.96
C LEU A 69 7.64 -6.39 -9.43
N SER A 70 8.75 -6.37 -8.68
CA SER A 70 9.92 -7.18 -9.01
C SER A 70 10.90 -7.25 -7.84
N GLY A 71 11.76 -8.27 -7.86
CA GLY A 71 12.78 -8.48 -6.82
C GLY A 71 12.23 -8.31 -5.40
N THR A 72 12.28 -7.07 -4.90
CA THR A 72 11.77 -6.75 -3.56
C THR A 72 10.75 -5.58 -3.60
N TYR A 73 10.61 -4.93 -4.77
CA TYR A 73 9.72 -3.80 -4.94
C TYR A 73 8.26 -4.24 -4.99
N PHE A 74 7.38 -3.47 -4.36
CA PHE A 74 5.94 -3.73 -4.38
C PHE A 74 5.16 -2.42 -4.22
N GLU A 75 3.90 -2.40 -4.67
CA GLU A 75 3.10 -1.18 -4.64
C GLU A 75 1.61 -1.46 -4.44
N VAL A 76 0.87 -0.41 -4.08
CA VAL A 76 -0.57 -0.48 -3.90
C VAL A 76 -1.28 0.01 -5.17
N VAL A 77 -2.24 -0.79 -5.64
CA VAL A 77 -2.96 -0.49 -6.89
C VAL A 77 -4.44 -0.23 -6.61
N THR A 78 -4.99 0.81 -7.26
CA THR A 78 -6.38 1.19 -7.07
C THR A 78 -7.33 0.38 -7.98
N THR A 79 -7.66 -0.83 -7.51
CA THR A 79 -8.59 -1.71 -8.22
C THR A 79 -9.58 -2.31 -7.23
N GLY A 80 -10.88 -2.22 -7.55
CA GLY A 80 -11.92 -2.76 -6.67
C GLY A 80 -13.32 -2.57 -7.26
N MET A 81 -14.30 -3.20 -6.61
CA MET A 81 -15.70 -3.16 -7.04
C MET A 81 -16.30 -1.74 -6.95
N GLU A 82 -15.95 -1.01 -5.88
CA GLU A 82 -16.53 0.32 -5.64
C GLU A 82 -15.51 1.43 -5.91
N GLN A 83 -15.96 2.47 -6.63
CA GLN A 83 -15.12 3.62 -6.97
C GLN A 83 -15.01 4.59 -5.80
N LEU A 84 -13.89 5.33 -5.74
CA LEU A 84 -13.66 6.31 -4.67
C LEU A 84 -13.76 7.74 -5.20
N ASP A 85 -14.66 8.53 -4.61
CA ASP A 85 -14.86 9.93 -5.03
C ASP A 85 -14.46 10.89 -3.92
N PHE A 86 -13.72 11.95 -4.30
CA PHE A 86 -13.24 12.96 -3.36
C PHE A 86 -14.43 13.64 -2.63
N GLU A 87 -15.46 14.01 -3.40
CA GLU A 87 -16.62 14.71 -2.84
C GLU A 87 -17.32 13.87 -1.77
N THR A 88 -17.41 12.56 -1.99
CA THR A 88 -18.07 11.66 -1.03
C THR A 88 -17.05 10.89 -0.17
N GLY A 89 -15.75 11.18 -0.33
CA GLY A 89 -14.70 10.51 0.43
C GLY A 89 -13.74 11.52 1.11
N PRO A 90 -13.06 11.14 2.23
CA PRO A 90 -12.11 12.06 2.93
C PRO A 90 -10.83 12.29 2.14
N ASN A 91 -10.21 13.46 2.34
CA ASN A 91 -8.99 13.82 1.64
C ASN A 91 -7.85 12.85 1.96
N ILE A 92 -7.69 12.52 3.27
CA ILE A 92 -6.62 11.62 3.70
C ILE A 92 -7.13 10.46 4.56
N PHE A 93 -6.54 9.27 4.35
CA PHE A 93 -6.86 8.09 5.16
C PHE A 93 -5.66 7.16 5.31
N ASP A 94 -5.52 6.59 6.51
CA ASP A 94 -4.38 5.73 6.85
C ASP A 94 -4.74 4.27 6.63
N LEU A 95 -3.77 3.52 6.09
CA LEU A 95 -3.96 2.07 5.86
C LEU A 95 -2.92 1.27 6.63
N GLN A 96 -3.37 0.23 7.30
CA GLN A 96 -2.49 -0.68 8.03
C GLN A 96 -2.14 -1.87 7.14
N ILE A 97 -0.94 -1.84 6.54
CA ILE A 97 -0.47 -2.94 5.68
C ILE A 97 0.59 -3.76 6.41
N TYR A 98 0.33 -5.08 6.50
CA TYR A 98 1.26 -5.99 7.16
C TYR A 98 1.96 -6.85 6.10
N VAL A 99 3.26 -7.11 6.28
CA VAL A 99 4.02 -7.89 5.32
C VAL A 99 4.60 -9.12 6.00
N LYS A 100 4.26 -10.30 5.47
CA LYS A 100 4.78 -11.56 5.99
C LYS A 100 5.74 -12.20 4.99
N ASP A 101 6.98 -12.37 5.43
CA ASP A 101 8.00 -13.00 4.63
C ASP A 101 7.80 -14.51 4.63
N GLU A 102 8.38 -15.18 3.63
CA GLU A 102 8.28 -16.63 3.54
C GLU A 102 8.89 -17.28 4.78
N VAL A 103 9.99 -16.69 5.27
CA VAL A 103 10.66 -17.18 6.47
C VAL A 103 9.72 -17.13 7.70
N GLY A 104 8.74 -16.22 7.69
CA GLY A 104 7.78 -16.10 8.79
C GLY A 104 7.97 -14.81 9.60
N VAL A 105 8.61 -13.80 9.00
CA VAL A 105 8.82 -12.50 9.66
C VAL A 105 7.69 -11.55 9.26
N THR A 106 7.16 -10.79 10.22
CA THR A 106 6.02 -9.91 9.97
C THR A 106 6.30 -8.46 10.39
N ASP A 107 5.73 -7.52 9.63
CA ASP A 107 5.90 -6.09 9.90
C ASP A 107 4.68 -5.29 9.43
N LEU A 108 4.14 -4.46 10.33
CA LEU A 108 2.96 -3.64 10.04
C LEU A 108 3.36 -2.18 9.82
N GLN A 109 2.75 -1.54 8.80
CA GLN A 109 3.06 -0.14 8.48
C GLN A 109 1.79 0.67 8.21
N VAL A 110 1.91 1.99 8.31
CA VAL A 110 0.78 2.90 8.10
C VAL A 110 0.97 3.67 6.78
N LEU A 111 0.01 3.51 5.86
CA LEU A 111 0.05 4.16 4.56
C LEU A 111 -1.06 5.17 4.42
N THR A 112 -0.68 6.44 4.30
CA THR A 112 -1.65 7.50 4.09
C THR A 112 -1.97 7.63 2.63
N VAL A 113 -3.24 7.87 2.31
CA VAL A 113 -3.68 8.02 0.92
C VAL A 113 -4.34 9.37 0.74
N GLN A 114 -3.85 10.15 -0.22
CA GLN A 114 -4.41 11.46 -0.53
C GLN A 114 -5.29 11.38 -1.77
N VAL A 115 -6.42 12.09 -1.71
CA VAL A 115 -7.38 12.09 -2.83
C VAL A 115 -7.38 13.47 -3.52
N THR A 116 -7.16 13.46 -4.85
CA THR A 116 -7.12 14.68 -5.64
C THR A 116 -8.27 14.69 -6.66
N ASP A 117 -9.02 15.79 -6.69
CA ASP A 117 -10.17 15.93 -7.59
C ASP A 117 -9.75 15.86 -9.05
N VAL A 118 -10.41 14.98 -9.81
CA VAL A 118 -10.13 14.83 -11.24
C VAL A 118 -11.22 15.55 -12.07
N ASN A 119 -10.80 16.15 -13.19
CA ASN A 119 -11.73 16.86 -14.06
C ASN A 119 -12.59 15.87 -14.85
N GLU A 120 -13.90 16.06 -14.80
CA GLU A 120 -14.84 15.18 -15.49
C GLU A 120 -15.91 15.99 -16.24
N PRO A 121 -16.51 15.46 -17.33
CA PRO A 121 -17.57 16.20 -18.10
C PRO A 121 -18.78 16.55 -17.20
N PRO A 122 -19.44 17.72 -17.41
CA PRO A 122 -20.61 18.13 -16.57
C PRO A 122 -21.71 17.07 -16.59
N GLY A 123 -22.34 16.84 -15.42
CA GLY A 123 -23.41 15.85 -15.30
C GLY A 123 -24.58 16.17 -16.21
N GLY A 124 -24.93 17.46 -16.28
CA GLY A 124 -26.04 17.92 -17.14
C GLY A 124 -27.38 17.63 -16.47
N THR A 125 -28.46 17.86 -17.24
CA THR A 125 -29.83 17.61 -16.74
C THR A 125 -30.48 16.39 -17.42
N LYS A 126 -29.92 15.96 -18.56
CA LYS A 126 -30.42 14.79 -19.30
C LYS A 126 -29.35 13.70 -19.37
CA CA B . -12.77 16.32 -5.82
CA CA C . -14.32 14.58 -8.51
CA CA D . -11.43 18.50 -10.55
N MET A 1 6.37 2.37 19.39
CA MET A 1 7.47 1.53 19.95
C MET A 1 8.32 0.97 18.82
N ALA A 2 9.59 1.38 18.79
CA ALA A 2 10.53 0.93 17.74
C ALA A 2 11.96 1.33 18.10
N SER A 3 12.12 2.58 18.54
CA SER A 3 13.43 3.11 18.92
C SER A 3 14.00 2.36 20.11
N ASP A 4 13.13 2.02 21.07
CA ASP A 4 13.54 1.30 22.29
C ASP A 4 13.92 -0.17 22.00
N TYR A 5 13.68 -0.63 20.76
CA TYR A 5 14.00 -2.00 20.38
C TYR A 5 15.50 -2.25 20.49
N LYS A 6 15.89 -3.36 21.10
CA LYS A 6 17.30 -3.72 21.24
C LYS A 6 17.76 -4.51 20.02
N ASP A 7 18.93 -4.13 19.48
CA ASP A 7 19.49 -4.80 18.31
C ASP A 7 18.56 -4.66 17.09
N ASP A 8 18.45 -3.42 16.59
CA ASP A 8 17.59 -3.12 15.45
C ASP A 8 18.00 -3.93 14.22
N ASP A 9 19.31 -4.09 14.02
CA ASP A 9 19.85 -4.84 12.88
C ASP A 9 19.60 -6.36 13.03
N ASP A 10 19.00 -6.78 14.16
CA ASP A 10 18.69 -8.19 14.42
C ASP A 10 17.57 -8.69 13.50
N LYS A 11 16.70 -7.76 13.06
CA LYS A 11 15.57 -8.10 12.19
C LYS A 11 15.51 -7.18 10.97
N LEU A 12 15.03 -7.73 9.86
CA LEU A 12 14.96 -7.01 8.58
C LEU A 12 13.84 -5.98 8.58
N HIS A 13 14.05 -4.90 7.84
CA HIS A 13 13.08 -3.81 7.72
C HIS A 13 12.84 -3.46 6.25
N LEU A 14 11.64 -2.95 5.96
CA LEU A 14 11.28 -2.56 4.60
C LEU A 14 11.93 -1.22 4.24
N ILE A 15 12.61 -1.19 3.08
CA ILE A 15 13.21 0.06 2.59
C ILE A 15 12.13 0.98 2.08
N LEU A 16 12.37 2.29 2.17
CA LEU A 16 11.36 3.32 1.84
C LEU A 16 10.40 3.43 3.01
N LEU A 17 10.72 4.34 3.95
CA LEU A 17 9.93 4.49 5.17
C LEU A 17 8.43 4.64 4.84
N PRO A 18 7.55 3.75 5.39
CA PRO A 18 6.08 3.83 5.09
C PRO A 18 5.39 5.02 5.81
N ALA A 19 4.36 5.68 5.18
CA ALA A 19 3.87 5.37 3.81
C ALA A 19 2.90 6.45 3.33
N THR A 20 2.98 6.78 2.04
CA THR A 20 2.10 7.80 1.45
C THR A 20 1.54 7.36 0.11
N GLY A 21 0.38 7.92 -0.25
CA GLY A 21 -0.27 7.62 -1.52
C GLY A 21 -0.77 8.90 -2.18
N ASN A 22 -0.72 8.95 -3.52
CA ASN A 22 -1.17 10.14 -4.27
C ASN A 22 -1.74 9.73 -5.63
N VAL A 23 -3.01 10.06 -5.85
CA VAL A 23 -3.69 9.73 -7.12
C VAL A 23 -4.69 10.83 -7.51
N ALA A 24 -4.90 11.00 -8.83
CA ALA A 24 -5.85 11.98 -9.34
C ALA A 24 -7.27 11.50 -9.11
N GLU A 25 -7.72 11.63 -7.85
CA GLU A 25 -9.04 11.15 -7.43
C GLU A 25 -9.20 9.66 -7.85
N ASN A 26 -10.44 9.17 -7.91
CA ASN A 26 -10.70 7.77 -8.31
C ASN A 26 -10.90 7.64 -9.83
N SER A 27 -10.64 8.75 -10.57
CA SER A 27 -10.83 8.76 -12.02
C SER A 27 -10.00 7.67 -12.74
N PRO A 28 -8.67 7.54 -12.47
CA PRO A 28 -7.82 6.53 -13.19
C PRO A 28 -7.88 5.12 -12.51
N PRO A 29 -8.32 4.06 -13.23
CA PRO A 29 -8.33 2.67 -12.69
C PRO A 29 -7.09 1.89 -13.14
N GLY A 30 -6.62 0.98 -12.28
CA GLY A 30 -5.48 0.13 -12.61
C GLY A 30 -4.16 0.92 -12.74
N THR A 31 -4.05 2.01 -11.98
CA THR A 31 -2.84 2.84 -12.00
C THR A 31 -2.15 2.84 -10.64
N SER A 32 -0.81 2.73 -10.66
CA SER A 32 -0.04 2.68 -9.41
C SER A 32 -0.03 4.04 -8.73
N VAL A 33 0.06 4.04 -7.39
CA VAL A 33 0.09 5.30 -6.62
C VAL A 33 1.42 5.47 -5.88
N HIS A 34 1.98 4.35 -5.39
CA HIS A 34 3.24 4.38 -4.63
C HIS A 34 3.83 2.97 -4.51
N LYS A 35 5.16 2.90 -4.33
CA LYS A 35 5.85 1.61 -4.21
C LYS A 35 6.77 1.57 -2.97
N PHE A 36 6.90 0.37 -2.40
CA PHE A 36 7.76 0.13 -1.23
C PHE A 36 8.57 -1.14 -1.46
N SER A 37 9.70 -1.31 -0.73
CA SER A 37 10.54 -2.52 -0.93
C SER A 37 10.94 -3.18 0.39
N VAL A 38 11.38 -4.43 0.29
CA VAL A 38 11.75 -5.25 1.45
C VAL A 38 13.24 -5.56 1.42
N LYS A 39 13.89 -5.55 2.60
CA LYS A 39 15.33 -5.82 2.68
C LYS A 39 15.60 -7.28 2.30
N LEU A 40 16.61 -7.46 1.43
CA LEU A 40 16.94 -8.78 0.90
C LEU A 40 17.47 -9.69 2.01
N SER A 41 16.76 -10.80 2.25
CA SER A 41 17.15 -11.77 3.27
C SER A 41 18.34 -12.60 2.81
N ALA A 42 19.06 -13.20 3.77
CA ALA A 42 20.21 -14.04 3.46
C ALA A 42 19.77 -15.25 2.63
N SER A 43 18.62 -15.83 3.02
CA SER A 43 18.06 -16.99 2.31
C SER A 43 17.68 -16.63 0.88
N LEU A 44 17.19 -15.40 0.69
CA LEU A 44 16.78 -14.91 -0.63
C LEU A 44 15.68 -15.82 -1.22
N SER A 45 14.79 -16.30 -0.35
CA SER A 45 13.70 -17.17 -0.76
C SER A 45 12.59 -16.36 -1.49
N PRO A 46 12.17 -16.74 -2.72
CA PRO A 46 11.10 -15.99 -3.47
C PRO A 46 9.81 -15.90 -2.66
N VAL A 47 9.15 -14.74 -2.74
CA VAL A 47 7.91 -14.51 -1.98
C VAL A 47 6.73 -15.25 -2.62
N ILE A 48 5.79 -15.67 -1.77
CA ILE A 48 4.60 -16.39 -2.23
C ILE A 48 3.58 -15.45 -2.92
N PRO A 49 2.66 -15.98 -3.75
CA PRO A 49 1.64 -15.13 -4.48
C PRO A 49 0.76 -14.35 -3.51
N GLY A 50 0.37 -13.12 -3.89
CA GLY A 50 -0.46 -12.28 -3.02
C GLY A 50 0.36 -11.73 -1.86
N PHE A 51 1.34 -10.89 -2.20
CA PHE A 51 2.26 -10.33 -1.19
C PHE A 51 1.46 -9.67 -0.03
N PRO A 52 1.62 -10.15 1.24
CA PRO A 52 0.90 -9.55 2.44
C PRO A 52 1.31 -8.06 2.66
N GLN A 53 0.37 -7.18 3.17
CA GLN A 53 -1.04 -7.51 3.54
C GLN A 53 -1.79 -6.23 3.94
N ILE A 54 -3.08 -6.16 3.59
CA ILE A 54 -3.93 -5.06 4.01
C ILE A 54 -4.78 -5.51 5.21
N VAL A 55 -4.58 -4.87 6.37
CA VAL A 55 -5.28 -5.26 7.60
C VAL A 55 -6.40 -4.27 7.96
N ASN A 56 -6.14 -2.97 7.80
CA ASN A 56 -7.15 -1.94 8.15
C ASN A 56 -7.06 -0.70 7.25
N SER A 57 -8.08 0.16 7.38
CA SER A 57 -8.15 1.41 6.61
C SER A 57 -8.97 2.44 7.38
N ASN A 58 -8.77 3.74 7.06
CA ASN A 58 -9.51 4.81 7.74
C ASN A 58 -10.70 5.30 6.84
N PRO A 59 -11.97 5.06 7.24
CA PRO A 59 -13.15 5.52 6.44
C PRO A 59 -13.32 7.06 6.49
N LEU A 60 -13.78 7.74 5.39
CA LEU A 60 -14.15 7.12 4.09
C LEU A 60 -12.90 6.62 3.35
N THR A 61 -13.02 5.46 2.71
CA THR A 61 -11.90 4.87 1.97
C THR A 61 -12.32 4.49 0.55
N GLU A 62 -11.32 4.32 -0.33
CA GLU A 62 -11.55 4.03 -1.75
C GLU A 62 -10.74 2.82 -2.22
N ALA A 63 -10.92 2.46 -3.50
CA ALA A 63 -10.24 1.31 -4.11
C ALA A 63 -8.77 1.23 -3.69
N PHE A 64 -8.30 0.02 -3.38
CA PHE A 64 -6.93 -0.21 -2.95
C PHE A 64 -6.50 -1.63 -3.28
N ARG A 65 -5.35 -1.77 -3.94
CA ARG A 65 -4.84 -3.08 -4.31
C ARG A 65 -3.32 -3.13 -4.18
N VAL A 66 -2.82 -4.24 -3.69
CA VAL A 66 -1.37 -4.45 -3.52
C VAL A 66 -0.86 -5.47 -4.52
N ASN A 67 0.17 -5.08 -5.29
CA ASN A 67 0.76 -5.98 -6.31
C ASN A 67 2.26 -6.13 -6.12
N TRP A 68 2.74 -7.36 -6.31
CA TRP A 68 4.16 -7.68 -6.19
C TRP A 68 4.82 -7.46 -7.56
N LEU A 69 5.65 -6.41 -7.66
CA LEU A 69 6.29 -6.05 -8.92
C LEU A 69 7.37 -7.05 -9.30
N SER A 70 8.42 -7.16 -8.46
CA SER A 70 9.50 -8.12 -8.70
C SER A 70 10.43 -8.21 -7.50
N GLY A 71 11.16 -9.32 -7.40
CA GLY A 71 12.14 -9.54 -6.32
C GLY A 71 11.61 -9.19 -4.92
N THR A 72 11.80 -7.91 -4.53
CA THR A 72 11.35 -7.43 -3.20
C THR A 72 10.61 -6.07 -3.31
N TYR A 73 10.16 -5.73 -4.52
CA TYR A 73 9.47 -4.46 -4.78
C TYR A 73 8.00 -4.70 -5.04
N PHE A 74 7.15 -3.82 -4.51
CA PHE A 74 5.71 -3.91 -4.70
C PHE A 74 5.08 -2.53 -4.68
N GLU A 75 3.90 -2.39 -5.31
CA GLU A 75 3.22 -1.10 -5.38
C GLU A 75 1.71 -1.22 -5.25
N VAL A 76 1.09 -0.10 -4.89
CA VAL A 76 -0.36 -0.04 -4.70
C VAL A 76 -1.02 0.44 -5.99
N VAL A 77 -2.07 -0.28 -6.41
CA VAL A 77 -2.82 0.05 -7.62
C VAL A 77 -4.25 0.44 -7.24
N THR A 78 -4.76 1.51 -7.86
CA THR A 78 -6.10 2.02 -7.55
C THR A 78 -7.18 1.27 -8.34
N THR A 79 -7.65 0.16 -7.77
CA THR A 79 -8.74 -0.63 -8.36
C THR A 79 -9.67 -1.09 -7.25
N GLY A 80 -10.93 -1.38 -7.60
CA GLY A 80 -11.90 -1.84 -6.60
C GLY A 80 -13.30 -1.99 -7.19
N MET A 81 -14.21 -2.46 -6.35
CA MET A 81 -15.59 -2.69 -6.73
C MET A 81 -16.34 -1.39 -7.09
N GLU A 82 -16.09 -0.31 -6.30
CA GLU A 82 -16.83 0.95 -6.51
C GLU A 82 -15.93 2.18 -6.52
N GLN A 83 -16.25 3.11 -7.44
CA GLN A 83 -15.52 4.38 -7.58
C GLN A 83 -15.90 5.33 -6.44
N LEU A 84 -14.89 5.99 -5.87
CA LEU A 84 -15.10 6.92 -4.74
C LEU A 84 -14.96 8.38 -5.18
N ASP A 85 -15.56 9.28 -4.39
CA ASP A 85 -15.55 10.72 -4.71
C ASP A 85 -14.98 11.54 -3.55
N PHE A 86 -14.18 12.56 -3.90
CA PHE A 86 -13.57 13.47 -2.92
C PHE A 86 -14.65 14.15 -2.06
N GLU A 87 -15.67 14.66 -2.72
CA GLU A 87 -16.75 15.38 -2.04
C GLU A 87 -17.46 14.50 -1.00
N THR A 88 -17.44 13.17 -1.22
CA THR A 88 -18.09 12.22 -0.32
C THR A 88 -17.46 12.26 1.08
N GLY A 89 -16.12 12.30 1.15
CA GLY A 89 -15.42 12.28 2.45
C GLY A 89 -13.96 12.84 2.36
N PRO A 90 -13.19 12.82 3.48
CA PRO A 90 -11.78 13.35 3.51
C PRO A 90 -10.86 12.64 2.50
N ASN A 91 -9.88 13.39 2.00
CA ASN A 91 -8.93 12.88 1.00
C ASN A 91 -7.81 12.03 1.62
N ILE A 92 -7.72 11.99 2.96
CA ILE A 92 -6.67 11.22 3.64
C ILE A 92 -7.23 10.07 4.47
N PHE A 93 -6.63 8.87 4.29
CA PHE A 93 -6.99 7.70 5.09
C PHE A 93 -5.81 6.78 5.32
N ASP A 94 -5.65 6.34 6.58
CA ASP A 94 -4.54 5.50 6.99
C ASP A 94 -4.88 4.03 6.85
N LEU A 95 -3.92 3.25 6.35
CA LEU A 95 -4.10 1.80 6.17
C LEU A 95 -3.10 1.01 7.02
N GLN A 96 -3.62 0.11 7.86
CA GLN A 96 -2.76 -0.78 8.66
C GLN A 96 -2.30 -1.92 7.78
N ILE A 97 -1.02 -1.90 7.42
CA ILE A 97 -0.46 -2.89 6.51
C ILE A 97 0.50 -3.85 7.24
N TYR A 98 0.23 -5.15 7.11
CA TYR A 98 1.06 -6.18 7.70
C TYR A 98 1.93 -6.81 6.60
N VAL A 99 3.22 -7.00 6.88
CA VAL A 99 4.16 -7.56 5.88
C VAL A 99 4.84 -8.81 6.43
N LYS A 100 4.83 -9.87 5.62
CA LYS A 100 5.45 -11.15 6.00
C LYS A 100 6.21 -11.77 4.81
N ASP A 101 7.43 -12.22 5.09
CA ASP A 101 8.29 -12.85 4.08
C ASP A 101 8.27 -14.37 4.22
N GLU A 102 8.87 -15.06 3.24
CA GLU A 102 8.95 -16.53 3.28
C GLU A 102 9.72 -16.99 4.52
N VAL A 103 10.77 -16.25 4.86
CA VAL A 103 11.59 -16.56 6.05
C VAL A 103 10.72 -16.47 7.32
N GLY A 104 9.69 -15.60 7.28
CA GLY A 104 8.79 -15.43 8.44
C GLY A 104 8.90 -14.03 9.08
N VAL A 105 9.57 -13.09 8.38
CA VAL A 105 9.72 -11.73 8.89
C VAL A 105 8.33 -11.12 9.15
N THR A 106 8.26 -10.11 10.01
CA THR A 106 6.98 -9.44 10.30
C THR A 106 7.17 -7.93 10.41
N ASP A 107 6.14 -7.18 9.96
CA ASP A 107 6.18 -5.71 10.05
C ASP A 107 4.80 -5.10 9.87
N LEU A 108 4.41 -4.23 10.80
CA LEU A 108 3.12 -3.52 10.72
C LEU A 108 3.35 -2.02 10.68
N GLN A 109 2.73 -1.36 9.71
CA GLN A 109 2.88 0.08 9.53
C GLN A 109 1.59 0.68 8.99
N VAL A 110 1.49 2.02 9.07
CA VAL A 110 0.30 2.73 8.60
C VAL A 110 0.59 3.46 7.29
N LEU A 111 -0.37 3.38 6.35
CA LEU A 111 -0.21 4.01 5.04
C LEU A 111 -1.32 5.02 4.78
N THR A 112 -0.94 6.28 4.66
CA THR A 112 -1.91 7.35 4.40
C THR A 112 -2.06 7.54 2.89
N VAL A 113 -3.31 7.54 2.42
CA VAL A 113 -3.61 7.70 1.00
C VAL A 113 -4.26 9.06 0.76
N GLN A 114 -3.65 9.86 -0.14
CA GLN A 114 -4.18 11.17 -0.47
C GLN A 114 -5.00 11.14 -1.74
N VAL A 115 -6.08 11.91 -1.75
CA VAL A 115 -6.98 12.00 -2.89
C VAL A 115 -6.98 13.43 -3.44
N THR A 116 -6.72 13.56 -4.74
CA THR A 116 -6.69 14.87 -5.40
C THR A 116 -8.04 15.13 -6.06
N ASP A 117 -8.60 16.31 -5.79
CA ASP A 117 -9.91 16.69 -6.31
C ASP A 117 -9.86 16.93 -7.82
N VAL A 118 -10.56 16.06 -8.57
CA VAL A 118 -10.62 16.17 -10.03
C VAL A 118 -12.03 16.65 -10.45
N ASN A 119 -12.06 17.72 -11.26
CA ASN A 119 -13.32 18.32 -11.69
C ASN A 119 -14.15 17.36 -12.53
N GLU A 120 -15.47 17.41 -12.33
CA GLU A 120 -16.41 16.56 -13.06
C GLU A 120 -17.60 17.40 -13.57
N PRO A 121 -18.29 16.99 -14.66
CA PRO A 121 -19.45 17.77 -15.23
C PRO A 121 -20.56 17.99 -14.16
N PRO A 122 -21.20 19.20 -14.12
CA PRO A 122 -22.28 19.47 -13.11
C PRO A 122 -23.57 18.71 -13.42
N GLY A 123 -24.30 18.36 -12.37
CA GLY A 123 -25.57 17.63 -12.49
C GLY A 123 -26.56 17.98 -11.38
N GLY A 124 -26.32 19.12 -10.70
CA GLY A 124 -27.18 19.55 -9.60
C GLY A 124 -26.78 18.87 -8.30
N THR A 125 -26.73 17.53 -8.33
CA THR A 125 -26.35 16.73 -7.16
C THR A 125 -27.13 17.17 -5.91
N LYS A 126 -28.23 16.46 -5.63
CA LYS A 126 -29.06 16.77 -4.46
C LYS A 126 -29.51 18.23 -4.49
CA CA B . -13.11 15.95 -7.10
CA CA C . -16.05 14.80 -7.63
CA CA D . -15.16 19.58 -9.49
N MET A 1 29.20 3.46 4.35
CA MET A 1 28.58 4.63 5.07
C MET A 1 27.88 4.11 6.33
N ALA A 2 28.46 4.43 7.49
CA ALA A 2 27.90 3.99 8.78
C ALA A 2 27.76 2.45 8.84
N SER A 3 28.68 1.76 8.16
CA SER A 3 28.69 0.29 8.14
C SER A 3 28.98 -0.31 9.52
N ASP A 4 29.61 0.49 10.40
CA ASP A 4 29.98 0.01 11.74
C ASP A 4 28.83 0.20 12.76
N TYR A 5 27.58 0.23 12.25
CA TYR A 5 26.40 0.38 13.11
C TYR A 5 25.48 -0.84 12.93
N LYS A 6 25.25 -1.58 14.03
CA LYS A 6 24.40 -2.78 13.98
C LYS A 6 23.65 -2.99 15.32
N ASP A 7 22.81 -2.01 15.67
CA ASP A 7 22.00 -2.09 16.90
C ASP A 7 20.57 -2.55 16.60
N ASP A 8 20.05 -2.15 15.43
CA ASP A 8 18.68 -2.50 15.02
C ASP A 8 18.67 -3.60 13.94
N ASP A 9 19.71 -4.43 13.91
CA ASP A 9 19.82 -5.51 12.90
C ASP A 9 19.18 -6.84 13.40
N ASP A 10 18.51 -6.79 14.56
CA ASP A 10 17.89 -7.98 15.14
C ASP A 10 16.66 -8.45 14.34
N LYS A 11 16.06 -7.53 13.58
CA LYS A 11 14.86 -7.85 12.78
C LYS A 11 15.01 -7.36 11.33
N LEU A 12 14.42 -8.10 10.39
CA LEU A 12 14.47 -7.72 8.98
C LEU A 12 13.41 -6.66 8.69
N HIS A 13 13.76 -5.70 7.83
CA HIS A 13 12.85 -4.60 7.48
C HIS A 13 12.88 -4.31 5.99
N LEU A 14 11.81 -3.66 5.52
CA LEU A 14 11.70 -3.32 4.11
C LEU A 14 12.22 -1.90 3.83
N ILE A 15 12.76 -1.71 2.63
CA ILE A 15 13.31 -0.41 2.21
C ILE A 15 12.18 0.59 1.86
N LEU A 16 12.33 1.84 2.35
CA LEU A 16 11.31 2.90 2.18
C LEU A 16 10.20 2.71 3.20
N LEU A 17 10.34 3.38 4.36
CA LEU A 17 9.38 3.24 5.46
C LEU A 17 7.95 3.64 5.00
N PRO A 18 6.95 2.73 5.07
CA PRO A 18 5.54 3.05 4.65
C PRO A 18 4.90 4.17 5.54
N ALA A 19 4.05 5.09 4.95
CA ALA A 19 3.72 5.15 3.51
C ALA A 19 2.93 6.41 3.16
N THR A 20 3.19 6.95 1.97
CA THR A 20 2.49 8.13 1.48
C THR A 20 1.89 7.86 0.08
N GLY A 21 0.61 8.19 -0.08
CA GLY A 21 -0.08 7.98 -1.37
C GLY A 21 -0.62 9.30 -1.92
N ASN A 22 -0.50 9.48 -3.25
CA ASN A 22 -0.98 10.70 -3.91
C ASN A 22 -1.42 10.41 -5.34
N VAL A 23 -2.71 10.62 -5.61
CA VAL A 23 -3.28 10.43 -6.95
C VAL A 23 -4.20 11.57 -7.34
N ALA A 24 -4.49 11.69 -8.65
CA ALA A 24 -5.39 12.72 -9.14
C ALA A 24 -6.83 12.24 -9.00
N GLU A 25 -7.37 12.39 -7.78
CA GLU A 25 -8.72 11.93 -7.45
C GLU A 25 -8.80 10.40 -7.60
N ASN A 26 -10.02 9.87 -7.49
CA ASN A 26 -10.28 8.42 -7.65
C ASN A 26 -10.54 8.06 -9.13
N SER A 27 -10.33 9.03 -10.04
CA SER A 27 -10.60 8.87 -11.47
C SER A 27 -9.78 7.74 -12.13
N PRO A 28 -8.44 7.68 -11.95
CA PRO A 28 -7.59 6.66 -12.68
C PRO A 28 -7.67 5.22 -12.08
N PRO A 29 -8.12 4.21 -12.87
CA PRO A 29 -8.11 2.78 -12.44
C PRO A 29 -6.85 2.08 -12.92
N GLY A 30 -6.34 1.14 -12.12
CA GLY A 30 -5.13 0.39 -12.48
C GLY A 30 -3.88 1.28 -12.45
N THR A 31 -3.93 2.35 -11.64
CA THR A 31 -2.81 3.28 -11.51
C THR A 31 -2.20 3.15 -10.12
N SER A 32 -0.89 2.94 -10.07
CA SER A 32 -0.18 2.77 -8.81
C SER A 32 -0.14 4.08 -8.03
N VAL A 33 -0.37 3.99 -6.72
CA VAL A 33 -0.34 5.17 -5.85
C VAL A 33 1.09 5.41 -5.34
N HIS A 34 1.75 4.31 -4.95
CA HIS A 34 3.12 4.38 -4.47
C HIS A 34 3.73 2.99 -4.46
N LYS A 35 5.06 2.92 -4.58
CA LYS A 35 5.77 1.63 -4.59
C LYS A 35 6.72 1.53 -3.40
N PHE A 36 6.99 0.30 -2.99
CA PHE A 36 7.84 0.03 -1.83
C PHE A 36 8.85 -1.06 -2.16
N SER A 37 9.99 -1.03 -1.48
CA SER A 37 11.03 -2.05 -1.66
C SER A 37 11.23 -2.78 -0.36
N VAL A 38 11.63 -4.05 -0.44
CA VAL A 38 11.82 -4.87 0.78
C VAL A 38 13.18 -5.56 0.79
N LYS A 39 13.79 -5.69 1.99
CA LYS A 39 15.09 -6.35 2.11
C LYS A 39 14.94 -7.85 1.84
N LEU A 40 15.91 -8.41 1.12
CA LEU A 40 15.87 -9.83 0.74
C LEU A 40 16.19 -10.71 1.96
N SER A 41 15.29 -11.67 2.24
CA SER A 41 15.45 -12.58 3.37
C SER A 41 16.74 -13.40 3.25
N ALA A 42 17.38 -13.65 4.39
CA ALA A 42 18.62 -14.42 4.45
C ALA A 42 18.41 -15.85 3.93
N SER A 43 17.27 -16.43 4.29
CA SER A 43 16.95 -17.82 3.90
C SER A 43 16.88 -17.99 2.37
N LEU A 44 16.64 -16.87 1.65
CA LEU A 44 16.55 -16.91 0.18
C LEU A 44 15.39 -17.82 -0.27
N SER A 45 14.32 -17.88 0.55
CA SER A 45 13.17 -18.72 0.24
C SER A 45 12.26 -18.07 -0.82
N PRO A 46 11.48 -18.86 -1.62
CA PRO A 46 10.57 -18.30 -2.67
C PRO A 46 9.56 -17.32 -2.07
N VAL A 47 9.22 -16.28 -2.83
CA VAL A 47 8.27 -15.27 -2.37
C VAL A 47 6.86 -15.57 -2.89
N ILE A 48 5.92 -15.75 -1.97
CA ILE A 48 4.53 -16.08 -2.32
C ILE A 48 3.85 -14.89 -3.10
N PRO A 49 3.14 -15.16 -4.23
CA PRO A 49 2.43 -14.08 -5.00
C PRO A 49 1.42 -13.35 -4.11
N GLY A 50 1.24 -12.04 -4.35
CA GLY A 50 0.35 -11.24 -3.51
C GLY A 50 1.05 -10.88 -2.22
N PHE A 51 2.12 -10.10 -2.34
CA PHE A 51 2.97 -9.75 -1.21
C PHE A 51 2.12 -9.22 0.00
N PRO A 52 2.40 -9.69 1.25
CA PRO A 52 1.64 -9.23 2.47
C PRO A 52 1.82 -7.73 2.73
N GLN A 53 0.77 -6.99 3.24
CA GLN A 53 -0.61 -7.51 3.57
C GLN A 53 -1.51 -6.32 3.92
N ILE A 54 -2.78 -6.39 3.53
CA ILE A 54 -3.75 -5.34 3.89
C ILE A 54 -4.61 -5.83 5.08
N VAL A 55 -4.52 -5.10 6.23
CA VAL A 55 -5.24 -5.52 7.44
C VAL A 55 -6.38 -4.54 7.81
N ASN A 56 -6.15 -3.23 7.67
CA ASN A 56 -7.19 -2.24 8.03
C ASN A 56 -7.17 -1.03 7.12
N SER A 57 -8.26 -0.26 7.16
CA SER A 57 -8.39 0.96 6.35
C SER A 57 -9.25 1.99 7.07
N ASN A 58 -9.07 3.27 6.70
CA ASN A 58 -9.88 4.35 7.28
C ASN A 58 -11.05 4.70 6.31
N PRO A 59 -12.33 4.44 6.67
CA PRO A 59 -13.49 4.70 5.76
C PRO A 59 -13.78 6.22 5.58
N LEU A 60 -14.24 6.68 4.35
CA LEU A 60 -14.45 5.82 3.16
C LEU A 60 -13.13 5.60 2.41
N THR A 61 -12.88 4.35 2.02
CA THR A 61 -11.64 4.01 1.30
C THR A 61 -11.96 3.49 -0.10
N GLU A 62 -11.35 4.13 -1.10
CA GLU A 62 -11.55 3.77 -2.51
C GLU A 62 -10.77 2.51 -2.87
N ALA A 63 -11.14 1.89 -4.00
CA ALA A 63 -10.52 0.63 -4.46
C ALA A 63 -8.98 0.65 -4.27
N PHE A 64 -8.45 -0.50 -3.82
CA PHE A 64 -7.01 -0.65 -3.56
C PHE A 64 -6.57 -2.11 -3.78
N ARG A 65 -5.27 -2.31 -4.10
CA ARG A 65 -4.73 -3.64 -4.36
C ARG A 65 -3.19 -3.65 -4.23
N VAL A 66 -2.67 -4.48 -3.33
CA VAL A 66 -1.22 -4.64 -3.21
C VAL A 66 -0.73 -5.60 -4.30
N ASN A 67 0.27 -5.16 -5.09
CA ASN A 67 0.77 -5.94 -6.22
C ASN A 67 2.28 -6.11 -6.16
N TRP A 68 2.73 -7.37 -6.21
CA TRP A 68 4.16 -7.69 -6.23
C TRP A 68 4.66 -7.66 -7.67
N LEU A 69 5.48 -6.64 -8.00
CA LEU A 69 5.96 -6.45 -9.38
C LEU A 69 7.03 -7.48 -9.73
N SER A 70 8.15 -7.45 -8.99
CA SER A 70 9.25 -8.39 -9.23
C SER A 70 10.29 -8.34 -8.12
N GLY A 71 11.07 -9.41 -8.02
CA GLY A 71 12.17 -9.51 -7.04
C GLY A 71 11.76 -9.07 -5.63
N THR A 72 11.91 -7.76 -5.34
CA THR A 72 11.60 -7.21 -4.01
C THR A 72 10.82 -5.88 -4.08
N TYR A 73 10.26 -5.59 -5.26
CA TYR A 73 9.52 -4.34 -5.47
C TYR A 73 8.02 -4.63 -5.63
N PHE A 74 7.19 -3.82 -4.97
CA PHE A 74 5.74 -3.96 -5.04
C PHE A 74 5.05 -2.61 -4.82
N GLU A 75 3.82 -2.47 -5.32
CA GLU A 75 3.07 -1.21 -5.15
C GLU A 75 1.57 -1.42 -5.02
N VAL A 76 0.90 -0.41 -4.47
CA VAL A 76 -0.54 -0.44 -4.29
C VAL A 76 -1.20 0.18 -5.53
N VAL A 77 -2.19 -0.53 -6.08
CA VAL A 77 -2.86 -0.11 -7.30
C VAL A 77 -4.35 0.14 -7.03
N THR A 78 -4.88 1.22 -7.61
CA THR A 78 -6.28 1.62 -7.42
C THR A 78 -7.23 0.79 -8.30
N THR A 79 -7.51 -0.44 -7.87
CA THR A 79 -8.45 -1.31 -8.58
C THR A 79 -9.42 -1.94 -7.60
N GLY A 80 -10.59 -2.36 -8.11
CA GLY A 80 -11.61 -2.98 -7.29
C GLY A 80 -12.97 -2.92 -7.96
N MET A 81 -13.99 -3.36 -7.23
CA MET A 81 -15.35 -3.41 -7.74
C MET A 81 -15.95 -2.02 -8.04
N GLU A 82 -15.67 -1.01 -7.18
CA GLU A 82 -16.27 0.34 -7.40
C GLU A 82 -15.36 1.50 -7.00
N GLN A 83 -15.63 2.67 -7.60
CA GLN A 83 -14.95 3.92 -7.30
C GLN A 83 -15.75 4.72 -6.26
N LEU A 84 -15.08 5.62 -5.53
CA LEU A 84 -15.77 6.42 -4.49
C LEU A 84 -15.76 7.92 -4.77
N ASP A 85 -16.79 8.61 -4.24
CA ASP A 85 -16.94 10.05 -4.38
C ASP A 85 -15.75 10.78 -3.75
N PHE A 86 -15.32 11.84 -4.42
CA PHE A 86 -14.12 12.60 -3.99
C PHE A 86 -14.48 13.58 -2.87
N GLU A 87 -15.49 14.43 -3.12
CA GLU A 87 -15.92 15.42 -2.14
C GLU A 87 -16.62 14.78 -0.94
N THR A 88 -17.50 13.81 -1.22
CA THR A 88 -18.22 13.10 -0.17
C THR A 88 -17.26 12.19 0.60
N GLY A 89 -16.37 11.52 -0.14
CA GLY A 89 -15.37 10.64 0.45
C GLY A 89 -14.27 11.45 1.14
N PRO A 90 -13.55 10.88 2.12
CA PRO A 90 -12.48 11.63 2.85
C PRO A 90 -11.24 11.85 2.00
N ASN A 91 -10.59 12.99 2.23
CA ASN A 91 -9.38 13.35 1.51
C ASN A 91 -8.27 12.34 1.78
N ILE A 92 -8.17 11.88 3.05
CA ILE A 92 -7.12 10.93 3.43
C ILE A 92 -7.68 9.71 4.17
N PHE A 93 -7.01 8.55 4.00
CA PHE A 93 -7.38 7.34 4.74
C PHE A 93 -6.16 6.49 5.05
N ASP A 94 -6.05 6.07 6.32
CA ASP A 94 -4.94 5.26 6.78
C ASP A 94 -5.23 3.79 6.52
N LEU A 95 -4.20 3.08 6.07
CA LEU A 95 -4.32 1.66 5.77
C LEU A 95 -3.28 0.88 6.56
N GLN A 96 -3.74 0.04 7.50
CA GLN A 96 -2.82 -0.79 8.28
C GLN A 96 -2.32 -1.93 7.43
N ILE A 97 -1.05 -1.86 7.07
CA ILE A 97 -0.43 -2.86 6.21
C ILE A 97 0.58 -3.69 7.02
N TYR A 98 0.35 -5.01 7.02
CA TYR A 98 1.20 -5.95 7.72
C TYR A 98 2.15 -6.59 6.71
N VAL A 99 3.42 -6.77 7.07
CA VAL A 99 4.40 -7.36 6.16
C VAL A 99 5.02 -8.58 6.83
N LYS A 100 4.94 -9.74 6.15
CA LYS A 100 5.49 -10.98 6.67
C LYS A 100 6.47 -11.60 5.68
N ASP A 101 7.71 -11.74 6.13
CA ASP A 101 8.75 -12.39 5.33
C ASP A 101 8.50 -13.89 5.30
N GLU A 102 9.07 -14.56 4.31
CA GLU A 102 8.90 -16.01 4.19
C GLU A 102 9.44 -16.72 5.45
N VAL A 103 10.55 -16.19 5.98
CA VAL A 103 11.16 -16.75 7.20
C VAL A 103 10.25 -16.59 8.43
N GLY A 104 9.38 -15.56 8.42
CA GLY A 104 8.44 -15.35 9.53
C GLY A 104 8.67 -14.02 10.27
N VAL A 105 9.35 -13.05 9.62
CA VAL A 105 9.58 -11.72 10.23
C VAL A 105 8.38 -10.83 9.92
N THR A 106 7.80 -10.22 10.96
CA THR A 106 6.59 -9.42 10.82
C THR A 106 6.82 -7.94 11.08
N ASP A 107 5.98 -7.09 10.47
CA ASP A 107 6.07 -5.64 10.63
C ASP A 107 4.76 -4.95 10.22
N LEU A 108 4.23 -4.09 11.11
CA LEU A 108 2.97 -3.37 10.84
C LEU A 108 3.24 -1.88 10.62
N GLN A 109 2.72 -1.36 9.50
CA GLN A 109 2.91 0.05 9.14
C GLN A 109 1.59 0.67 8.71
N VAL A 110 1.50 2.01 8.82
CA VAL A 110 0.29 2.75 8.45
C VAL A 110 0.52 3.49 7.13
N LEU A 111 -0.36 3.25 6.15
CA LEU A 111 -0.25 3.88 4.83
C LEU A 111 -1.42 4.84 4.60
N THR A 112 -1.10 6.13 4.48
CA THR A 112 -2.14 7.15 4.27
C THR A 112 -2.24 7.47 2.77
N VAL A 113 -3.47 7.43 2.25
CA VAL A 113 -3.70 7.70 0.82
C VAL A 113 -4.41 9.04 0.68
N GLN A 114 -3.79 9.94 -0.09
CA GLN A 114 -4.35 11.28 -0.32
C GLN A 114 -5.08 11.36 -1.65
N VAL A 115 -6.19 12.09 -1.63
CA VAL A 115 -7.00 12.31 -2.82
C VAL A 115 -6.88 13.76 -3.27
N THR A 116 -6.41 13.96 -4.51
CA THR A 116 -6.25 15.31 -5.07
C THR A 116 -7.45 15.61 -5.97
N ASP A 117 -8.13 16.73 -5.68
CA ASP A 117 -9.32 17.10 -6.43
C ASP A 117 -9.02 17.29 -7.91
N VAL A 118 -9.84 16.64 -8.75
CA VAL A 118 -9.72 16.73 -10.19
C VAL A 118 -11.06 17.15 -10.81
N ASN A 119 -11.03 18.23 -11.60
CA ASN A 119 -12.24 18.73 -12.26
C ASN A 119 -12.74 17.73 -13.29
N GLU A 120 -14.05 17.46 -13.25
CA GLU A 120 -14.67 16.48 -14.16
C GLU A 120 -15.90 17.09 -14.87
N PRO A 121 -16.31 16.57 -16.05
CA PRO A 121 -17.51 17.09 -16.80
C PRO A 121 -18.79 16.99 -15.93
N PRO A 122 -19.77 17.92 -16.08
CA PRO A 122 -21.02 17.89 -15.27
C PRO A 122 -21.73 16.55 -15.35
N GLY A 123 -21.72 15.94 -16.53
CA GLY A 123 -22.35 14.64 -16.75
C GLY A 123 -23.83 14.67 -16.38
N GLY A 124 -24.26 13.67 -15.62
CA GLY A 124 -25.67 13.58 -15.20
C GLY A 124 -25.83 14.02 -13.74
N THR A 125 -27.08 14.04 -13.28
CA THR A 125 -27.40 14.42 -11.90
C THR A 125 -28.38 13.43 -11.28
N LYS A 126 -28.45 13.42 -9.93
CA LYS A 126 -29.35 12.52 -9.20
C LYS A 126 -30.79 12.64 -9.74
CA CA B . -12.08 16.34 -6.07
CA CA C . -15.06 15.67 -8.00
CA CA D . -13.76 19.82 -9.80
N MET A 1 34.87 -2.71 9.11
CA MET A 1 34.18 -1.70 8.24
C MET A 1 34.24 -2.16 6.77
N ALA A 2 34.05 -3.47 6.57
CA ALA A 2 34.07 -4.06 5.22
C ALA A 2 32.68 -4.53 4.83
N SER A 3 32.53 -4.92 3.56
CA SER A 3 31.23 -5.40 3.05
C SER A 3 30.77 -6.64 3.80
N ASP A 4 31.73 -7.43 4.33
CA ASP A 4 31.42 -8.63 5.10
C ASP A 4 30.64 -8.27 6.36
N TYR A 5 30.98 -7.13 6.96
CA TYR A 5 30.31 -6.65 8.17
C TYR A 5 28.81 -6.48 7.89
N LYS A 6 27.98 -7.08 8.76
CA LYS A 6 26.53 -7.00 8.60
C LYS A 6 25.79 -7.49 9.86
N ASP A 7 25.70 -6.60 10.85
CA ASP A 7 24.97 -6.91 12.09
C ASP A 7 23.48 -6.53 11.99
N ASP A 8 23.07 -5.93 10.86
CA ASP A 8 21.68 -5.54 10.62
C ASP A 8 20.75 -6.77 10.58
N ASP A 9 21.33 -7.97 10.42
CA ASP A 9 20.54 -9.21 10.34
C ASP A 9 19.66 -9.40 11.58
N ASP A 10 20.05 -8.77 12.70
CA ASP A 10 19.26 -8.84 13.94
C ASP A 10 17.93 -8.07 13.79
N LYS A 11 17.93 -7.05 12.91
CA LYS A 11 16.73 -6.26 12.64
C LYS A 11 16.44 -6.21 11.14
N LEU A 12 15.31 -6.80 10.75
CA LEU A 12 14.89 -6.82 9.35
C LEU A 12 13.83 -5.74 9.11
N HIS A 13 14.09 -4.85 8.15
CA HIS A 13 13.17 -3.76 7.83
C HIS A 13 13.03 -3.53 6.34
N LEU A 14 11.92 -2.89 5.97
CA LEU A 14 11.60 -2.62 4.57
C LEU A 14 12.19 -1.27 4.14
N ILE A 15 12.90 -1.26 3.02
CA ILE A 15 13.51 -0.04 2.49
C ILE A 15 12.40 0.91 1.99
N LEU A 16 12.62 2.24 2.19
CA LEU A 16 11.63 3.30 1.86
C LEU A 16 10.68 3.50 3.02
N LEU A 17 11.02 4.44 3.91
CA LEU A 17 10.25 4.69 5.13
C LEU A 17 8.74 4.86 4.82
N PRO A 18 7.86 3.91 5.27
CA PRO A 18 6.37 4.03 5.07
C PRO A 18 5.78 5.28 5.80
N ALA A 19 4.70 5.94 5.24
CA ALA A 19 4.05 5.59 3.96
C ALA A 19 3.05 6.67 3.52
N THR A 20 3.04 6.99 2.21
CA THR A 20 2.12 8.00 1.66
C THR A 20 1.73 7.69 0.22
N GLY A 21 0.54 8.17 -0.20
CA GLY A 21 0.04 7.94 -1.56
C GLY A 21 -0.54 9.22 -2.17
N ASN A 22 -0.54 9.29 -3.50
CA ASN A 22 -1.07 10.47 -4.22
C ASN A 22 -1.64 10.09 -5.59
N VAL A 23 -2.95 10.30 -5.77
CA VAL A 23 -3.62 10.02 -7.06
C VAL A 23 -4.52 11.18 -7.47
N ALA A 24 -4.85 11.22 -8.78
CA ALA A 24 -5.75 12.25 -9.31
C ALA A 24 -7.19 11.72 -9.28
N GLU A 25 -7.81 11.80 -8.10
CA GLU A 25 -9.17 11.30 -7.91
C GLU A 25 -9.23 9.82 -8.31
N ASN A 26 -10.45 9.25 -8.33
CA ASN A 26 -10.66 7.87 -8.75
C ASN A 26 -10.83 7.77 -10.28
N SER A 27 -10.42 8.85 -11.00
CA SER A 27 -10.57 8.92 -12.45
C SER A 27 -9.70 7.87 -13.18
N PRO A 28 -8.38 7.77 -12.89
CA PRO A 28 -7.50 6.78 -13.58
C PRO A 28 -7.54 5.39 -12.88
N PRO A 29 -7.94 4.31 -13.59
CA PRO A 29 -7.96 2.93 -13.00
C PRO A 29 -6.59 2.26 -13.07
N GLY A 30 -6.28 1.42 -12.08
CA GLY A 30 -5.02 0.67 -12.08
C GLY A 30 -3.81 1.59 -11.83
N THR A 31 -4.03 2.68 -11.08
CA THR A 31 -2.95 3.63 -10.79
C THR A 31 -2.34 3.35 -9.40
N SER A 32 -1.03 3.10 -9.39
CA SER A 32 -0.31 2.83 -8.15
C SER A 32 -0.25 4.10 -7.29
N VAL A 33 -0.44 3.94 -5.98
CA VAL A 33 -0.37 5.07 -5.05
C VAL A 33 1.03 5.22 -4.46
N HIS A 34 1.67 4.07 -4.18
CA HIS A 34 3.01 4.08 -3.63
C HIS A 34 3.63 2.69 -3.70
N LYS A 35 4.96 2.64 -3.76
CA LYS A 35 5.69 1.38 -3.81
C LYS A 35 6.71 1.29 -2.67
N PHE A 36 6.93 0.08 -2.16
CA PHE A 36 7.86 -0.15 -1.06
C PHE A 36 8.79 -1.30 -1.37
N SER A 37 9.99 -1.26 -0.80
CA SER A 37 10.99 -2.30 -1.01
C SER A 37 11.30 -3.02 0.30
N VAL A 38 11.68 -4.30 0.19
CA VAL A 38 11.96 -5.14 1.37
C VAL A 38 13.42 -5.61 1.34
N LYS A 39 14.12 -5.55 2.50
CA LYS A 39 15.51 -6.00 2.56
C LYS A 39 15.59 -7.49 2.34
N LEU A 40 16.56 -7.92 1.54
CA LEU A 40 16.72 -9.33 1.20
C LEU A 40 17.05 -10.16 2.44
N SER A 41 16.38 -11.30 2.54
CA SER A 41 16.59 -12.22 3.65
C SER A 41 17.96 -12.91 3.54
N ALA A 42 18.46 -13.42 4.66
CA ALA A 42 19.76 -14.08 4.71
C ALA A 42 19.80 -15.32 3.82
N SER A 43 18.70 -16.09 3.84
CA SER A 43 18.63 -17.34 3.05
C SER A 43 18.05 -17.12 1.64
N LEU A 44 17.50 -15.91 1.39
CA LEU A 44 16.90 -15.60 0.08
C LEU A 44 15.87 -16.68 -0.31
N SER A 45 14.89 -16.88 0.57
CA SER A 45 13.84 -17.88 0.35
C SER A 45 12.87 -17.45 -0.77
N PRO A 46 12.21 -18.41 -1.47
CA PRO A 46 11.24 -18.07 -2.57
C PRO A 46 9.99 -17.39 -2.03
N VAL A 47 9.35 -16.58 -2.89
CA VAL A 47 8.15 -15.85 -2.50
C VAL A 47 6.90 -16.74 -2.58
N ILE A 48 5.87 -16.37 -1.81
CA ILE A 48 4.61 -17.11 -1.77
C ILE A 48 3.49 -16.28 -2.49
N PRO A 49 2.54 -16.93 -3.22
CA PRO A 49 1.42 -16.18 -3.89
C PRO A 49 0.52 -15.50 -2.87
N GLY A 50 -0.13 -14.39 -3.29
CA GLY A 50 -0.97 -13.61 -2.37
C GLY A 50 -0.09 -12.73 -1.51
N PHE A 51 0.61 -11.80 -2.17
CA PHE A 51 1.59 -10.96 -1.49
C PHE A 51 0.98 -10.24 -0.24
N PRO A 52 1.55 -10.43 0.98
CA PRO A 52 1.05 -9.74 2.22
C PRO A 52 1.33 -8.22 2.21
N GLN A 53 0.44 -7.37 2.83
CA GLN A 53 -0.84 -7.75 3.52
C GLN A 53 -1.67 -6.50 3.81
N ILE A 54 -2.98 -6.58 3.57
CA ILE A 54 -3.90 -5.48 3.89
C ILE A 54 -4.63 -5.81 5.20
N VAL A 55 -4.44 -4.96 6.23
CA VAL A 55 -5.06 -5.21 7.54
C VAL A 55 -6.22 -4.24 7.81
N ASN A 56 -6.06 -2.96 7.44
CA ASN A 56 -7.13 -1.96 7.70
C ASN A 56 -7.03 -0.73 6.80
N SER A 57 -8.15 -0.01 6.69
CA SER A 57 -8.22 1.23 5.90
C SER A 57 -9.17 2.23 6.57
N ASN A 58 -8.91 3.53 6.38
CA ASN A 58 -9.77 4.57 6.97
C ASN A 58 -10.90 4.97 5.96
N PRO A 59 -12.19 4.66 6.25
CA PRO A 59 -13.32 4.99 5.32
C PRO A 59 -13.71 6.49 5.34
N LEU A 60 -14.25 7.08 4.20
CA LEU A 60 -14.47 6.34 2.92
C LEU A 60 -13.14 6.18 2.20
N THR A 61 -12.99 5.05 1.48
CA THR A 61 -11.74 4.77 0.76
C THR A 61 -12.00 4.11 -0.59
N GLU A 62 -11.19 4.49 -1.58
CA GLU A 62 -11.26 3.91 -2.92
C GLU A 62 -10.74 2.49 -2.89
N ALA A 63 -11.26 1.65 -3.78
CA ALA A 63 -10.82 0.26 -3.86
C ALA A 63 -9.33 0.20 -4.16
N PHE A 64 -8.64 -0.74 -3.51
CA PHE A 64 -7.20 -0.89 -3.68
C PHE A 64 -6.77 -2.35 -3.52
N ARG A 65 -5.55 -2.65 -3.98
CA ARG A 65 -5.01 -4.00 -3.87
C ARG A 65 -3.47 -3.96 -3.85
N VAL A 66 -2.86 -5.04 -3.36
CA VAL A 66 -1.38 -5.12 -3.28
C VAL A 66 -0.85 -5.90 -4.48
N ASN A 67 0.07 -5.25 -5.22
CA ASN A 67 0.65 -5.85 -6.42
C ASN A 67 2.16 -5.99 -6.30
N TRP A 68 2.63 -7.24 -6.23
CA TRP A 68 4.05 -7.52 -6.15
C TRP A 68 4.69 -7.31 -7.53
N LEU A 69 5.63 -6.34 -7.62
CA LEU A 69 6.26 -6.02 -8.89
C LEU A 69 7.30 -7.08 -9.27
N SER A 70 8.33 -7.23 -8.42
CA SER A 70 9.36 -8.24 -8.66
C SER A 70 10.28 -8.36 -7.44
N GLY A 71 10.93 -9.52 -7.32
CA GLY A 71 11.90 -9.78 -6.24
C GLY A 71 11.38 -9.36 -4.85
N THR A 72 11.65 -8.11 -4.46
CA THR A 72 11.25 -7.59 -3.14
C THR A 72 10.54 -6.22 -3.24
N TYR A 73 9.97 -5.93 -4.41
CA TYR A 73 9.29 -4.65 -4.66
C TYR A 73 7.79 -4.87 -4.85
N PHE A 74 6.98 -3.97 -4.28
CA PHE A 74 5.52 -4.06 -4.41
C PHE A 74 4.86 -2.69 -4.25
N GLU A 75 3.63 -2.56 -4.77
CA GLU A 75 2.89 -1.30 -4.68
C GLU A 75 1.39 -1.54 -4.55
N VAL A 76 0.69 -0.54 -4.01
CA VAL A 76 -0.75 -0.59 -3.87
C VAL A 76 -1.38 0.09 -5.07
N VAL A 77 -2.35 -0.58 -5.71
CA VAL A 77 -2.98 -0.06 -6.93
C VAL A 77 -4.47 0.23 -6.68
N THR A 78 -4.92 1.39 -7.14
CA THR A 78 -6.31 1.83 -6.93
C THR A 78 -7.24 1.29 -8.02
N THR A 79 -8.54 1.38 -7.73
CA THR A 79 -9.59 0.93 -8.65
C THR A 79 -9.59 -0.58 -8.82
N GLY A 80 -10.33 -1.25 -7.94
CA GLY A 80 -10.46 -2.69 -7.96
C GLY A 80 -11.89 -3.08 -8.30
N MET A 81 -12.66 -3.42 -7.26
CA MET A 81 -14.06 -3.82 -7.43
C MET A 81 -14.90 -2.65 -8.00
N GLU A 82 -14.71 -1.44 -7.44
CA GLU A 82 -15.47 -0.25 -7.89
C GLU A 82 -14.77 1.05 -7.50
N GLN A 83 -15.02 2.12 -8.28
CA GLN A 83 -14.45 3.44 -8.01
C GLN A 83 -15.39 4.28 -7.14
N LEU A 84 -14.82 5.27 -6.42
CA LEU A 84 -15.61 6.14 -5.53
C LEU A 84 -15.38 7.62 -5.86
N ASP A 85 -16.42 8.42 -5.59
CA ASP A 85 -16.36 9.87 -5.83
C ASP A 85 -15.61 10.60 -4.72
N PHE A 86 -14.80 11.58 -5.11
CA PHE A 86 -14.02 12.38 -4.18
C PHE A 86 -14.93 13.15 -3.19
N GLU A 87 -15.98 13.76 -3.73
CA GLU A 87 -16.89 14.59 -2.93
C GLU A 87 -17.52 13.81 -1.79
N THR A 88 -17.87 12.54 -2.06
CA THR A 88 -18.54 11.69 -1.06
C THR A 88 -17.55 11.05 -0.06
N GLY A 89 -16.24 11.13 -0.35
CA GLY A 89 -15.22 10.52 0.54
C GLY A 89 -14.11 11.53 0.95
N PRO A 90 -13.40 11.28 2.08
CA PRO A 90 -12.30 12.20 2.54
C PRO A 90 -11.06 12.09 1.65
N ASN A 91 -10.29 13.18 1.57
CA ASN A 91 -9.09 13.23 0.75
C ASN A 91 -7.98 12.33 1.30
N ILE A 92 -7.98 12.10 2.64
CA ILE A 92 -6.93 11.27 3.26
C ILE A 92 -7.50 10.07 4.02
N PHE A 93 -6.82 8.92 3.86
CA PHE A 93 -7.19 7.70 4.59
C PHE A 93 -5.97 6.83 4.88
N ASP A 94 -5.90 6.33 6.11
CA ASP A 94 -4.77 5.52 6.57
C ASP A 94 -5.01 4.05 6.32
N LEU A 95 -3.94 3.36 5.92
CA LEU A 95 -4.00 1.92 5.64
C LEU A 95 -3.00 1.16 6.50
N GLN A 96 -3.49 0.21 7.28
CA GLN A 96 -2.61 -0.65 8.07
C GLN A 96 -2.20 -1.84 7.22
N ILE A 97 -0.96 -1.80 6.72
CA ILE A 97 -0.47 -2.85 5.82
C ILE A 97 0.65 -3.64 6.49
N TYR A 98 0.45 -4.96 6.55
CA TYR A 98 1.45 -5.88 7.14
C TYR A 98 2.26 -6.52 6.02
N VAL A 99 3.52 -6.85 6.31
CA VAL A 99 4.40 -7.52 5.33
C VAL A 99 5.02 -8.74 5.99
N LYS A 100 4.87 -9.90 5.34
CA LYS A 100 5.42 -11.16 5.86
C LYS A 100 6.27 -11.87 4.83
N ASP A 101 7.55 -12.09 5.17
CA ASP A 101 8.47 -12.84 4.31
C ASP A 101 8.24 -14.33 4.50
N GLU A 102 8.70 -15.12 3.53
CA GLU A 102 8.57 -16.58 3.63
C GLU A 102 9.28 -17.09 4.89
N VAL A 103 10.43 -16.49 5.19
CA VAL A 103 11.22 -16.85 6.37
C VAL A 103 10.44 -16.61 7.67
N GLY A 104 9.39 -15.75 7.60
CA GLY A 104 8.55 -15.48 8.77
C GLY A 104 8.81 -14.09 9.40
N VAL A 105 9.51 -13.21 8.66
CA VAL A 105 9.76 -11.84 9.14
C VAL A 105 8.48 -11.03 8.92
N THR A 106 8.00 -10.35 9.98
CA THR A 106 6.75 -9.60 9.91
C THR A 106 6.95 -8.14 10.26
N ASP A 107 6.10 -7.27 9.70
CA ASP A 107 6.18 -5.83 9.95
C ASP A 107 4.90 -5.11 9.52
N LEU A 108 4.37 -4.24 10.40
CA LEU A 108 3.14 -3.50 10.13
C LEU A 108 3.38 -1.98 10.16
N GLN A 109 2.89 -1.28 9.13
CA GLN A 109 3.01 0.18 9.05
C GLN A 109 1.69 0.81 8.59
N VAL A 110 1.64 2.14 8.63
CA VAL A 110 0.44 2.90 8.26
C VAL A 110 0.72 3.72 6.98
N LEU A 111 -0.17 3.56 6.00
CA LEU A 111 -0.05 4.24 4.71
C LEU A 111 -1.23 5.19 4.49
N THR A 112 -0.92 6.49 4.41
CA THR A 112 -1.96 7.50 4.18
C THR A 112 -2.07 7.78 2.68
N VAL A 113 -3.29 7.72 2.16
CA VAL A 113 -3.53 7.94 0.73
C VAL A 113 -4.21 9.27 0.50
N GLN A 114 -3.60 10.12 -0.34
CA GLN A 114 -4.16 11.42 -0.68
C GLN A 114 -4.89 11.35 -2.01
N VAL A 115 -6.05 12.01 -2.07
CA VAL A 115 -6.88 12.03 -3.28
C VAL A 115 -7.06 13.49 -3.74
N THR A 116 -6.79 13.74 -5.03
CA THR A 116 -6.90 15.07 -5.60
C THR A 116 -8.19 15.20 -6.43
N ASP A 117 -8.96 16.26 -6.16
CA ASP A 117 -10.22 16.49 -6.86
C ASP A 117 -9.99 16.73 -8.35
N VAL A 118 -10.68 15.94 -9.18
CA VAL A 118 -10.57 16.04 -10.64
C VAL A 118 -11.96 16.27 -11.27
N ASN A 119 -12.05 17.27 -12.14
CA ASN A 119 -13.31 17.60 -12.82
C ASN A 119 -13.55 16.69 -14.01
N GLU A 120 -14.69 15.97 -14.00
CA GLU A 120 -15.04 15.06 -15.09
C GLU A 120 -16.49 15.35 -15.60
N PRO A 121 -16.83 14.98 -16.86
CA PRO A 121 -18.21 15.22 -17.41
C PRO A 121 -19.27 14.34 -16.71
N PRO A 122 -20.56 14.77 -16.65
CA PRO A 122 -21.63 13.97 -15.97
C PRO A 122 -21.70 12.54 -16.50
N GLY A 123 -21.55 12.39 -17.81
CA GLY A 123 -21.58 11.07 -18.45
C GLY A 123 -22.99 10.45 -18.40
N GLY A 124 -24.02 11.31 -18.36
CA GLY A 124 -25.41 10.85 -18.29
C GLY A 124 -26.07 11.30 -16.99
N THR A 125 -27.03 10.50 -16.51
CA THR A 125 -27.78 10.80 -15.27
C THR A 125 -28.74 11.97 -15.47
N LYS A 126 -28.20 13.16 -15.71
CA LYS A 126 -29.02 14.36 -15.94
C LYS A 126 -29.21 14.62 -17.42
CA CA B . -14.01 16.34 -8.53
CA CA C . -16.17 13.63 -8.37
CA CA D . -16.74 16.93 -12.30
N MET A 1 26.56 -1.17 24.24
CA MET A 1 25.27 -1.26 23.49
C MET A 1 25.50 -0.98 21.99
N ALA A 2 26.75 -1.14 21.53
CA ALA A 2 27.09 -0.91 20.12
C ALA A 2 26.87 -2.17 19.25
N SER A 3 26.53 -3.31 19.90
CA SER A 3 26.30 -4.57 19.19
C SER A 3 25.14 -4.44 18.21
N ASP A 4 24.07 -3.75 18.63
CA ASP A 4 22.89 -3.54 17.78
C ASP A 4 23.03 -2.26 16.93
N TYR A 5 24.28 -1.88 16.63
CA TYR A 5 24.57 -0.68 15.86
C TYR A 5 25.30 -1.05 14.55
N LYS A 6 24.81 -0.50 13.44
CA LYS A 6 25.35 -0.78 12.08
C LYS A 6 24.96 -2.18 11.60
N ASP A 7 25.48 -3.22 12.27
CA ASP A 7 25.19 -4.61 11.86
C ASP A 7 23.69 -4.90 11.95
N ASP A 8 22.99 -4.67 10.83
CA ASP A 8 21.54 -4.91 10.76
C ASP A 8 21.21 -6.31 10.22
N ASP A 9 22.23 -7.19 10.14
CA ASP A 9 22.04 -8.55 9.63
C ASP A 9 21.05 -9.32 10.48
N ASP A 10 21.09 -9.10 11.81
CA ASP A 10 20.20 -9.79 12.75
C ASP A 10 18.80 -9.15 12.81
N LYS A 11 18.58 -8.05 12.04
CA LYS A 11 17.29 -7.38 12.01
C LYS A 11 16.93 -7.00 10.56
N LEU A 12 15.87 -7.61 10.03
CA LEU A 12 15.41 -7.32 8.66
C LEU A 12 14.20 -6.39 8.68
N HIS A 13 14.25 -5.37 7.83
CA HIS A 13 13.17 -4.40 7.74
C HIS A 13 13.04 -3.89 6.30
N LEU A 14 11.85 -3.43 5.93
CA LEU A 14 11.60 -2.93 4.58
C LEU A 14 12.28 -1.58 4.36
N ILE A 15 12.85 -1.39 3.16
CA ILE A 15 13.50 -0.12 2.80
C ILE A 15 12.45 0.85 2.24
N LEU A 16 12.61 2.15 2.62
CA LEU A 16 11.69 3.24 2.23
C LEU A 16 10.57 3.37 3.26
N LEU A 17 10.81 4.23 4.27
CA LEU A 17 9.85 4.44 5.36
C LEU A 17 8.43 4.72 4.80
N PRO A 18 7.46 3.76 4.89
CA PRO A 18 6.08 3.96 4.37
C PRO A 18 5.24 4.96 5.24
N ALA A 19 4.30 5.77 4.63
CA ALA A 19 4.03 5.80 3.16
C ALA A 19 3.14 6.97 2.79
N THR A 20 3.33 7.47 1.57
CA THR A 20 2.52 8.58 1.04
C THR A 20 1.87 8.16 -0.28
N GLY A 21 0.55 8.38 -0.37
CA GLY A 21 -0.22 8.01 -1.57
C GLY A 21 -0.90 9.22 -2.18
N ASN A 22 -0.99 9.22 -3.51
CA ASN A 22 -1.62 10.32 -4.24
C ASN A 22 -2.24 9.83 -5.55
N VAL A 23 -3.55 10.03 -5.69
CA VAL A 23 -4.28 9.60 -6.89
C VAL A 23 -5.28 10.68 -7.32
N ALA A 24 -5.44 10.84 -8.64
CA ALA A 24 -6.37 11.83 -9.19
C ALA A 24 -7.78 11.27 -9.30
N GLU A 25 -8.56 11.41 -8.23
CA GLU A 25 -9.94 10.91 -8.18
C GLU A 25 -10.00 9.45 -8.73
N ASN A 26 -11.21 8.97 -9.09
CA ASN A 26 -11.37 7.60 -9.62
C ASN A 26 -11.16 7.54 -11.15
N SER A 27 -10.75 8.67 -11.75
CA SER A 27 -10.54 8.74 -13.20
C SER A 27 -9.52 7.67 -13.69
N PRO A 28 -8.32 7.57 -13.07
CA PRO A 28 -7.30 6.56 -13.51
C PRO A 28 -7.55 5.16 -12.86
N PRO A 29 -7.78 4.09 -13.66
CA PRO A 29 -7.98 2.72 -13.12
C PRO A 29 -6.69 1.89 -13.18
N GLY A 30 -6.38 1.17 -12.09
CA GLY A 30 -5.20 0.31 -12.06
C GLY A 30 -3.91 1.13 -12.03
N THR A 31 -3.98 2.32 -11.44
CA THR A 31 -2.84 3.22 -11.35
C THR A 31 -2.24 3.15 -9.94
N SER A 32 -0.92 2.96 -9.89
CA SER A 32 -0.21 2.83 -8.63
C SER A 32 -0.23 4.14 -7.85
N VAL A 33 -0.14 4.03 -6.53
CA VAL A 33 -0.12 5.20 -5.66
C VAL A 33 1.23 5.32 -4.94
N HIS A 34 1.84 4.16 -4.62
CA HIS A 34 3.13 4.14 -3.94
C HIS A 34 3.76 2.75 -4.01
N LYS A 35 5.10 2.69 -4.08
CA LYS A 35 5.83 1.43 -4.12
C LYS A 35 6.84 1.36 -2.97
N PHE A 36 7.29 0.15 -2.62
CA PHE A 36 8.18 -0.05 -1.45
C PHE A 36 9.25 -1.08 -1.76
N SER A 37 10.28 -1.13 -0.90
CA SER A 37 11.36 -2.10 -1.05
C SER A 37 11.49 -2.96 0.20
N VAL A 38 11.95 -4.21 0.02
CA VAL A 38 12.07 -5.17 1.14
C VAL A 38 13.50 -5.72 1.22
N LYS A 39 14.09 -5.69 2.45
CA LYS A 39 15.44 -6.26 2.64
C LYS A 39 15.39 -7.78 2.52
N LEU A 40 16.43 -8.35 1.90
CA LEU A 40 16.52 -9.79 1.69
C LEU A 40 16.98 -10.49 2.99
N SER A 41 16.17 -11.45 3.43
CA SER A 41 16.46 -12.23 4.64
C SER A 41 17.63 -13.18 4.39
N ALA A 42 18.20 -13.69 5.49
CA ALA A 42 19.33 -14.62 5.40
C ALA A 42 18.93 -15.86 4.60
N SER A 43 17.69 -16.33 4.82
CA SER A 43 17.15 -17.48 4.09
C SER A 43 17.05 -17.18 2.58
N LEU A 44 17.00 -15.88 2.22
CA LEU A 44 16.88 -15.43 0.82
C LEU A 44 15.95 -16.32 -0.01
N SER A 45 14.93 -16.89 0.65
CA SER A 45 13.94 -17.73 -0.03
C SER A 45 13.00 -16.87 -0.90
N PRO A 46 12.44 -17.41 -2.01
CA PRO A 46 11.52 -16.63 -2.90
C PRO A 46 10.18 -16.36 -2.22
N VAL A 47 9.50 -15.30 -2.67
CA VAL A 47 8.21 -14.92 -2.10
C VAL A 47 7.05 -15.38 -3.01
N ILE A 48 6.02 -15.96 -2.40
CA ILE A 48 4.85 -16.46 -3.13
C ILE A 48 3.99 -15.28 -3.66
N PRO A 49 3.14 -15.50 -4.71
CA PRO A 49 2.27 -14.41 -5.28
C PRO A 49 1.23 -13.95 -4.27
N GLY A 50 0.79 -12.69 -4.41
CA GLY A 50 -0.16 -12.10 -3.47
C GLY A 50 0.58 -11.59 -2.24
N PHE A 51 1.45 -10.61 -2.46
CA PHE A 51 2.31 -10.06 -1.41
C PHE A 51 1.46 -9.51 -0.22
N PRO A 52 1.62 -10.04 1.02
CA PRO A 52 0.88 -9.51 2.23
C PRO A 52 1.25 -8.02 2.51
N GLN A 53 0.28 -7.14 2.94
CA GLN A 53 -1.15 -7.44 3.17
C GLN A 53 -1.88 -6.16 3.61
N ILE A 54 -3.19 -6.08 3.32
CA ILE A 54 -4.00 -4.94 3.77
C ILE A 54 -4.80 -5.35 5.02
N VAL A 55 -4.54 -4.67 6.16
CA VAL A 55 -5.22 -5.02 7.42
C VAL A 55 -6.25 -3.97 7.81
N ASN A 56 -5.92 -2.68 7.63
CA ASN A 56 -6.87 -1.61 8.01
C ASN A 56 -6.79 -0.41 7.08
N SER A 57 -7.83 0.41 7.12
CA SER A 57 -7.94 1.62 6.33
C SER A 57 -8.88 2.59 7.01
N ASN A 58 -8.57 3.89 6.89
CA ASN A 58 -9.41 4.92 7.49
C ASN A 58 -10.64 5.19 6.57
N PRO A 59 -11.89 5.00 7.08
CA PRO A 59 -13.14 5.13 6.23
C PRO A 59 -13.54 6.60 5.94
N LEU A 60 -14.38 6.85 4.87
CA LEU A 60 -14.94 5.81 3.95
C LEU A 60 -14.09 5.71 2.69
N THR A 61 -13.33 4.61 2.56
CA THR A 61 -12.51 4.40 1.38
C THR A 61 -12.35 2.92 1.04
N GLU A 62 -12.77 2.54 -0.17
CA GLU A 62 -12.60 1.16 -0.65
C GLU A 62 -12.13 1.16 -2.10
N ALA A 63 -10.83 0.83 -2.30
CA ALA A 63 -10.23 0.80 -3.67
C ALA A 63 -8.69 0.62 -3.59
N PHE A 64 -8.24 -0.46 -2.91
CA PHE A 64 -6.81 -0.72 -2.76
C PHE A 64 -6.49 -2.20 -2.95
N ARG A 65 -5.31 -2.46 -3.51
CA ARG A 65 -4.80 -3.81 -3.67
C ARG A 65 -3.29 -3.79 -3.64
N VAL A 66 -2.69 -4.96 -3.41
CA VAL A 66 -1.23 -5.09 -3.36
C VAL A 66 -0.71 -5.85 -4.56
N ASN A 67 0.39 -5.36 -5.15
CA ASN A 67 0.96 -5.97 -6.35
C ASN A 67 2.48 -6.00 -6.31
N TRP A 68 3.04 -7.21 -6.20
CA TRP A 68 4.49 -7.39 -6.22
C TRP A 68 5.01 -7.10 -7.62
N LEU A 69 6.04 -6.23 -7.72
CA LEU A 69 6.59 -5.83 -9.01
C LEU A 69 7.70 -6.76 -9.46
N SER A 70 8.78 -6.85 -8.67
CA SER A 70 9.91 -7.72 -8.99
C SER A 70 10.90 -7.82 -7.82
N GLY A 71 11.51 -8.99 -7.69
CA GLY A 71 12.51 -9.26 -6.66
C GLY A 71 12.03 -8.89 -5.25
N THR A 72 12.24 -7.63 -4.86
CA THR A 72 11.86 -7.16 -3.51
C THR A 72 11.01 -5.87 -3.54
N TYR A 73 10.50 -5.51 -4.73
CA TYR A 73 9.69 -4.31 -4.89
C TYR A 73 8.21 -4.66 -5.02
N PHE A 74 7.35 -3.87 -4.38
CA PHE A 74 5.89 -4.07 -4.48
C PHE A 74 5.15 -2.73 -4.35
N GLU A 75 3.91 -2.67 -4.85
CA GLU A 75 3.15 -1.41 -4.86
C GLU A 75 1.66 -1.63 -4.58
N VAL A 76 0.99 -0.52 -4.27
CA VAL A 76 -0.45 -0.52 -4.02
C VAL A 76 -1.15 0.08 -5.25
N VAL A 77 -2.18 -0.62 -5.74
CA VAL A 77 -2.90 -0.19 -6.95
C VAL A 77 -4.37 0.11 -6.63
N THR A 78 -4.88 1.22 -7.20
CA THR A 78 -6.24 1.69 -6.93
C THR A 78 -7.25 1.17 -7.96
N THR A 79 -8.53 1.30 -7.60
CA THR A 79 -9.67 0.88 -8.44
C THR A 79 -9.75 -0.63 -8.59
N GLY A 80 -10.45 -1.26 -7.65
CA GLY A 80 -10.65 -2.71 -7.67
C GLY A 80 -12.13 -3.05 -7.62
N MET A 81 -12.54 -3.69 -6.52
CA MET A 81 -13.95 -4.06 -6.33
C MET A 81 -14.83 -2.80 -6.26
N GLU A 82 -14.33 -1.77 -5.57
CA GLU A 82 -15.06 -0.49 -5.44
C GLU A 82 -14.20 0.67 -5.90
N GLN A 83 -14.85 1.76 -6.32
CA GLN A 83 -14.14 2.96 -6.77
C GLN A 83 -13.90 3.94 -5.62
N LEU A 84 -12.83 4.73 -5.73
CA LEU A 84 -12.46 5.70 -4.68
C LEU A 84 -13.00 7.09 -5.02
N ASP A 85 -13.94 7.59 -4.20
CA ASP A 85 -14.54 8.91 -4.43
C ASP A 85 -14.15 9.91 -3.33
N PHE A 86 -13.77 11.12 -3.76
CA PHE A 86 -13.40 12.20 -2.84
C PHE A 86 -14.59 12.58 -1.93
N GLU A 87 -15.76 12.71 -2.55
CA GLU A 87 -16.97 13.14 -1.84
C GLU A 87 -17.34 12.17 -0.71
N THR A 88 -17.14 10.87 -0.95
CA THR A 88 -17.51 9.83 0.01
C THR A 88 -16.70 9.88 1.32
N GLY A 89 -15.49 10.48 1.28
CA GLY A 89 -14.64 10.53 2.50
C GLY A 89 -13.61 11.68 2.47
N PRO A 90 -12.86 11.90 3.59
CA PRO A 90 -11.84 13.00 3.68
C PRO A 90 -10.72 12.84 2.64
N ASN A 91 -9.92 13.89 2.48
CA ASN A 91 -8.82 13.90 1.52
C ASN A 91 -7.80 12.79 1.84
N ILE A 92 -7.53 12.58 3.14
CA ILE A 92 -6.52 11.57 3.55
C ILE A 92 -7.12 10.41 4.39
N PHE A 93 -6.55 9.20 4.19
CA PHE A 93 -6.94 8.01 4.99
C PHE A 93 -5.69 7.18 5.29
N ASP A 94 -5.57 6.69 6.53
CA ASP A 94 -4.42 5.86 6.92
C ASP A 94 -4.73 4.39 6.70
N LEU A 95 -3.78 3.66 6.11
CA LEU A 95 -3.95 2.23 5.81
C LEU A 95 -2.89 1.39 6.52
N GLN A 96 -3.34 0.44 7.35
CA GLN A 96 -2.41 -0.46 8.03
C GLN A 96 -2.08 -1.64 7.12
N ILE A 97 -0.81 -1.72 6.73
CA ILE A 97 -0.34 -2.77 5.83
C ILE A 97 0.66 -3.69 6.56
N TYR A 98 0.34 -4.98 6.60
CA TYR A 98 1.17 -5.99 7.27
C TYR A 98 2.01 -6.75 6.24
N VAL A 99 3.31 -6.96 6.53
CA VAL A 99 4.20 -7.65 5.58
C VAL A 99 4.75 -8.92 6.22
N LYS A 100 4.56 -10.06 5.54
CA LYS A 100 5.06 -11.35 6.04
C LYS A 100 6.03 -11.97 5.04
N ASP A 101 7.23 -12.29 5.54
CA ASP A 101 8.27 -12.93 4.73
C ASP A 101 8.05 -14.43 4.67
N GLU A 102 8.74 -15.10 3.75
CA GLU A 102 8.63 -16.54 3.59
C GLU A 102 9.08 -17.26 4.88
N VAL A 103 10.11 -16.72 5.52
CA VAL A 103 10.66 -17.29 6.76
C VAL A 103 9.60 -17.27 7.88
N GLY A 104 8.71 -16.26 7.85
CA GLY A 104 7.65 -16.13 8.86
C GLY A 104 7.82 -14.88 9.74
N VAL A 105 8.57 -13.89 9.22
CA VAL A 105 8.79 -12.63 9.94
C VAL A 105 7.74 -11.63 9.47
N THR A 106 7.11 -10.90 10.43
CA THR A 106 6.03 -9.99 10.10
C THR A 106 6.28 -8.58 10.63
N ASP A 107 5.60 -7.60 10.00
CA ASP A 107 5.74 -6.19 10.37
C ASP A 107 4.53 -5.36 9.90
N LEU A 108 3.94 -4.57 10.83
CA LEU A 108 2.78 -3.72 10.49
C LEU A 108 3.23 -2.27 10.26
N GLN A 109 2.80 -1.72 9.13
CA GLN A 109 3.15 -0.35 8.73
C GLN A 109 1.88 0.43 8.38
N VAL A 110 2.02 1.76 8.17
CA VAL A 110 0.87 2.61 7.85
C VAL A 110 1.07 3.34 6.52
N LEU A 111 -0.04 3.54 5.80
CA LEU A 111 -0.01 4.20 4.49
C LEU A 111 -1.14 5.22 4.36
N THR A 112 -0.75 6.49 4.22
CA THR A 112 -1.72 7.56 4.01
C THR A 112 -2.05 7.67 2.54
N VAL A 113 -3.35 7.82 2.23
CA VAL A 113 -3.78 7.95 0.82
C VAL A 113 -4.46 9.30 0.60
N GLN A 114 -3.88 10.10 -0.31
CA GLN A 114 -4.43 11.42 -0.64
C GLN A 114 -5.39 11.33 -1.81
N VAL A 115 -6.46 12.12 -1.75
CA VAL A 115 -7.48 12.13 -2.80
C VAL A 115 -7.61 13.54 -3.39
N THR A 116 -7.57 13.62 -4.73
CA THR A 116 -7.68 14.90 -5.44
C THR A 116 -9.02 14.96 -6.19
N ASP A 117 -9.72 16.08 -6.01
CA ASP A 117 -11.03 16.28 -6.66
C ASP A 117 -10.84 16.68 -8.12
N VAL A 118 -11.24 15.78 -9.03
CA VAL A 118 -11.11 16.03 -10.48
C VAL A 118 -12.50 16.02 -11.14
N ASN A 119 -12.80 17.10 -11.86
CA ASN A 119 -14.09 17.24 -12.56
C ASN A 119 -14.09 16.42 -13.85
N GLU A 120 -15.24 15.80 -14.14
CA GLU A 120 -15.39 14.98 -15.35
C GLU A 120 -16.80 15.17 -15.97
N PRO A 121 -17.00 14.86 -17.27
CA PRO A 121 -18.34 15.01 -17.93
C PRO A 121 -19.44 14.20 -17.19
N PRO A 122 -20.68 14.74 -17.04
CA PRO A 122 -21.78 14.02 -16.33
C PRO A 122 -22.32 12.84 -17.15
N GLY A 123 -22.78 11.80 -16.43
CA GLY A 123 -23.34 10.61 -17.07
C GLY A 123 -23.78 9.59 -16.02
N GLY A 124 -24.45 8.52 -16.50
CA GLY A 124 -24.93 7.47 -15.60
C GLY A 124 -26.05 7.96 -14.69
N THR A 125 -26.82 8.94 -15.15
CA THR A 125 -27.92 9.52 -14.38
C THR A 125 -29.04 8.50 -14.17
N LYS A 126 -29.25 7.63 -15.16
CA LYS A 126 -30.29 6.60 -15.09
C LYS A 126 -30.23 5.68 -16.32
CA CA B . -13.65 14.43 -6.32
CA CA C . -16.48 13.96 -8.07
CA CA D . -13.41 17.90 -9.54
N MET A 1 14.88 -14.31 32.13
CA MET A 1 13.72 -14.55 31.21
C MET A 1 14.22 -15.08 29.88
N ALA A 2 13.50 -16.04 29.31
CA ALA A 2 13.87 -16.64 28.02
C ALA A 2 13.08 -16.00 26.87
N SER A 3 11.76 -16.13 26.93
CA SER A 3 10.88 -15.59 25.88
C SER A 3 10.96 -14.05 25.83
N ASP A 4 11.11 -13.43 27.02
CA ASP A 4 11.19 -11.97 27.13
C ASP A 4 12.44 -11.42 26.41
N TYR A 5 13.46 -12.29 26.23
CA TYR A 5 14.72 -11.89 25.59
C TYR A 5 14.42 -11.21 24.24
N LYS A 6 15.06 -10.06 24.02
CA LYS A 6 14.86 -9.29 22.78
C LYS A 6 15.66 -9.91 21.65
N ASP A 7 14.96 -10.24 20.56
CA ASP A 7 15.58 -10.83 19.38
C ASP A 7 15.34 -9.96 18.12
N ASP A 8 15.16 -8.65 18.34
CA ASP A 8 14.92 -7.71 17.22
C ASP A 8 16.25 -7.16 16.63
N ASP A 9 17.40 -7.61 17.18
CA ASP A 9 18.71 -7.16 16.70
C ASP A 9 18.92 -7.57 15.24
N ASP A 10 18.44 -8.76 14.89
CA ASP A 10 18.56 -9.27 13.52
C ASP A 10 17.28 -9.01 12.70
N LYS A 11 16.31 -8.26 13.28
CA LYS A 11 15.06 -7.96 12.60
C LYS A 11 15.32 -7.16 11.33
N LEU A 12 14.71 -7.59 10.22
CA LEU A 12 14.86 -6.93 8.94
C LEU A 12 13.76 -5.89 8.75
N HIS A 13 14.04 -4.88 7.92
CA HIS A 13 13.08 -3.80 7.67
C HIS A 13 12.88 -3.60 6.17
N LEU A 14 11.76 -2.96 5.81
CA LEU A 14 11.42 -2.74 4.41
C LEU A 14 12.08 -1.47 3.88
N ILE A 15 12.65 -1.56 2.68
CA ILE A 15 13.28 -0.41 2.04
C ILE A 15 12.20 0.59 1.60
N LEU A 16 12.50 1.89 1.77
CA LEU A 16 11.54 2.98 1.49
C LEU A 16 10.57 3.12 2.65
N LEU A 17 10.93 4.00 3.60
CA LEU A 17 10.15 4.20 4.82
C LEU A 17 8.65 4.50 4.46
N PRO A 18 7.68 3.65 4.89
CA PRO A 18 6.23 3.86 4.58
C PRO A 18 5.59 4.99 5.44
N ALA A 19 4.51 5.69 4.95
CA ALA A 19 3.90 5.47 3.60
C ALA A 19 2.91 6.59 3.27
N THR A 20 2.93 7.04 2.01
CA THR A 20 2.04 8.10 1.55
C THR A 20 1.65 7.90 0.08
N GLY A 21 0.47 8.42 -0.29
CA GLY A 21 -0.03 8.28 -1.66
C GLY A 21 -0.59 9.61 -2.18
N ASN A 22 -0.47 9.81 -3.50
CA ASN A 22 -0.98 11.03 -4.13
C ASN A 22 -1.41 10.76 -5.58
N VAL A 23 -2.71 10.91 -5.84
CA VAL A 23 -3.27 10.71 -7.19
C VAL A 23 -4.26 11.81 -7.55
N ALA A 24 -4.53 11.96 -8.86
CA ALA A 24 -5.50 12.93 -9.33
C ALA A 24 -6.91 12.38 -9.16
N GLU A 25 -7.38 12.41 -7.91
CA GLU A 25 -8.69 11.88 -7.56
C GLU A 25 -8.74 10.36 -7.90
N ASN A 26 -9.95 9.79 -7.87
CA ASN A 26 -10.13 8.35 -8.17
C ASN A 26 -10.34 8.10 -9.69
N SER A 27 -10.12 9.13 -10.50
CA SER A 27 -10.34 9.04 -11.95
C SER A 27 -9.52 7.90 -12.61
N PRO A 28 -8.19 7.79 -12.37
CA PRO A 28 -7.36 6.74 -13.03
C PRO A 28 -7.45 5.36 -12.31
N PRO A 29 -7.91 4.28 -12.99
CA PRO A 29 -7.93 2.90 -12.43
C PRO A 29 -6.70 2.11 -12.89
N GLY A 30 -6.26 1.14 -12.08
CA GLY A 30 -5.11 0.30 -12.45
C GLY A 30 -3.80 1.08 -12.49
N THR A 31 -3.69 2.09 -11.62
CA THR A 31 -2.48 2.92 -11.55
C THR A 31 -1.95 2.94 -10.13
N SER A 32 -0.62 2.93 -10.00
CA SER A 32 0.01 2.91 -8.69
C SER A 32 -0.17 4.23 -7.95
N VAL A 33 -0.21 4.13 -6.62
CA VAL A 33 -0.33 5.31 -5.77
C VAL A 33 0.96 5.50 -4.94
N HIS A 34 1.56 4.36 -4.55
CA HIS A 34 2.79 4.35 -3.77
C HIS A 34 3.49 3.02 -3.93
N LYS A 35 4.84 3.05 -3.90
CA LYS A 35 5.62 1.82 -4.06
C LYS A 35 6.71 1.72 -2.98
N PHE A 36 7.06 0.47 -2.66
CA PHE A 36 8.08 0.19 -1.64
C PHE A 36 8.55 -1.24 -1.78
N SER A 37 9.65 -1.59 -1.09
CA SER A 37 10.23 -2.94 -1.21
C SER A 37 10.68 -3.49 0.13
N VAL A 38 10.96 -4.79 0.13
CA VAL A 38 11.38 -5.50 1.34
C VAL A 38 12.88 -5.83 1.28
N LYS A 39 13.58 -5.59 2.40
CA LYS A 39 15.02 -5.88 2.46
C LYS A 39 15.23 -7.38 2.37
N LEU A 40 16.14 -7.80 1.49
CA LEU A 40 16.40 -9.21 1.25
C LEU A 40 16.85 -9.92 2.52
N SER A 41 16.24 -11.07 2.78
CA SER A 41 16.56 -11.89 3.93
C SER A 41 17.76 -12.80 3.65
N ALA A 42 18.42 -13.24 4.71
CA ALA A 42 19.58 -14.13 4.59
C ALA A 42 19.21 -15.45 3.92
N SER A 43 18.02 -15.96 4.24
CA SER A 43 17.53 -17.22 3.68
C SER A 43 17.40 -17.12 2.17
N LEU A 44 16.93 -15.96 1.70
CA LEU A 44 16.74 -15.71 0.27
C LEU A 44 15.70 -16.67 -0.34
N SER A 45 14.71 -17.06 0.48
CA SER A 45 13.64 -17.94 0.02
C SER A 45 12.66 -17.20 -0.92
N PRO A 46 12.00 -17.89 -1.87
CA PRO A 46 11.02 -17.24 -2.80
C PRO A 46 9.74 -16.85 -2.05
N VAL A 47 9.01 -15.87 -2.61
CA VAL A 47 7.78 -15.39 -1.97
C VAL A 47 6.54 -15.98 -2.63
N ILE A 48 5.57 -16.38 -1.81
CA ILE A 48 4.31 -16.97 -2.29
C ILE A 48 3.42 -15.88 -2.95
N PRO A 49 2.63 -16.21 -4.00
CA PRO A 49 1.72 -15.20 -4.66
C PRO A 49 0.76 -14.58 -3.66
N GLY A 50 0.47 -13.28 -3.84
CA GLY A 50 -0.39 -12.55 -2.91
C GLY A 50 0.41 -12.10 -1.71
N PHE A 51 1.40 -11.23 -1.96
CA PHE A 51 2.31 -10.76 -0.92
C PHE A 51 1.54 -10.12 0.27
N PRO A 52 1.78 -10.58 1.54
CA PRO A 52 1.11 -9.99 2.76
C PRO A 52 1.41 -8.48 2.91
N GLN A 53 0.43 -7.60 3.32
CA GLN A 53 -1.00 -7.93 3.63
C GLN A 53 -1.76 -6.65 3.97
N ILE A 54 -3.07 -6.62 3.68
CA ILE A 54 -3.91 -5.48 4.07
C ILE A 54 -4.71 -5.89 5.32
N VAL A 55 -4.44 -5.19 6.45
CA VAL A 55 -5.11 -5.52 7.72
C VAL A 55 -6.20 -4.49 8.07
N ASN A 56 -5.92 -3.21 7.84
CA ASN A 56 -6.91 -2.17 8.17
C ASN A 56 -6.88 -1.00 7.19
N SER A 57 -7.95 -0.19 7.24
CA SER A 57 -8.07 0.99 6.39
C SER A 57 -8.96 2.03 7.06
N ASN A 58 -8.80 3.30 6.68
CA ASN A 58 -9.64 4.37 7.22
C ASN A 58 -10.84 4.61 6.26
N PRO A 59 -12.09 4.30 6.68
CA PRO A 59 -13.30 4.46 5.79
C PRO A 59 -13.49 5.92 5.30
N LEU A 60 -14.00 6.15 4.03
CA LEU A 60 -14.41 5.09 3.07
C LEU A 60 -13.23 4.76 2.14
N THR A 61 -12.78 3.50 2.17
CA THR A 61 -11.66 3.07 1.33
C THR A 61 -12.15 2.05 0.28
N GLU A 62 -12.02 2.43 -1.00
CA GLU A 62 -12.44 1.57 -2.11
C GLU A 62 -11.43 1.58 -3.25
N ALA A 63 -11.43 0.53 -4.06
CA ALA A 63 -10.56 0.44 -5.24
C ALA A 63 -9.08 0.54 -4.86
N PHE A 64 -8.59 -0.50 -4.16
CA PHE A 64 -7.20 -0.57 -3.75
C PHE A 64 -6.74 -2.02 -3.66
N ARG A 65 -5.47 -2.26 -3.96
CA ARG A 65 -4.90 -3.61 -3.90
C ARG A 65 -3.37 -3.56 -3.83
N VAL A 66 -2.75 -4.69 -3.43
CA VAL A 66 -1.29 -4.77 -3.32
C VAL A 66 -0.75 -5.64 -4.46
N ASN A 67 0.24 -5.10 -5.20
CA ASN A 67 0.80 -5.80 -6.36
C ASN A 67 2.30 -6.06 -6.19
N TRP A 68 2.66 -7.35 -6.15
CA TRP A 68 4.06 -7.75 -6.08
C TRP A 68 4.69 -7.56 -7.45
N LEU A 69 5.46 -6.47 -7.60
CA LEU A 69 6.03 -6.10 -8.89
C LEU A 69 7.15 -7.07 -9.32
N SER A 70 8.22 -7.14 -8.52
CA SER A 70 9.34 -8.03 -8.81
C SER A 70 10.20 -8.23 -7.56
N GLY A 71 10.77 -9.43 -7.43
CA GLY A 71 11.66 -9.78 -6.31
C GLY A 71 11.09 -9.36 -4.96
N THR A 72 11.39 -8.11 -4.55
CA THR A 72 10.92 -7.57 -3.26
C THR A 72 10.15 -6.24 -3.46
N TYR A 73 10.19 -5.68 -4.69
CA TYR A 73 9.51 -4.42 -4.99
C TYR A 73 8.02 -4.64 -5.22
N PHE A 74 7.19 -3.75 -4.64
CA PHE A 74 5.74 -3.84 -4.79
C PHE A 74 5.08 -2.50 -4.54
N GLU A 75 3.85 -2.34 -5.05
CA GLU A 75 3.11 -1.09 -4.93
C GLU A 75 1.61 -1.30 -4.78
N VAL A 76 0.91 -0.24 -4.36
CA VAL A 76 -0.54 -0.27 -4.19
C VAL A 76 -1.21 0.30 -5.46
N VAL A 77 -2.20 -0.44 -6.00
CA VAL A 77 -2.87 -0.04 -7.24
C VAL A 77 -4.33 0.32 -6.97
N THR A 78 -4.79 1.42 -7.61
CA THR A 78 -6.16 1.89 -7.45
C THR A 78 -7.14 1.02 -8.28
N THR A 79 -7.21 -0.25 -7.87
CA THR A 79 -8.11 -1.23 -8.50
C THR A 79 -8.70 -2.13 -7.42
N GLY A 80 -10.01 -2.37 -7.50
CA GLY A 80 -10.69 -3.20 -6.51
C GLY A 80 -12.17 -3.36 -6.84
N MET A 81 -12.94 -3.85 -5.86
CA MET A 81 -14.37 -4.13 -6.05
C MET A 81 -15.17 -2.88 -6.41
N GLU A 82 -14.86 -1.75 -5.74
CA GLU A 82 -15.62 -0.51 -5.97
C GLU A 82 -14.69 0.70 -6.10
N GLN A 83 -15.19 1.74 -6.77
CA GLN A 83 -14.45 3.00 -6.96
C GLN A 83 -14.40 3.82 -5.66
N LEU A 84 -13.40 4.70 -5.56
CA LEU A 84 -13.22 5.55 -4.37
C LEU A 84 -13.94 6.89 -4.56
N ASP A 85 -14.87 7.21 -3.65
CA ASP A 85 -15.62 8.46 -3.71
C ASP A 85 -14.68 9.65 -3.57
N PHE A 86 -14.89 10.67 -4.41
CA PHE A 86 -14.05 11.87 -4.40
C PHE A 86 -14.52 12.92 -3.39
N GLU A 87 -15.82 13.26 -3.44
CA GLU A 87 -16.38 14.26 -2.53
C GLU A 87 -16.87 13.62 -1.23
N THR A 88 -17.73 12.60 -1.37
CA THR A 88 -18.29 11.90 -0.21
C THR A 88 -17.18 11.20 0.58
N GLY A 89 -16.24 10.59 -0.14
CA GLY A 89 -15.14 9.87 0.48
C GLY A 89 -14.10 10.86 1.05
N PRO A 90 -13.52 10.59 2.25
CA PRO A 90 -12.50 11.50 2.86
C PRO A 90 -11.28 11.66 1.95
N ASN A 91 -10.66 12.84 2.01
CA ASN A 91 -9.48 13.14 1.19
C ASN A 91 -8.34 12.19 1.53
N ILE A 92 -8.17 11.87 2.83
CA ILE A 92 -7.08 10.97 3.26
C ILE A 92 -7.60 9.75 4.04
N PHE A 93 -6.92 8.61 3.83
CA PHE A 93 -7.24 7.38 4.57
C PHE A 93 -6.01 6.52 4.83
N ASP A 94 -5.86 6.08 6.08
CA ASP A 94 -4.70 5.29 6.50
C ASP A 94 -4.98 3.81 6.42
N LEU A 95 -3.98 3.05 5.98
CA LEU A 95 -4.10 1.59 5.86
C LEU A 95 -3.02 0.87 6.64
N GLN A 96 -3.44 -0.09 7.48
CA GLN A 96 -2.50 -0.90 8.25
C GLN A 96 -2.08 -2.09 7.41
N ILE A 97 -0.86 -2.00 6.87
CA ILE A 97 -0.33 -3.06 5.99
C ILE A 97 0.70 -3.89 6.76
N TYR A 98 0.47 -5.20 6.84
CA TYR A 98 1.37 -6.12 7.54
C TYR A 98 2.27 -6.81 6.52
N VAL A 99 3.54 -7.03 6.87
CA VAL A 99 4.49 -7.69 5.97
C VAL A 99 5.10 -8.90 6.65
N LYS A 100 5.02 -10.07 6.00
CA LYS A 100 5.57 -11.29 6.56
C LYS A 100 6.38 -12.07 5.52
N ASP A 101 7.64 -12.35 5.87
CA ASP A 101 8.54 -13.13 5.03
C ASP A 101 8.30 -14.61 5.27
N GLU A 102 8.80 -15.44 4.36
CA GLU A 102 8.66 -16.89 4.49
C GLU A 102 9.37 -17.37 5.76
N VAL A 103 10.51 -16.74 6.08
CA VAL A 103 11.29 -17.08 7.28
C VAL A 103 10.46 -16.82 8.55
N GLY A 104 9.55 -15.82 8.49
CA GLY A 104 8.69 -15.49 9.65
C GLY A 104 8.88 -14.04 10.13
N VAL A 105 9.57 -13.21 9.33
CA VAL A 105 9.76 -11.79 9.67
C VAL A 105 8.39 -11.11 9.73
N THR A 106 8.28 -10.04 10.52
CA THR A 106 6.99 -9.33 10.67
C THR A 106 7.17 -7.83 10.82
N ASP A 107 6.27 -7.06 10.17
CA ASP A 107 6.30 -5.59 10.25
C ASP A 107 4.96 -4.98 9.83
N LEU A 108 4.41 -4.11 10.68
CA LEU A 108 3.14 -3.44 10.39
C LEU A 108 3.39 -1.95 10.11
N GLN A 109 2.81 -1.44 9.03
CA GLN A 109 3.02 -0.03 8.63
C GLN A 109 1.70 0.66 8.30
N VAL A 110 1.72 2.00 8.29
CA VAL A 110 0.54 2.81 8.01
C VAL A 110 0.70 3.49 6.64
N LEU A 111 -0.26 3.22 5.74
CA LEU A 111 -0.26 3.78 4.39
C LEU A 111 -1.39 4.78 4.24
N THR A 112 -1.02 6.07 4.08
CA THR A 112 -2.02 7.13 3.91
C THR A 112 -2.19 7.46 2.43
N VAL A 113 -3.44 7.46 1.97
CA VAL A 113 -3.74 7.76 0.55
C VAL A 113 -4.46 9.10 0.45
N GLN A 114 -3.86 10.03 -0.30
CA GLN A 114 -4.45 11.35 -0.50
C GLN A 114 -5.20 11.42 -1.82
N VAL A 115 -6.32 12.12 -1.80
CA VAL A 115 -7.18 12.28 -2.97
C VAL A 115 -7.28 13.77 -3.35
N THR A 116 -6.96 14.07 -4.62
CA THR A 116 -7.02 15.43 -5.12
C THR A 116 -8.17 15.55 -6.12
N ASP A 117 -9.03 16.56 -5.92
CA ASP A 117 -10.20 16.74 -6.78
C ASP A 117 -9.77 16.92 -8.24
N VAL A 118 -10.54 16.30 -9.15
CA VAL A 118 -10.23 16.38 -10.59
C VAL A 118 -11.27 17.24 -11.32
N ASN A 119 -10.77 18.19 -12.12
CA ASN A 119 -11.64 19.09 -12.89
C ASN A 119 -11.98 18.47 -14.25
N GLU A 120 -13.24 18.60 -14.66
CA GLU A 120 -13.71 18.05 -15.93
C GLU A 120 -14.06 19.18 -16.92
N PRO A 121 -13.88 18.97 -18.26
CA PRO A 121 -14.20 20.02 -19.29
C PRO A 121 -15.73 20.19 -19.47
N PRO A 122 -16.21 21.37 -19.95
CA PRO A 122 -17.67 21.61 -20.18
C PRO A 122 -18.16 20.89 -21.45
N GLY A 123 -18.31 19.56 -21.36
CA GLY A 123 -18.74 18.74 -22.47
C GLY A 123 -20.13 19.13 -22.96
N GLY A 124 -21.02 19.44 -22.01
CA GLY A 124 -22.41 19.80 -22.34
C GLY A 124 -23.19 18.59 -22.80
N THR A 125 -24.23 18.82 -23.62
CA THR A 125 -25.07 17.74 -24.13
C THR A 125 -24.87 17.59 -25.64
N LYS A 126 -24.48 16.37 -26.07
CA LYS A 126 -24.26 16.07 -27.50
C LYS A 126 -23.50 17.20 -28.22
CA CA B . -13.29 15.48 -5.83
CA CA C . -15.43 15.90 -7.97
CA CA D . -12.93 19.79 -8.94
N MET A 1 33.13 5.27 11.07
CA MET A 1 32.42 6.39 11.77
C MET A 1 30.92 6.33 11.44
N ALA A 2 30.59 6.56 10.17
CA ALA A 2 29.19 6.53 9.71
C ALA A 2 28.70 5.09 9.46
N SER A 3 29.64 4.14 9.41
CA SER A 3 29.30 2.74 9.15
C SER A 3 28.38 2.18 10.24
N ASP A 4 28.67 2.55 11.49
CA ASP A 4 27.89 2.08 12.64
C ASP A 4 26.71 3.04 12.94
N TYR A 5 26.23 3.73 11.90
CA TYR A 5 25.13 4.69 12.05
C TYR A 5 23.82 4.08 11.53
N LYS A 6 22.87 3.86 12.44
CA LYS A 6 21.59 3.24 12.11
C LYS A 6 21.80 1.93 11.32
N ASP A 7 22.71 1.09 11.83
CA ASP A 7 22.99 -0.20 11.20
C ASP A 7 21.94 -1.23 11.62
N ASP A 8 20.96 -1.44 10.75
CA ASP A 8 19.85 -2.39 11.02
C ASP A 8 20.04 -3.72 10.29
N ASP A 9 21.27 -4.01 9.84
CA ASP A 9 21.55 -5.26 9.12
C ASP A 9 21.24 -6.51 9.98
N ASP A 10 21.26 -6.33 11.31
CA ASP A 10 20.98 -7.43 12.24
C ASP A 10 19.49 -7.82 12.22
N LYS A 11 18.62 -6.87 11.82
CA LYS A 11 17.18 -7.11 11.77
C LYS A 11 16.63 -6.86 10.37
N LEU A 12 15.59 -7.61 10.00
CA LEU A 12 14.96 -7.49 8.68
C LEU A 12 13.95 -6.34 8.67
N HIS A 13 14.13 -5.39 7.74
CA HIS A 13 13.25 -4.23 7.61
C HIS A 13 13.09 -3.82 6.16
N LEU A 14 11.96 -3.20 5.84
CA LEU A 14 11.70 -2.77 4.47
C LEU A 14 12.34 -1.40 4.19
N ILE A 15 13.01 -1.32 3.04
CA ILE A 15 13.68 -0.09 2.60
C ILE A 15 12.63 0.94 2.13
N LEU A 16 12.89 2.24 2.44
CA LEU A 16 11.97 3.37 2.13
C LEU A 16 10.99 3.56 3.26
N LEU A 17 11.34 4.45 4.19
CA LEU A 17 10.53 4.68 5.40
C LEU A 17 9.04 4.93 5.02
N PRO A 18 8.07 4.18 5.62
CA PRO A 18 6.61 4.35 5.30
C PRO A 18 5.99 5.62 5.95
N ALA A 19 4.91 6.23 5.34
CA ALA A 19 4.28 5.76 4.07
C ALA A 19 3.27 6.78 3.57
N THR A 20 3.41 7.18 2.30
CA THR A 20 2.49 8.13 1.68
C THR A 20 2.01 7.62 0.33
N GLY A 21 0.82 8.09 -0.08
CA GLY A 21 0.23 7.68 -1.36
C GLY A 21 -0.53 8.83 -2.01
N ASN A 22 -0.71 8.73 -3.33
CA ASN A 22 -1.44 9.76 -4.09
C ASN A 22 -2.07 9.17 -5.34
N VAL A 23 -3.12 9.83 -5.84
CA VAL A 23 -3.84 9.39 -7.03
C VAL A 23 -4.65 10.54 -7.63
N ALA A 24 -4.89 10.49 -8.95
CA ALA A 24 -5.69 11.50 -9.61
C ALA A 24 -7.17 11.17 -9.45
N GLU A 25 -7.71 11.53 -8.28
CA GLU A 25 -9.10 11.22 -7.95
C GLU A 25 -9.31 9.70 -7.97
N ASN A 26 -10.56 9.28 -7.86
CA ASN A 26 -10.91 7.85 -7.93
C ASN A 26 -11.14 7.39 -9.39
N SER A 27 -10.86 8.29 -10.35
CA SER A 27 -11.06 8.04 -11.77
C SER A 27 -10.24 6.84 -12.30
N PRO A 28 -8.90 6.78 -12.05
CA PRO A 28 -8.05 5.68 -12.61
C PRO A 28 -8.16 4.34 -11.84
N PRO A 29 -8.59 3.23 -12.50
CA PRO A 29 -8.61 1.89 -11.87
C PRO A 29 -7.35 1.09 -12.24
N GLY A 30 -6.86 0.28 -11.31
CA GLY A 30 -5.66 -0.53 -11.57
C GLY A 30 -4.40 0.32 -11.73
N THR A 31 -4.38 1.48 -11.06
CA THR A 31 -3.23 2.39 -11.13
C THR A 31 -2.55 2.50 -9.76
N SER A 32 -1.22 2.29 -9.76
CA SER A 32 -0.43 2.35 -8.53
C SER A 32 -0.36 3.77 -7.99
N VAL A 33 -0.30 3.90 -6.66
CA VAL A 33 -0.24 5.21 -6.01
C VAL A 33 1.13 5.45 -5.35
N HIS A 34 1.75 4.38 -4.85
CA HIS A 34 3.06 4.47 -4.21
C HIS A 34 3.69 3.07 -4.11
N LYS A 35 5.03 3.03 -3.99
CA LYS A 35 5.74 1.76 -3.89
C LYS A 35 6.76 1.77 -2.75
N PHE A 36 7.06 0.57 -2.23
CA PHE A 36 8.03 0.41 -1.15
C PHE A 36 9.00 -0.72 -1.48
N SER A 37 10.21 -0.62 -0.92
CA SER A 37 11.26 -1.62 -1.15
C SER A 37 11.43 -2.53 0.06
N VAL A 38 11.80 -3.78 -0.20
CA VAL A 38 11.99 -4.79 0.85
C VAL A 38 13.47 -5.18 0.92
N LYS A 39 14.04 -5.19 2.14
CA LYS A 39 15.46 -5.56 2.29
C LYS A 39 15.63 -7.04 1.96
N LEU A 40 16.64 -7.33 1.12
CA LEU A 40 16.90 -8.68 0.65
C LEU A 40 17.13 -9.64 1.82
N SER A 41 16.34 -10.73 1.85
CA SER A 41 16.45 -11.74 2.90
C SER A 41 17.58 -12.72 2.59
N ALA A 42 18.30 -13.15 3.62
CA ALA A 42 19.42 -14.08 3.46
C ALA A 42 18.95 -15.41 2.89
N SER A 43 17.81 -15.90 3.38
CA SER A 43 17.25 -17.18 2.94
C SER A 43 16.88 -17.14 1.46
N LEU A 44 16.30 -16.02 1.02
CA LEU A 44 15.87 -15.85 -0.38
C LEU A 44 15.04 -17.06 -0.84
N SER A 45 14.08 -17.47 0.00
CA SER A 45 13.22 -18.62 -0.30
C SER A 45 12.12 -18.25 -1.33
N PRO A 46 11.49 -19.24 -1.99
CA PRO A 46 10.41 -18.97 -3.01
C PRO A 46 9.24 -18.17 -2.42
N VAL A 47 8.64 -17.32 -3.26
CA VAL A 47 7.52 -16.47 -2.83
C VAL A 47 6.19 -16.98 -3.38
N ILE A 48 5.10 -16.63 -2.68
CA ILE A 48 3.75 -17.05 -3.07
C ILE A 48 2.94 -15.82 -3.60
N PRO A 49 2.05 -16.00 -4.62
CA PRO A 49 1.22 -14.87 -5.16
C PRO A 49 0.21 -14.38 -4.11
N GLY A 50 -0.18 -13.09 -4.23
CA GLY A 50 -1.08 -12.48 -3.25
C GLY A 50 -0.28 -12.03 -2.03
N PHE A 51 0.67 -11.11 -2.27
CA PHE A 51 1.59 -10.65 -1.24
C PHE A 51 0.84 -9.99 -0.04
N PRO A 52 1.04 -10.47 1.21
CA PRO A 52 0.39 -9.86 2.44
C PRO A 52 0.82 -8.37 2.62
N GLN A 53 -0.11 -7.44 3.06
CA GLN A 53 -1.55 -7.67 3.38
C GLN A 53 -2.19 -6.33 3.77
N ILE A 54 -3.49 -6.18 3.48
CA ILE A 54 -4.23 -4.99 3.90
C ILE A 54 -5.05 -5.34 5.15
N VAL A 55 -4.61 -4.82 6.32
CA VAL A 55 -5.28 -5.14 7.59
C VAL A 55 -6.42 -4.17 7.88
N ASN A 56 -6.20 -2.87 7.61
CA ASN A 56 -7.23 -1.86 7.91
C ASN A 56 -7.09 -0.62 7.04
N SER A 57 -8.13 0.24 7.11
CA SER A 57 -8.16 1.48 6.36
C SER A 57 -9.03 2.52 7.08
N ASN A 58 -8.80 3.81 6.80
CA ASN A 58 -9.54 4.90 7.45
C ASN A 58 -10.82 5.31 6.63
N PRO A 59 -12.04 5.23 7.22
CA PRO A 59 -13.31 5.58 6.48
C PRO A 59 -13.45 7.12 6.25
N LEU A 60 -14.13 7.56 5.12
CA LEU A 60 -14.70 6.67 4.08
C LEU A 60 -13.58 6.09 3.23
N THR A 61 -13.51 4.75 3.17
CA THR A 61 -12.43 4.07 2.45
C THR A 61 -12.70 4.03 0.95
N GLU A 62 -11.65 3.79 0.17
CA GLU A 62 -11.74 3.70 -1.28
C GLU A 62 -11.05 2.44 -1.78
N ALA A 63 -11.22 2.14 -3.08
CA ALA A 63 -10.61 0.93 -3.67
C ALA A 63 -9.12 0.86 -3.37
N PHE A 64 -8.63 -0.36 -3.09
CA PHE A 64 -7.22 -0.58 -2.78
C PHE A 64 -6.79 -1.98 -3.19
N ARG A 65 -5.49 -2.15 -3.40
CA ARG A 65 -4.94 -3.43 -3.82
C ARG A 65 -3.44 -3.46 -3.54
N VAL A 66 -2.90 -4.66 -3.33
CA VAL A 66 -1.47 -4.83 -3.06
C VAL A 66 -0.83 -5.68 -4.16
N ASN A 67 0.32 -5.24 -4.67
CA ASN A 67 0.98 -5.94 -5.79
C ASN A 67 2.52 -5.97 -5.65
N TRP A 68 3.12 -7.08 -6.10
CA TRP A 68 4.58 -7.23 -6.11
C TRP A 68 5.11 -6.85 -7.49
N LEU A 69 5.81 -5.71 -7.58
CA LEU A 69 6.32 -5.23 -8.86
C LEU A 69 7.38 -6.16 -9.43
N SER A 70 8.49 -6.34 -8.68
CA SER A 70 9.58 -7.21 -9.12
C SER A 70 10.62 -7.39 -8.03
N GLY A 71 11.23 -8.57 -7.99
CA GLY A 71 12.30 -8.90 -7.04
C GLY A 71 11.88 -8.67 -5.59
N THR A 72 12.08 -7.43 -5.10
CA THR A 72 11.78 -7.08 -3.69
C THR A 72 10.96 -5.78 -3.58
N TYR A 73 10.37 -5.33 -4.69
CA TYR A 73 9.59 -4.08 -4.70
C TYR A 73 8.10 -4.38 -4.82
N PHE A 74 7.26 -3.59 -4.13
CA PHE A 74 5.81 -3.77 -4.19
C PHE A 74 5.10 -2.42 -4.09
N GLU A 75 3.84 -2.37 -4.53
CA GLU A 75 3.08 -1.11 -4.54
C GLU A 75 1.59 -1.35 -4.31
N VAL A 76 0.91 -0.27 -3.94
CA VAL A 76 -0.53 -0.29 -3.70
C VAL A 76 -1.26 0.25 -4.94
N VAL A 77 -2.27 -0.48 -5.40
CA VAL A 77 -3.02 -0.12 -6.60
C VAL A 77 -4.48 0.17 -6.25
N THR A 78 -5.01 1.25 -6.84
CA THR A 78 -6.40 1.64 -6.61
C THR A 78 -7.33 0.77 -7.47
N THR A 79 -7.54 -0.47 -7.02
CA THR A 79 -8.39 -1.42 -7.73
C THR A 79 -9.53 -1.87 -6.82
N GLY A 80 -10.76 -1.75 -7.34
CA GLY A 80 -11.94 -2.14 -6.60
C GLY A 80 -13.19 -2.06 -7.48
N MET A 81 -14.30 -2.62 -6.99
CA MET A 81 -15.56 -2.63 -7.74
C MET A 81 -16.43 -1.38 -7.46
N GLU A 82 -16.11 -0.65 -6.38
CA GLU A 82 -16.91 0.52 -5.98
C GLU A 82 -16.15 1.84 -6.16
N GLN A 83 -16.79 2.79 -6.86
CA GLN A 83 -16.23 4.13 -7.05
C GLN A 83 -16.75 5.04 -5.94
N LEU A 84 -15.84 5.80 -5.30
CA LEU A 84 -16.22 6.65 -4.16
C LEU A 84 -16.26 8.12 -4.55
N ASP A 85 -17.04 8.91 -3.79
CA ASP A 85 -17.17 10.34 -4.03
C ASP A 85 -15.97 11.09 -3.45
N PHE A 86 -15.16 11.63 -4.35
CA PHE A 86 -13.92 12.37 -3.96
C PHE A 86 -14.20 13.78 -3.47
N GLU A 87 -15.23 14.43 -4.02
CA GLU A 87 -15.59 15.80 -3.60
C GLU A 87 -16.04 15.84 -2.14
N THR A 88 -16.81 14.83 -1.73
CA THR A 88 -17.33 14.77 -0.35
C THR A 88 -16.52 13.77 0.50
N GLY A 89 -15.89 12.79 -0.16
CA GLY A 89 -15.10 11.77 0.54
C GLY A 89 -13.82 12.39 1.12
N PRO A 90 -13.31 11.90 2.27
CA PRO A 90 -12.09 12.48 2.89
C PRO A 90 -10.88 12.40 1.96
N ASN A 91 -10.08 13.45 1.98
CA ASN A 91 -8.89 13.56 1.14
C ASN A 91 -7.89 12.45 1.46
N ILE A 92 -7.71 12.14 2.76
CA ILE A 92 -6.71 11.15 3.17
C ILE A 92 -7.29 10.03 4.03
N PHE A 93 -6.68 8.82 3.90
CA PHE A 93 -7.05 7.68 4.74
C PHE A 93 -5.84 6.79 5.02
N ASP A 94 -5.71 6.38 6.29
CA ASP A 94 -4.58 5.55 6.75
C ASP A 94 -4.91 4.08 6.64
N LEU A 95 -3.97 3.31 6.09
CA LEU A 95 -4.17 1.85 5.97
C LEU A 95 -3.11 1.08 6.73
N GLN A 96 -3.55 0.15 7.58
CA GLN A 96 -2.63 -0.72 8.32
C GLN A 96 -2.26 -1.89 7.44
N ILE A 97 -1.02 -1.90 6.96
CA ILE A 97 -0.54 -2.94 6.06
C ILE A 97 0.40 -3.90 6.80
N TYR A 98 0.06 -5.18 6.76
CA TYR A 98 0.86 -6.24 7.40
C TYR A 98 1.66 -6.95 6.32
N VAL A 99 2.98 -7.09 6.53
CA VAL A 99 3.85 -7.73 5.54
C VAL A 99 4.49 -8.97 6.14
N LYS A 100 4.25 -10.13 5.50
CA LYS A 100 4.84 -11.39 5.94
C LYS A 100 5.50 -12.11 4.77
N ASP A 101 6.74 -12.54 5.00
CA ASP A 101 7.50 -13.27 3.99
C ASP A 101 7.52 -14.76 4.29
N GLU A 102 8.04 -15.54 3.34
CA GLU A 102 8.13 -16.99 3.49
C GLU A 102 9.02 -17.34 4.70
N VAL A 103 10.08 -16.55 4.88
CA VAL A 103 11.02 -16.74 5.99
C VAL A 103 10.29 -16.58 7.34
N GLY A 104 9.23 -15.74 7.36
CA GLY A 104 8.47 -15.49 8.58
C GLY A 104 8.75 -14.09 9.16
N VAL A 105 9.24 -13.17 8.32
CA VAL A 105 9.53 -11.79 8.74
C VAL A 105 8.23 -11.00 8.69
N THR A 106 7.88 -10.35 9.82
CA THR A 106 6.62 -9.60 9.92
C THR A 106 6.86 -8.13 10.12
N ASP A 107 5.94 -7.30 9.59
CA ASP A 107 6.06 -5.84 9.72
C ASP A 107 4.73 -5.15 9.42
N LEU A 108 4.30 -4.27 10.36
CA LEU A 108 3.06 -3.51 10.19
C LEU A 108 3.37 -2.04 9.97
N GLN A 109 2.80 -1.46 8.91
CA GLN A 109 3.03 -0.06 8.55
C GLN A 109 1.72 0.68 8.32
N VAL A 110 1.74 1.99 8.56
CA VAL A 110 0.56 2.83 8.33
C VAL A 110 0.75 3.59 7.01
N LEU A 111 -0.14 3.35 6.05
CA LEU A 111 -0.04 3.96 4.73
C LEU A 111 -1.16 4.96 4.50
N THR A 112 -0.77 6.22 4.33
CA THR A 112 -1.73 7.28 4.05
C THR A 112 -1.95 7.39 2.55
N VAL A 113 -3.21 7.49 2.14
CA VAL A 113 -3.55 7.62 0.70
C VAL A 113 -4.21 8.96 0.46
N GLN A 114 -3.58 9.77 -0.40
CA GLN A 114 -4.09 11.12 -0.72
C GLN A 114 -4.89 11.10 -2.01
N VAL A 115 -5.95 11.90 -2.02
CA VAL A 115 -6.82 12.03 -3.19
C VAL A 115 -6.60 13.40 -3.85
N THR A 116 -6.25 13.37 -5.15
CA THR A 116 -6.01 14.60 -5.90
C THR A 116 -7.25 14.93 -6.73
N ASP A 117 -7.76 16.15 -6.56
CA ASP A 117 -8.95 16.59 -7.26
C ASP A 117 -8.72 16.64 -8.77
N VAL A 118 -9.60 15.98 -9.52
CA VAL A 118 -9.50 15.92 -10.98
C VAL A 118 -10.76 16.52 -11.61
N ASN A 119 -10.56 17.43 -12.57
CA ASN A 119 -11.67 18.11 -13.24
C ASN A 119 -12.60 17.11 -13.90
N GLU A 120 -13.91 17.38 -13.81
CA GLU A 120 -14.92 16.50 -14.38
C GLU A 120 -16.19 17.31 -14.78
N PRO A 121 -16.87 16.98 -15.92
CA PRO A 121 -18.11 17.72 -16.35
C PRO A 121 -19.20 17.69 -15.26
N PRO A 122 -20.00 18.78 -15.10
CA PRO A 122 -21.08 18.82 -14.05
C PRO A 122 -22.08 17.67 -14.21
N GLY A 123 -22.50 17.11 -13.08
CA GLY A 123 -23.46 16.00 -13.09
C GLY A 123 -24.78 16.42 -13.71
N GLY A 124 -25.21 17.65 -13.38
CA GLY A 124 -26.48 18.19 -13.90
C GLY A 124 -27.38 18.64 -12.76
N THR A 125 -28.58 19.12 -13.12
CA THR A 125 -29.56 19.58 -12.12
C THR A 125 -28.92 20.64 -11.19
N LYS A 126 -28.40 21.71 -11.81
CA LYS A 126 -27.76 22.81 -11.06
C LYS A 126 -28.70 23.34 -9.98
CA CA B . -13.18 16.02 -7.38
CA CA C . -15.24 15.30 -10.12
CA CA D . -12.02 19.36 -10.49
N MET A 1 22.21 5.51 30.49
CA MET A 1 23.47 5.65 29.68
C MET A 1 23.31 4.85 28.37
N ALA A 2 22.69 3.67 28.48
CA ALA A 2 22.47 2.80 27.31
C ALA A 2 21.14 3.15 26.60
N SER A 3 20.56 4.32 26.91
CA SER A 3 19.30 4.75 26.31
C SER A 3 19.42 4.87 24.80
N ASP A 4 20.56 5.40 24.35
CA ASP A 4 20.82 5.58 22.91
C ASP A 4 20.83 4.23 22.17
N TYR A 5 21.19 3.16 22.88
CA TYR A 5 21.25 1.81 22.30
C TYR A 5 19.90 1.45 21.67
N LYS A 6 19.95 0.95 20.43
CA LYS A 6 18.75 0.52 19.72
C LYS A 6 18.97 -0.79 18.98
N ASP A 7 18.21 -1.82 19.36
CA ASP A 7 18.33 -3.15 18.76
C ASP A 7 17.40 -3.31 17.55
N ASP A 8 17.77 -2.66 16.43
CA ASP A 8 16.99 -2.75 15.18
C ASP A 8 17.67 -3.67 14.17
N ASP A 9 19.00 -3.66 14.16
CA ASP A 9 19.79 -4.48 13.24
C ASP A 9 19.54 -5.98 13.45
N ASP A 10 19.18 -6.37 14.67
CA ASP A 10 18.95 -7.79 15.02
C ASP A 10 17.71 -8.38 14.31
N LYS A 11 16.98 -7.55 13.55
CA LYS A 11 15.80 -8.03 12.82
C LYS A 11 15.65 -7.34 11.46
N LEU A 12 14.86 -7.95 10.59
CA LEU A 12 14.63 -7.42 9.24
C LEU A 12 13.88 -6.09 9.31
N HIS A 13 14.14 -5.24 8.31
CA HIS A 13 13.51 -3.93 8.24
C HIS A 13 13.12 -3.60 6.80
N LEU A 14 11.95 -3.01 6.64
CA LEU A 14 11.42 -2.67 5.33
C LEU A 14 12.15 -1.45 4.72
N ILE A 15 12.71 -1.65 3.53
CA ILE A 15 13.44 -0.60 2.80
C ILE A 15 12.47 0.49 2.33
N LEU A 16 12.93 1.77 2.42
CA LEU A 16 12.10 2.94 2.07
C LEU A 16 11.08 3.19 3.18
N LEU A 17 11.46 4.06 4.14
CA LEU A 17 10.61 4.33 5.30
C LEU A 17 9.15 4.66 4.86
N PRO A 18 8.14 3.83 5.26
CA PRO A 18 6.72 4.07 4.86
C PRO A 18 6.03 5.19 5.70
N ALA A 19 4.99 5.90 5.15
CA ALA A 19 4.48 5.71 3.76
C ALA A 19 3.50 6.83 3.39
N THR A 20 3.58 7.29 2.14
CA THR A 20 2.68 8.33 1.63
C THR A 20 2.34 8.10 0.17
N GLY A 21 1.12 8.50 -0.22
CA GLY A 21 0.66 8.30 -1.59
C GLY A 21 -0.36 9.34 -2.00
N ASN A 22 -0.54 9.51 -3.32
CA ASN A 22 -1.51 10.45 -3.86
C ASN A 22 -1.93 10.04 -5.28
N VAL A 23 -3.24 10.15 -5.54
CA VAL A 23 -3.78 9.80 -6.85
C VAL A 23 -4.95 10.72 -7.22
N ALA A 24 -5.08 11.03 -8.52
CA ALA A 24 -6.15 11.89 -9.00
C ALA A 24 -7.50 11.18 -8.85
N GLU A 25 -8.08 11.25 -7.64
CA GLU A 25 -9.33 10.54 -7.32
C GLU A 25 -9.24 9.08 -7.82
N ASN A 26 -10.37 8.37 -7.87
CA ASN A 26 -10.39 6.98 -8.36
C ASN A 26 -10.61 6.91 -9.88
N SER A 27 -10.39 8.04 -10.58
CA SER A 27 -10.58 8.12 -12.02
C SER A 27 -9.73 7.07 -12.79
N PRO A 28 -8.41 6.96 -12.53
CA PRO A 28 -7.54 5.96 -13.23
C PRO A 28 -7.66 4.54 -12.63
N PRO A 29 -8.06 3.51 -13.42
CA PRO A 29 -8.15 2.10 -12.93
C PRO A 29 -6.83 1.36 -13.10
N GLY A 30 -6.47 0.56 -12.09
CA GLY A 30 -5.25 -0.26 -12.15
C GLY A 30 -3.97 0.60 -12.16
N THR A 31 -4.03 1.77 -11.51
CA THR A 31 -2.89 2.68 -11.46
C THR A 31 -2.30 2.71 -10.04
N SER A 32 -0.99 2.48 -9.95
CA SER A 32 -0.29 2.48 -8.67
C SER A 32 -0.24 3.89 -8.08
N VAL A 33 -0.31 3.96 -6.74
CA VAL A 33 -0.29 5.27 -6.05
C VAL A 33 1.04 5.45 -5.29
N HIS A 34 1.57 4.34 -4.72
CA HIS A 34 2.81 4.39 -3.96
C HIS A 34 3.48 3.01 -3.94
N LYS A 35 4.81 3.01 -3.77
CA LYS A 35 5.58 1.76 -3.73
C LYS A 35 6.60 1.76 -2.59
N PHE A 36 7.01 0.56 -2.18
CA PHE A 36 7.98 0.37 -1.11
C PHE A 36 8.70 -0.97 -1.30
N SER A 37 9.80 -1.17 -0.57
CA SER A 37 10.58 -2.41 -0.70
C SER A 37 10.90 -2.97 0.66
N VAL A 38 11.09 -4.30 0.74
CA VAL A 38 11.40 -4.97 2.02
C VAL A 38 12.77 -5.67 1.94
N LYS A 39 13.43 -5.79 3.12
CA LYS A 39 14.73 -6.45 3.19
C LYS A 39 14.55 -7.93 2.93
N LEU A 40 15.35 -8.47 2.00
CA LEU A 40 15.24 -9.88 1.66
C LEU A 40 15.76 -10.76 2.79
N SER A 41 15.08 -11.88 2.97
CA SER A 41 15.41 -12.84 4.04
C SER A 41 16.70 -13.59 3.71
N ALA A 42 17.33 -14.14 4.76
CA ALA A 42 18.57 -14.91 4.60
C ALA A 42 18.33 -16.15 3.74
N SER A 43 17.18 -16.80 3.95
CA SER A 43 16.82 -18.01 3.21
C SER A 43 16.71 -17.72 1.72
N LEU A 44 16.13 -16.57 1.37
CA LEU A 44 15.94 -16.18 -0.03
C LEU A 44 15.04 -17.18 -0.76
N SER A 45 14.03 -17.69 -0.03
CA SER A 45 13.08 -18.66 -0.59
C SER A 45 12.05 -17.97 -1.52
N PRO A 46 11.35 -18.74 -2.39
CA PRO A 46 10.32 -18.15 -3.32
C PRO A 46 9.21 -17.42 -2.56
N VAL A 47 8.63 -16.40 -3.20
CA VAL A 47 7.57 -15.60 -2.58
C VAL A 47 6.19 -15.97 -3.17
N ILE A 48 5.15 -15.84 -2.34
CA ILE A 48 3.78 -16.17 -2.76
C ILE A 48 3.09 -14.97 -3.47
N PRO A 49 2.42 -15.17 -4.65
CA PRO A 49 1.68 -14.06 -5.35
C PRO A 49 0.61 -13.45 -4.44
N GLY A 50 0.34 -12.15 -4.59
CA GLY A 50 -0.62 -11.46 -3.70
C GLY A 50 0.00 -11.30 -2.31
N PHE A 51 1.28 -10.93 -2.30
CA PHE A 51 2.07 -10.84 -1.08
C PHE A 51 1.30 -10.09 0.06
N PRO A 52 1.32 -10.60 1.33
CA PRO A 52 0.61 -9.94 2.48
C PRO A 52 1.07 -8.49 2.70
N GLN A 53 0.16 -7.52 3.11
CA GLN A 53 -1.32 -7.70 3.36
C GLN A 53 -1.90 -6.36 3.81
N ILE A 54 -3.16 -6.12 3.49
CA ILE A 54 -3.86 -4.91 3.95
C ILE A 54 -4.71 -5.28 5.18
N VAL A 55 -4.32 -4.76 6.34
CA VAL A 55 -5.01 -5.06 7.59
C VAL A 55 -6.06 -4.00 7.94
N ASN A 56 -5.74 -2.71 7.69
CA ASN A 56 -6.68 -1.63 8.01
C ASN A 56 -6.67 -0.51 7.01
N SER A 57 -7.81 0.16 6.87
CA SER A 57 -7.95 1.31 6.00
C SER A 57 -8.80 2.36 6.70
N ASN A 58 -8.43 3.65 6.55
CA ASN A 58 -9.21 4.73 7.18
C ASN A 58 -10.42 5.10 6.28
N PRO A 59 -11.68 4.86 6.73
CA PRO A 59 -12.90 5.15 5.90
C PRO A 59 -13.20 6.66 5.75
N LEU A 60 -13.98 7.09 4.69
CA LEU A 60 -14.57 6.19 3.66
C LEU A 60 -13.61 6.00 2.50
N THR A 61 -13.25 4.74 2.22
CA THR A 61 -12.32 4.44 1.12
C THR A 61 -12.75 3.20 0.34
N GLU A 62 -12.64 3.28 -0.98
CA GLU A 62 -13.00 2.20 -1.87
C GLU A 62 -11.95 2.03 -2.97
N ALA A 63 -11.76 0.79 -3.43
CA ALA A 63 -10.80 0.47 -4.52
C ALA A 63 -9.35 0.54 -4.02
N PHE A 64 -8.82 -0.63 -3.65
CA PHE A 64 -7.43 -0.74 -3.20
C PHE A 64 -6.89 -2.13 -3.56
N ARG A 65 -5.56 -2.23 -3.73
CA ARG A 65 -4.94 -3.50 -4.11
C ARG A 65 -3.44 -3.48 -3.79
N VAL A 66 -2.87 -4.68 -3.59
CA VAL A 66 -1.43 -4.82 -3.31
C VAL A 66 -0.78 -5.47 -4.53
N ASN A 67 0.34 -4.89 -5.00
CA ASN A 67 1.01 -5.39 -6.22
C ASN A 67 2.50 -5.62 -6.02
N TRP A 68 2.90 -6.89 -6.07
CA TRP A 68 4.31 -7.26 -5.99
C TRP A 68 4.99 -6.95 -7.34
N LEU A 69 5.76 -5.85 -7.36
CA LEU A 69 6.45 -5.42 -8.57
C LEU A 69 7.49 -6.46 -8.98
N SER A 70 8.39 -6.79 -8.02
CA SER A 70 9.43 -7.81 -8.25
C SER A 70 10.25 -8.03 -6.98
N GLY A 71 10.68 -9.28 -6.77
CA GLY A 71 11.53 -9.64 -5.64
C GLY A 71 10.96 -9.18 -4.28
N THR A 72 11.30 -7.95 -3.88
CA THR A 72 10.85 -7.39 -2.59
C THR A 72 10.14 -6.04 -2.74
N TYR A 73 9.81 -5.66 -3.99
CA TYR A 73 9.15 -4.39 -4.27
C TYR A 73 7.64 -4.58 -4.35
N PHE A 74 6.90 -3.66 -3.74
CA PHE A 74 5.43 -3.73 -3.74
C PHE A 74 4.84 -2.33 -3.94
N GLU A 75 3.67 -2.27 -4.56
CA GLU A 75 2.96 -1.00 -4.74
C GLU A 75 1.45 -1.17 -4.60
N VAL A 76 0.81 -0.14 -4.06
CA VAL A 76 -0.64 -0.14 -3.88
C VAL A 76 -1.31 0.33 -5.16
N VAL A 77 -2.29 -0.45 -5.65
CA VAL A 77 -3.00 -0.14 -6.88
C VAL A 77 -4.46 0.16 -6.59
N THR A 78 -4.96 1.23 -7.21
CA THR A 78 -6.34 1.65 -7.04
C THR A 78 -7.19 1.06 -8.16
N THR A 79 -8.03 0.08 -7.80
CA THR A 79 -8.88 -0.61 -8.76
C THR A 79 -10.03 -1.34 -8.05
N GLY A 80 -10.89 -1.96 -8.85
CA GLY A 80 -12.03 -2.71 -8.31
C GLY A 80 -13.33 -2.28 -9.00
N MET A 81 -14.40 -3.05 -8.75
CA MET A 81 -15.71 -2.79 -9.37
C MET A 81 -16.37 -1.51 -8.80
N GLU A 82 -15.97 -1.10 -7.59
CA GLU A 82 -16.54 0.12 -6.96
C GLU A 82 -15.52 1.25 -6.93
N GLN A 83 -15.94 2.43 -7.38
CA GLN A 83 -15.09 3.62 -7.41
C GLN A 83 -15.28 4.47 -6.15
N LEU A 84 -14.26 5.27 -5.81
CA LEU A 84 -14.32 6.15 -4.65
C LEU A 84 -14.46 7.61 -5.09
N ASP A 85 -15.50 8.27 -4.59
CA ASP A 85 -15.75 9.67 -4.92
C ASP A 85 -15.18 10.61 -3.84
N PHE A 86 -14.54 11.69 -4.29
CA PHE A 86 -13.92 12.66 -3.39
C PHE A 86 -14.97 13.28 -2.45
N GLU A 87 -16.08 13.72 -3.05
CA GLU A 87 -17.16 14.37 -2.27
C GLU A 87 -17.69 13.47 -1.15
N THR A 88 -17.59 12.15 -1.34
CA THR A 88 -18.05 11.19 -0.32
C THR A 88 -16.88 10.48 0.40
N GLY A 89 -15.63 10.75 -0.05
CA GLY A 89 -14.45 10.12 0.56
C GLY A 89 -13.48 11.19 1.16
N PRO A 90 -12.86 10.93 2.35
CA PRO A 90 -11.88 11.88 2.97
C PRO A 90 -10.67 12.14 2.06
N ASN A 91 -10.04 13.31 2.24
CA ASN A 91 -8.88 13.68 1.45
C ASN A 91 -7.74 12.68 1.65
N ILE A 92 -7.57 12.23 2.90
CA ILE A 92 -6.50 11.27 3.22
C ILE A 92 -7.03 10.06 4.01
N PHE A 93 -6.41 8.90 3.78
CA PHE A 93 -6.72 7.69 4.55
C PHE A 93 -5.50 6.82 4.74
N ASP A 94 -5.36 6.28 5.96
CA ASP A 94 -4.21 5.47 6.32
C ASP A 94 -4.48 4.00 6.03
N LEU A 95 -3.47 3.31 5.50
CA LEU A 95 -3.58 1.90 5.16
C LEU A 95 -2.56 1.08 5.95
N GLN A 96 -3.04 0.37 6.98
CA GLN A 96 -2.17 -0.48 7.79
C GLN A 96 -1.84 -1.74 7.03
N ILE A 97 -0.61 -1.80 6.52
CA ILE A 97 -0.16 -2.95 5.73
C ILE A 97 0.81 -3.82 6.54
N TYR A 98 0.46 -5.10 6.65
CA TYR A 98 1.25 -6.08 7.37
C TYR A 98 1.94 -6.98 6.34
N VAL A 99 3.27 -7.16 6.46
CA VAL A 99 4.03 -7.94 5.46
C VAL A 99 4.66 -9.15 6.11
N LYS A 100 4.36 -10.34 5.56
CA LYS A 100 4.92 -11.60 6.07
C LYS A 100 5.76 -12.29 4.99
N ASP A 101 7.02 -12.56 5.34
CA ASP A 101 7.94 -13.25 4.46
C ASP A 101 7.68 -14.75 4.50
N GLU A 102 8.21 -15.47 3.53
CA GLU A 102 8.06 -16.93 3.48
C GLU A 102 8.65 -17.56 4.75
N VAL A 103 9.78 -17.00 5.20
CA VAL A 103 10.46 -17.48 6.42
C VAL A 103 9.60 -17.27 7.68
N GLY A 104 8.58 -16.38 7.59
CA GLY A 104 7.70 -16.11 8.72
C GLY A 104 8.03 -14.79 9.44
N VAL A 105 8.84 -13.93 8.79
CA VAL A 105 9.20 -12.63 9.37
C VAL A 105 8.11 -11.61 9.02
N THR A 106 7.64 -10.87 10.04
CA THR A 106 6.51 -9.94 9.83
C THR A 106 6.85 -8.51 10.21
N ASP A 107 6.08 -7.56 9.61
CA ASP A 107 6.23 -6.14 9.89
C ASP A 107 4.91 -5.41 9.65
N LEU A 108 4.79 -4.20 10.21
CA LEU A 108 3.56 -3.39 10.06
C LEU A 108 3.90 -1.95 9.70
N GLN A 109 3.18 -1.40 8.73
CA GLN A 109 3.41 -0.03 8.27
C GLN A 109 2.08 0.68 7.96
N VAL A 110 2.11 2.02 7.99
CA VAL A 110 0.91 2.82 7.69
C VAL A 110 1.12 3.61 6.40
N LEU A 111 0.24 3.39 5.43
CA LEU A 111 0.34 4.04 4.12
C LEU A 111 -0.82 4.99 3.89
N THR A 112 -0.49 6.30 3.82
CA THR A 112 -1.50 7.33 3.59
C THR A 112 -1.76 7.49 2.10
N VAL A 113 -3.02 7.73 1.76
CA VAL A 113 -3.43 7.92 0.36
C VAL A 113 -4.20 9.24 0.21
N GLN A 114 -3.74 10.10 -0.70
CA GLN A 114 -4.42 11.37 -0.98
C GLN A 114 -5.38 11.23 -2.15
N VAL A 115 -6.56 11.84 -1.99
CA VAL A 115 -7.61 11.79 -3.01
C VAL A 115 -7.96 13.22 -3.46
N THR A 116 -7.90 13.45 -4.78
CA THR A 116 -8.24 14.77 -5.34
C THR A 116 -9.72 14.79 -5.77
N ASP A 117 -10.24 15.99 -6.02
CA ASP A 117 -11.64 16.13 -6.46
C ASP A 117 -11.72 16.09 -7.99
N VAL A 118 -12.27 15.00 -8.54
CA VAL A 118 -12.45 14.85 -9.99
C VAL A 118 -13.93 14.68 -10.31
N ASN A 119 -14.44 15.49 -11.24
CA ASN A 119 -15.84 15.45 -11.63
C ASN A 119 -16.17 14.16 -12.37
N GLU A 120 -17.26 13.51 -11.95
CA GLU A 120 -17.73 12.28 -12.57
C GLU A 120 -19.26 12.38 -12.84
N PRO A 121 -19.69 12.85 -14.04
CA PRO A 121 -21.15 13.02 -14.35
C PRO A 121 -21.95 11.69 -14.14
N PRO A 122 -23.16 11.75 -13.53
CA PRO A 122 -23.99 10.53 -13.31
C PRO A 122 -24.75 10.11 -14.57
N GLY A 123 -25.52 9.02 -14.46
CA GLY A 123 -26.31 8.53 -15.58
C GLY A 123 -27.52 9.42 -15.81
N GLY A 124 -28.41 9.01 -16.72
CA GLY A 124 -29.59 9.81 -17.05
C GLY A 124 -30.42 10.10 -15.81
N THR A 125 -30.93 11.33 -15.72
CA THR A 125 -31.73 11.76 -14.59
C THR A 125 -33.10 12.27 -15.07
N LYS A 126 -34.16 11.77 -14.45
CA LYS A 126 -35.53 12.16 -14.81
C LYS A 126 -36.28 12.69 -13.58
CA CA B . -14.76 14.73 -6.74
CA CA C . -16.60 12.07 -7.56
CA CA D . -18.16 16.18 -9.76
N MET A 1 17.23 12.02 17.02
CA MET A 1 16.28 11.04 17.63
C MET A 1 16.71 9.62 17.25
N ALA A 2 15.97 8.63 17.75
CA ALA A 2 16.26 7.22 17.48
C ALA A 2 17.70 6.85 17.88
N SER A 3 18.23 7.56 18.90
CA SER A 3 19.58 7.30 19.40
C SER A 3 19.70 5.88 19.95
N ASP A 4 18.68 5.44 20.69
CA ASP A 4 18.67 4.10 21.29
C ASP A 4 18.21 3.01 20.30
N TYR A 5 17.96 3.39 19.04
CA TYR A 5 17.53 2.43 18.02
C TYR A 5 18.74 1.66 17.47
N LYS A 6 18.80 0.36 17.77
CA LYS A 6 19.90 -0.50 17.32
C LYS A 6 19.46 -1.97 17.16
N ASP A 7 18.14 -2.24 17.27
CA ASP A 7 17.62 -3.60 17.16
C ASP A 7 17.41 -4.05 15.70
N ASP A 8 17.72 -3.16 14.74
CA ASP A 8 17.57 -3.47 13.32
C ASP A 8 18.69 -4.40 12.81
N ASP A 9 19.78 -4.52 13.58
CA ASP A 9 20.90 -5.38 13.19
C ASP A 9 20.49 -6.86 13.21
N ASP A 10 19.67 -7.23 14.21
CA ASP A 10 19.24 -8.62 14.39
C ASP A 10 18.14 -9.02 13.40
N LYS A 11 17.35 -8.04 12.94
CA LYS A 11 16.23 -8.32 12.01
C LYS A 11 16.25 -7.39 10.80
N LEU A 12 15.87 -7.93 9.65
CA LEU A 12 15.80 -7.14 8.42
C LEU A 12 14.52 -6.31 8.39
N HIS A 13 14.53 -5.23 7.62
CA HIS A 13 13.40 -4.30 7.57
C HIS A 13 13.17 -3.78 6.15
N LEU A 14 11.96 -3.31 5.89
CA LEU A 14 11.59 -2.78 4.58
C LEU A 14 12.36 -1.50 4.30
N ILE A 15 12.72 -1.30 3.02
CA ILE A 15 13.48 -0.11 2.61
C ILE A 15 12.51 0.98 2.14
N LEU A 16 12.78 2.24 2.54
CA LEU A 16 11.91 3.42 2.24
C LEU A 16 10.85 3.57 3.32
N LEU A 17 11.16 4.40 4.33
CA LEU A 17 10.26 4.59 5.47
C LEU A 17 8.81 4.95 5.00
N PRO A 18 7.77 4.23 5.48
CA PRO A 18 6.34 4.51 5.08
C PRO A 18 5.73 5.73 5.82
N ALA A 19 4.69 6.43 5.24
CA ALA A 19 4.12 6.15 3.89
C ALA A 19 3.15 7.24 3.46
N THR A 20 3.19 7.62 2.19
CA THR A 20 2.27 8.61 1.62
C THR A 20 1.94 8.31 0.16
N GLY A 21 0.73 8.68 -0.25
CA GLY A 21 0.27 8.45 -1.62
C GLY A 21 -0.47 9.65 -2.18
N ASN A 22 -0.41 9.82 -3.51
CA ASN A 22 -1.10 10.92 -4.20
C ASN A 22 -1.49 10.51 -5.61
N VAL A 23 -2.80 10.42 -5.86
CA VAL A 23 -3.31 10.01 -7.18
C VAL A 23 -4.59 10.76 -7.52
N ALA A 24 -4.80 11.01 -8.82
CA ALA A 24 -6.02 11.65 -9.31
C ALA A 24 -7.22 10.81 -8.87
N GLU A 25 -8.42 11.39 -8.99
CA GLU A 25 -9.66 10.73 -8.57
C GLU A 25 -9.86 9.35 -9.33
N ASN A 26 -10.95 9.20 -10.11
CA ASN A 26 -11.21 7.95 -10.84
C ASN A 26 -10.57 7.93 -12.24
N SER A 27 -9.83 9.00 -12.59
CA SER A 27 -9.22 9.11 -13.92
C SER A 27 -8.22 7.96 -14.21
N PRO A 28 -7.25 7.65 -13.31
CA PRO A 28 -6.25 6.57 -13.57
C PRO A 28 -6.79 5.17 -13.14
N PRO A 29 -6.89 4.18 -14.06
CA PRO A 29 -7.36 2.81 -13.73
C PRO A 29 -6.19 1.82 -13.59
N GLY A 30 -6.10 1.15 -12.43
CA GLY A 30 -5.05 0.15 -12.21
C GLY A 30 -3.67 0.78 -12.14
N THR A 31 -3.63 2.06 -11.73
CA THR A 31 -2.37 2.80 -11.62
C THR A 31 -1.86 2.75 -10.19
N SER A 32 -0.59 2.38 -10.03
CA SER A 32 0.03 2.30 -8.71
C SER A 32 0.06 3.66 -8.05
N VAL A 33 -0.33 3.69 -6.76
CA VAL A 33 -0.34 4.94 -5.99
C VAL A 33 1.05 5.23 -5.44
N HIS A 34 1.71 4.17 -4.94
CA HIS A 34 3.06 4.29 -4.41
C HIS A 34 3.68 2.92 -4.21
N LYS A 35 5.02 2.88 -4.17
CA LYS A 35 5.74 1.61 -4.03
C LYS A 35 6.73 1.66 -2.86
N PHE A 36 7.00 0.47 -2.30
CA PHE A 36 7.94 0.34 -1.18
C PHE A 36 8.91 -0.81 -1.46
N SER A 37 10.12 -0.69 -0.94
CA SER A 37 11.16 -1.71 -1.14
C SER A 37 11.32 -2.59 0.10
N VAL A 38 11.95 -3.76 -0.07
CA VAL A 38 12.09 -4.74 1.01
C VAL A 38 13.53 -5.30 1.07
N LYS A 39 14.00 -5.58 2.30
CA LYS A 39 15.35 -6.14 2.48
C LYS A 39 15.40 -7.55 1.90
N LEU A 40 16.50 -7.86 1.20
CA LEU A 40 16.68 -9.17 0.56
C LEU A 40 16.86 -10.27 1.59
N SER A 41 16.05 -11.33 1.48
CA SER A 41 16.13 -12.47 2.40
C SER A 41 17.22 -13.45 1.93
N ALA A 42 17.79 -14.18 2.89
CA ALA A 42 18.82 -15.17 2.59
C ALA A 42 18.27 -16.32 1.75
N SER A 43 17.05 -16.76 2.10
CA SER A 43 16.40 -17.88 1.42
C SER A 43 16.15 -17.58 -0.05
N LEU A 44 15.71 -16.35 -0.35
CA LEU A 44 15.39 -15.96 -1.72
C LEU A 44 14.33 -16.90 -2.33
N SER A 45 13.40 -17.34 -1.48
CA SER A 45 12.31 -18.23 -1.89
C SER A 45 11.25 -17.44 -2.69
N PRO A 46 10.38 -18.10 -3.50
CA PRO A 46 9.33 -17.38 -4.29
C PRO A 46 8.28 -16.74 -3.38
N VAL A 47 7.72 -15.61 -3.84
CA VAL A 47 6.72 -14.86 -3.06
C VAL A 47 5.33 -15.49 -3.23
N ILE A 48 4.67 -15.74 -2.10
CA ILE A 48 3.32 -16.33 -2.11
C ILE A 48 2.33 -15.37 -2.85
N PRO A 49 1.42 -15.89 -3.73
CA PRO A 49 0.44 -15.01 -4.46
C PRO A 49 -0.41 -14.21 -3.48
N GLY A 50 -0.76 -12.96 -3.86
CA GLY A 50 -1.52 -12.09 -2.96
C GLY A 50 -0.63 -11.57 -1.85
N PHE A 51 0.38 -10.77 -2.23
CA PHE A 51 1.37 -10.28 -1.28
C PHE A 51 0.68 -9.71 0.01
N PRO A 52 0.94 -10.31 1.21
CA PRO A 52 0.33 -9.82 2.49
C PRO A 52 0.74 -8.35 2.79
N GLN A 53 -0.18 -7.46 3.31
CA GLN A 53 -1.62 -7.72 3.61
C GLN A 53 -2.28 -6.43 4.04
N ILE A 54 -3.57 -6.28 3.74
CA ILE A 54 -4.33 -5.10 4.18
C ILE A 54 -5.14 -5.46 5.42
N VAL A 55 -4.77 -4.89 6.57
CA VAL A 55 -5.43 -5.20 7.84
C VAL A 55 -6.47 -4.14 8.20
N ASN A 56 -6.14 -2.87 7.96
CA ASN A 56 -7.09 -1.78 8.31
C ASN A 56 -6.98 -0.59 7.36
N SER A 57 -8.01 0.25 7.38
CA SER A 57 -8.06 1.45 6.55
C SER A 57 -8.93 2.51 7.22
N ASN A 58 -8.71 3.78 6.82
CA ASN A 58 -9.50 4.89 7.36
C ASN A 58 -10.66 5.23 6.38
N PRO A 59 -11.95 4.99 6.75
CA PRO A 59 -13.11 5.26 5.84
C PRO A 59 -13.19 6.75 5.42
N LEU A 60 -13.66 7.08 4.15
CA LEU A 60 -14.10 6.09 3.12
C LEU A 60 -12.94 5.70 2.22
N THR A 61 -12.68 4.38 2.15
CA THR A 61 -11.61 3.85 1.30
C THR A 61 -12.17 2.83 0.31
N GLU A 62 -11.97 3.11 -0.99
CA GLU A 62 -12.45 2.22 -2.05
C GLU A 62 -11.40 2.05 -3.15
N ALA A 63 -11.50 0.96 -3.91
CA ALA A 63 -10.59 0.71 -5.04
C ALA A 63 -9.12 0.69 -4.60
N PHE A 64 -8.68 -0.45 -4.07
CA PHE A 64 -7.29 -0.60 -3.64
C PHE A 64 -6.88 -2.07 -3.61
N ARG A 65 -5.60 -2.34 -3.89
CA ARG A 65 -5.06 -3.69 -3.86
C ARG A 65 -3.53 -3.65 -3.73
N VAL A 66 -2.94 -4.78 -3.32
CA VAL A 66 -1.47 -4.86 -3.12
C VAL A 66 -0.86 -5.86 -4.12
N ASN A 67 0.18 -5.41 -4.86
CA ASN A 67 0.82 -6.25 -5.86
C ASN A 67 2.34 -6.31 -5.69
N TRP A 68 2.92 -7.44 -6.16
CA TRP A 68 4.37 -7.66 -6.12
C TRP A 68 4.97 -7.12 -7.43
N LEU A 69 5.62 -5.94 -7.34
CA LEU A 69 6.14 -5.26 -8.53
C LEU A 69 7.30 -6.02 -9.17
N SER A 70 8.31 -6.38 -8.36
CA SER A 70 9.47 -7.14 -8.85
C SER A 70 10.45 -7.44 -7.72
N GLY A 71 11.10 -8.60 -7.81
CA GLY A 71 12.12 -9.03 -6.83
C GLY A 71 11.68 -8.85 -5.38
N THR A 72 11.94 -7.64 -4.83
CA THR A 72 11.60 -7.32 -3.44
C THR A 72 10.88 -5.97 -3.32
N TYR A 73 10.16 -5.60 -4.37
CA TYR A 73 9.42 -4.34 -4.42
C TYR A 73 7.93 -4.62 -4.54
N PHE A 74 7.11 -3.77 -3.90
CA PHE A 74 5.66 -3.94 -3.98
C PHE A 74 4.96 -2.58 -3.94
N GLU A 75 3.75 -2.53 -4.48
CA GLU A 75 2.98 -1.28 -4.51
C GLU A 75 1.50 -1.51 -4.43
N VAL A 76 0.77 -0.43 -4.16
CA VAL A 76 -0.68 -0.47 -4.05
C VAL A 76 -1.31 0.07 -5.36
N VAL A 77 -2.27 -0.67 -5.91
CA VAL A 77 -2.90 -0.31 -7.20
C VAL A 77 -4.37 0.09 -7.00
N THR A 78 -4.78 1.15 -7.74
CA THR A 78 -6.15 1.68 -7.65
C THR A 78 -7.09 0.98 -8.63
N THR A 79 -8.40 1.17 -8.41
CA THR A 79 -9.45 0.61 -9.27
C THR A 79 -9.59 -0.91 -9.08
N GLY A 80 -10.41 -1.28 -8.09
CA GLY A 80 -10.69 -2.68 -7.78
C GLY A 80 -12.18 -2.96 -7.85
N MET A 81 -12.73 -3.58 -6.81
CA MET A 81 -14.16 -3.90 -6.75
C MET A 81 -15.02 -2.63 -6.76
N GLU A 82 -14.57 -1.59 -6.05
CA GLU A 82 -15.32 -0.33 -5.94
C GLU A 82 -14.55 0.82 -6.60
N GLN A 83 -15.29 1.86 -7.01
CA GLN A 83 -14.70 3.03 -7.70
C GLN A 83 -14.35 4.16 -6.72
N LEU A 84 -13.33 4.97 -7.07
CA LEU A 84 -12.90 6.10 -6.23
C LEU A 84 -13.73 7.36 -6.52
N ASP A 85 -14.05 8.10 -5.44
CA ASP A 85 -14.79 9.36 -5.56
C ASP A 85 -14.42 10.34 -4.44
N PHE A 86 -13.91 11.51 -4.82
CA PHE A 86 -13.52 12.57 -3.87
C PHE A 86 -14.74 13.04 -3.07
N GLU A 87 -15.88 13.15 -3.75
CA GLU A 87 -17.13 13.61 -3.15
C GLU A 87 -17.59 12.70 -1.99
N THR A 88 -16.99 11.50 -1.88
CA THR A 88 -17.39 10.52 -0.87
C THR A 88 -17.21 11.10 0.54
N GLY A 89 -16.05 11.73 0.81
CA GLY A 89 -15.81 12.32 2.13
C GLY A 89 -14.33 12.76 2.36
N PRO A 90 -13.55 12.03 3.20
CA PRO A 90 -12.15 12.46 3.57
C PRO A 90 -11.14 12.38 2.43
N ASN A 91 -10.29 13.40 2.36
CA ASN A 91 -9.21 13.48 1.39
C ASN A 91 -8.16 12.40 1.60
N ILE A 92 -7.83 12.14 2.88
CA ILE A 92 -6.77 11.16 3.20
C ILE A 92 -7.28 9.99 4.02
N PHE A 93 -6.60 8.84 3.89
CA PHE A 93 -6.91 7.66 4.70
C PHE A 93 -5.68 6.83 4.99
N ASP A 94 -5.59 6.35 6.23
CA ASP A 94 -4.45 5.57 6.69
C ASP A 94 -4.75 4.09 6.58
N LEU A 95 -3.79 3.34 6.04
CA LEU A 95 -3.95 1.88 5.86
C LEU A 95 -2.95 1.11 6.73
N GLN A 96 -3.45 0.17 7.54
CA GLN A 96 -2.58 -0.69 8.33
C GLN A 96 -2.22 -1.94 7.53
N ILE A 97 -0.97 -1.98 7.05
CA ILE A 97 -0.51 -3.07 6.19
C ILE A 97 0.51 -3.96 6.92
N TYR A 98 0.20 -5.26 6.98
CA TYR A 98 1.07 -6.27 7.60
C TYR A 98 1.74 -7.10 6.48
N VAL A 99 3.06 -7.35 6.61
CA VAL A 99 3.79 -8.09 5.56
C VAL A 99 4.49 -9.31 6.16
N LYS A 100 4.18 -10.49 5.62
CA LYS A 100 4.82 -11.74 6.06
C LYS A 100 5.50 -12.42 4.88
N ASP A 101 6.81 -12.60 4.98
CA ASP A 101 7.59 -13.25 3.93
C ASP A 101 7.62 -14.75 4.15
N GLU A 102 8.21 -15.47 3.20
CA GLU A 102 8.33 -16.92 3.30
C GLU A 102 9.15 -17.30 4.53
N VAL A 103 10.19 -16.51 4.81
CA VAL A 103 11.06 -16.75 5.97
C VAL A 103 10.27 -16.56 7.29
N GLY A 104 9.25 -15.68 7.25
CA GLY A 104 8.42 -15.44 8.44
C GLY A 104 8.66 -14.05 9.06
N VAL A 105 9.23 -13.12 8.28
CA VAL A 105 9.48 -11.75 8.76
C VAL A 105 8.16 -10.96 8.72
N THR A 106 7.77 -10.39 9.88
CA THR A 106 6.52 -9.65 9.98
C THR A 106 6.80 -8.16 10.18
N ASP A 107 6.07 -7.33 9.42
CA ASP A 107 6.23 -5.88 9.51
C ASP A 107 4.90 -5.17 9.27
N LEU A 108 4.54 -4.29 10.21
CA LEU A 108 3.28 -3.52 10.13
C LEU A 108 3.58 -2.03 9.93
N GLN A 109 2.91 -1.43 8.94
CA GLN A 109 3.12 -0.01 8.63
C GLN A 109 1.80 0.69 8.31
N VAL A 110 1.81 2.02 8.39
CA VAL A 110 0.63 2.84 8.13
C VAL A 110 0.80 3.60 6.80
N LEU A 111 -0.11 3.34 5.84
CA LEU A 111 -0.06 3.96 4.51
C LEU A 111 -1.13 5.04 4.37
N THR A 112 -0.71 6.31 4.28
CA THR A 112 -1.67 7.40 4.10
C THR A 112 -1.83 7.70 2.60
N VAL A 113 -3.08 7.72 2.13
CA VAL A 113 -3.37 7.93 0.71
C VAL A 113 -4.19 9.20 0.49
N GLN A 114 -3.65 10.12 -0.32
CA GLN A 114 -4.33 11.38 -0.64
C GLN A 114 -5.23 11.24 -1.86
N VAL A 115 -6.37 11.91 -1.79
CA VAL A 115 -7.36 11.90 -2.88
C VAL A 115 -7.45 13.30 -3.50
N THR A 116 -7.30 13.37 -4.83
CA THR A 116 -7.35 14.64 -5.55
C THR A 116 -8.67 14.78 -6.30
N ASP A 117 -9.34 15.93 -6.12
CA ASP A 117 -10.63 16.18 -6.76
C ASP A 117 -10.44 16.51 -8.25
N VAL A 118 -11.03 15.67 -9.10
CA VAL A 118 -10.95 15.86 -10.56
C VAL A 118 -12.35 16.10 -11.11
N ASN A 119 -12.50 17.18 -11.90
CA ASN A 119 -13.79 17.55 -12.47
C ASN A 119 -14.34 16.42 -13.34
N GLU A 120 -15.58 16.01 -13.04
CA GLU A 120 -16.26 14.95 -13.78
C GLU A 120 -16.82 15.48 -15.12
N PRO A 121 -17.07 14.61 -16.13
CA PRO A 121 -17.63 15.05 -17.44
C PRO A 121 -19.11 15.49 -17.29
N PRO A 122 -19.68 16.23 -18.27
CA PRO A 122 -21.08 16.74 -18.16
C PRO A 122 -22.06 15.63 -17.78
N GLY A 123 -22.99 15.97 -16.87
CA GLY A 123 -23.99 15.01 -16.39
C GLY A 123 -23.65 14.52 -14.98
N GLY A 124 -24.69 14.25 -14.18
CA GLY A 124 -24.52 13.77 -12.81
C GLY A 124 -25.87 13.75 -12.07
N THR A 125 -25.81 13.32 -10.78
CA THR A 125 -27.00 13.21 -9.88
C THR A 125 -28.16 12.44 -10.52
N LYS A 126 -28.76 11.56 -9.71
CA LYS A 126 -29.88 10.72 -10.16
C LYS A 126 -29.45 9.81 -11.31
CA CA B . -14.10 15.11 -7.09
CA CA C . -16.50 13.01 -8.77
CA CA D . -16.23 17.83 -10.52
N MET A 1 20.21 15.90 10.83
CA MET A 1 20.25 15.01 9.63
C MET A 1 20.69 13.61 10.05
N ALA A 2 21.86 13.55 10.71
CA ALA A 2 22.41 12.27 11.18
C ALA A 2 21.47 11.61 12.18
N SER A 3 20.88 12.43 13.05
CA SER A 3 19.95 11.93 14.08
C SER A 3 18.72 11.27 13.46
N ASP A 4 18.33 11.73 12.26
CA ASP A 4 17.17 11.18 11.55
C ASP A 4 17.39 9.70 11.23
N TYR A 5 18.64 9.35 10.90
CA TYR A 5 19.01 7.97 10.59
C TYR A 5 18.96 7.13 11.86
N LYS A 6 18.21 6.01 11.81
CA LYS A 6 18.04 5.15 12.99
C LYS A 6 18.95 3.92 13.00
N ASP A 7 19.77 3.75 11.95
CA ASP A 7 20.70 2.60 11.85
C ASP A 7 20.00 1.29 12.27
N ASP A 8 18.90 0.99 11.61
CA ASP A 8 18.10 -0.21 11.90
C ASP A 8 18.53 -1.41 11.04
N ASP A 9 19.70 -1.31 10.39
CA ASP A 9 20.20 -2.38 9.52
C ASP A 9 20.41 -3.69 10.30
N ASP A 10 20.62 -3.59 11.61
CA ASP A 10 20.82 -4.77 12.46
C ASP A 10 19.54 -5.62 12.57
N LYS A 11 18.38 -4.96 12.41
CA LYS A 11 17.09 -5.64 12.46
C LYS A 11 16.45 -5.68 11.07
N LEU A 12 15.66 -6.73 10.79
CA LEU A 12 15.00 -6.87 9.49
C LEU A 12 13.91 -5.81 9.33
N HIS A 13 14.01 -5.00 8.27
CA HIS A 13 13.02 -3.96 8.00
C HIS A 13 12.87 -3.72 6.50
N LEU A 14 11.73 -3.10 6.13
CA LEU A 14 11.45 -2.81 4.74
C LEU A 14 12.18 -1.54 4.30
N ILE A 15 12.76 -1.58 3.09
CA ILE A 15 13.45 -0.42 2.53
C ILE A 15 12.43 0.62 2.06
N LEU A 16 12.72 1.91 2.33
CA LEU A 16 11.81 3.04 2.02
C LEU A 16 10.73 3.14 3.10
N LEU A 17 10.99 3.97 4.11
CA LEU A 17 10.09 4.10 5.26
C LEU A 17 8.65 4.49 4.82
N PRO A 18 7.62 3.65 5.12
CA PRO A 18 6.18 3.97 4.78
C PRO A 18 5.66 5.23 5.54
N ALA A 19 4.66 6.01 4.98
CA ALA A 19 4.04 5.75 3.65
C ALA A 19 3.13 6.92 3.24
N THR A 20 3.43 7.50 2.07
CA THR A 20 2.64 8.62 1.53
C THR A 20 2.05 8.24 0.16
N GLY A 21 0.74 8.44 -0.01
CA GLY A 21 0.06 8.10 -1.26
C GLY A 21 -0.54 9.34 -1.94
N ASN A 22 -0.45 9.37 -3.27
CA ASN A 22 -0.99 10.48 -4.08
C ASN A 22 -1.66 9.93 -5.34
N VAL A 23 -2.98 10.15 -5.45
CA VAL A 23 -3.74 9.67 -6.61
C VAL A 23 -4.49 10.84 -7.29
N ALA A 24 -4.37 10.94 -8.62
CA ALA A 24 -5.05 11.98 -9.38
C ALA A 24 -6.53 11.60 -9.58
N GLU A 25 -7.26 11.52 -8.46
CA GLU A 25 -8.67 11.13 -8.50
C GLU A 25 -8.82 9.75 -9.19
N ASN A 26 -10.05 9.43 -9.65
CA ASN A 26 -10.30 8.14 -10.32
C ASN A 26 -10.03 8.20 -11.83
N SER A 27 -9.45 9.31 -12.30
CA SER A 27 -9.16 9.47 -13.73
C SER A 27 -8.27 8.33 -14.28
N PRO A 28 -7.13 7.98 -13.63
CA PRO A 28 -6.26 6.88 -14.11
C PRO A 28 -6.64 5.52 -13.46
N PRO A 29 -7.00 4.48 -14.24
CA PRO A 29 -7.36 3.15 -13.69
C PRO A 29 -6.17 2.20 -13.60
N GLY A 30 -6.02 1.51 -12.45
CA GLY A 30 -4.94 0.51 -12.28
C GLY A 30 -3.56 1.18 -12.19
N THR A 31 -3.53 2.43 -11.71
CA THR A 31 -2.28 3.16 -11.55
C THR A 31 -1.82 3.11 -10.10
N SER A 32 -0.56 2.73 -9.92
CA SER A 32 0.03 2.62 -8.60
C SER A 32 0.07 3.98 -7.91
N VAL A 33 -0.27 3.98 -6.61
CA VAL A 33 -0.24 5.20 -5.81
C VAL A 33 1.15 5.41 -5.19
N HIS A 34 1.74 4.31 -4.72
CA HIS A 34 3.05 4.35 -4.08
C HIS A 34 3.67 2.96 -4.09
N LYS A 35 5.01 2.90 -4.26
CA LYS A 35 5.72 1.62 -4.28
C LYS A 35 6.69 1.54 -3.11
N PHE A 36 7.04 0.31 -2.72
CA PHE A 36 7.86 0.07 -1.52
C PHE A 36 8.97 -0.92 -1.85
N SER A 37 9.95 -0.99 -0.96
CA SER A 37 11.06 -1.93 -1.11
C SER A 37 11.27 -2.67 0.21
N VAL A 38 11.85 -3.89 0.13
CA VAL A 38 12.03 -4.71 1.33
C VAL A 38 13.44 -5.30 1.43
N LYS A 39 13.87 -5.62 2.67
CA LYS A 39 15.17 -6.26 2.88
C LYS A 39 15.03 -7.76 2.70
N LEU A 40 16.07 -8.39 2.13
CA LEU A 40 16.06 -9.84 1.90
C LEU A 40 16.81 -10.59 2.98
N SER A 41 16.17 -11.62 3.53
CA SER A 41 16.78 -12.45 4.57
C SER A 41 17.95 -13.24 4.01
N ALA A 42 18.86 -13.66 4.88
CA ALA A 42 20.04 -14.44 4.47
C ALA A 42 19.61 -15.73 3.79
N SER A 43 18.56 -16.36 4.33
CA SER A 43 18.02 -17.60 3.76
C SER A 43 17.52 -17.36 2.34
N LEU A 44 16.89 -16.20 2.12
CA LEU A 44 16.36 -15.84 0.80
C LEU A 44 15.26 -16.81 0.37
N SER A 45 14.31 -17.04 1.29
CA SER A 45 13.19 -17.94 1.04
C SER A 45 12.31 -17.43 -0.13
N PRO A 46 11.82 -18.32 -1.03
CA PRO A 46 10.96 -17.89 -2.19
C PRO A 46 9.60 -17.41 -1.72
N VAL A 47 8.90 -16.67 -2.58
CA VAL A 47 7.58 -16.12 -2.24
C VAL A 47 6.46 -16.89 -2.94
N ILE A 48 5.24 -16.74 -2.42
CA ILE A 48 4.05 -17.42 -2.96
C ILE A 48 2.95 -16.39 -3.34
N PRO A 49 1.98 -16.76 -4.21
CA PRO A 49 0.88 -15.80 -4.63
C PRO A 49 0.02 -15.37 -3.44
N GLY A 50 -0.57 -14.17 -3.54
CA GLY A 50 -1.36 -13.61 -2.45
C GLY A 50 -0.43 -13.01 -1.40
N PHE A 51 0.41 -12.07 -1.85
CA PHE A 51 1.42 -11.45 -0.99
C PHE A 51 0.75 -10.65 0.18
N PRO A 52 1.08 -10.96 1.47
CA PRO A 52 0.53 -10.19 2.65
C PRO A 52 0.97 -8.69 2.61
N GLN A 53 0.11 -7.70 3.05
CA GLN A 53 -1.26 -7.91 3.59
C GLN A 53 -1.91 -6.55 3.87
N ILE A 54 -3.21 -6.43 3.60
CA ILE A 54 -3.97 -5.22 3.93
C ILE A 54 -4.76 -5.50 5.24
N VAL A 55 -4.26 -4.95 6.36
CA VAL A 55 -4.84 -5.26 7.70
C VAL A 55 -5.99 -4.32 8.06
N ASN A 56 -5.84 -3.03 7.74
CA ASN A 56 -6.89 -2.06 8.09
C ASN A 56 -6.91 -0.86 7.17
N SER A 57 -7.99 -0.07 7.27
CA SER A 57 -8.16 1.13 6.47
C SER A 57 -9.03 2.14 7.22
N ASN A 58 -8.89 3.43 6.87
CA ASN A 58 -9.72 4.47 7.48
C ASN A 58 -10.92 4.77 6.53
N PRO A 59 -12.17 4.44 6.92
CA PRO A 59 -13.37 4.64 6.03
C PRO A 59 -13.73 6.13 5.81
N LEU A 60 -14.36 6.50 4.63
CA LEU A 60 -14.74 5.56 3.54
C LEU A 60 -13.58 5.39 2.56
N THR A 61 -13.32 4.13 2.15
CA THR A 61 -12.23 3.84 1.20
C THR A 61 -12.76 3.11 -0.02
N GLU A 62 -12.25 3.49 -1.19
CA GLU A 62 -12.65 2.86 -2.45
C GLU A 62 -11.44 2.62 -3.35
N ALA A 63 -11.54 1.62 -4.23
CA ALA A 63 -10.49 1.34 -5.21
C ALA A 63 -9.10 1.23 -4.54
N PHE A 64 -8.74 0.03 -4.08
CA PHE A 64 -7.43 -0.19 -3.45
C PHE A 64 -7.04 -1.67 -3.46
N ARG A 65 -5.76 -1.95 -3.74
CA ARG A 65 -5.24 -3.32 -3.70
C ARG A 65 -3.72 -3.33 -3.51
N VAL A 66 -3.18 -4.51 -3.17
CA VAL A 66 -1.74 -4.69 -2.98
C VAL A 66 -1.18 -5.49 -4.17
N ASN A 67 -0.11 -4.99 -4.80
CA ASN A 67 0.46 -5.63 -5.99
C ASN A 67 1.97 -5.82 -5.87
N TRP A 68 2.40 -7.08 -5.73
CA TRP A 68 3.83 -7.39 -5.68
C TRP A 68 4.42 -7.18 -7.07
N LEU A 69 5.40 -6.28 -7.16
CA LEU A 69 5.98 -5.90 -8.46
C LEU A 69 7.02 -6.91 -8.93
N SER A 70 8.13 -7.02 -8.17
CA SER A 70 9.19 -7.97 -8.49
C SER A 70 10.24 -8.03 -7.39
N GLY A 71 10.95 -9.15 -7.31
CA GLY A 71 12.05 -9.35 -6.36
C GLY A 71 11.73 -8.88 -4.94
N THR A 72 11.99 -7.59 -4.66
CA THR A 72 11.81 -7.01 -3.32
C THR A 72 10.98 -5.71 -3.36
N TYR A 73 10.13 -5.56 -4.38
CA TYR A 73 9.32 -4.34 -4.53
C TYR A 73 7.84 -4.67 -4.68
N PHE A 74 6.98 -3.82 -4.08
CA PHE A 74 5.53 -3.97 -4.19
C PHE A 74 4.83 -2.61 -4.04
N GLU A 75 3.66 -2.46 -4.66
CA GLU A 75 2.94 -1.19 -4.61
C GLU A 75 1.43 -1.36 -4.51
N VAL A 76 0.75 -0.29 -4.07
CA VAL A 76 -0.71 -0.29 -3.97
C VAL A 76 -1.29 0.26 -5.28
N VAL A 77 -2.27 -0.47 -5.83
CA VAL A 77 -2.86 -0.12 -7.13
C VAL A 77 -4.34 0.27 -6.97
N THR A 78 -4.74 1.32 -7.69
CA THR A 78 -6.12 1.82 -7.64
C THR A 78 -7.01 1.13 -8.69
N THR A 79 -8.33 1.22 -8.47
CA THR A 79 -9.34 0.63 -9.37
C THR A 79 -9.45 -0.88 -9.20
N GLY A 80 -10.31 -1.27 -8.26
CA GLY A 80 -10.56 -2.68 -7.97
C GLY A 80 -12.07 -2.95 -7.89
N MET A 81 -12.53 -3.34 -6.70
CA MET A 81 -13.95 -3.62 -6.48
C MET A 81 -14.81 -2.37 -6.67
N GLU A 82 -14.30 -1.21 -6.21
CA GLU A 82 -15.03 0.06 -6.32
C GLU A 82 -14.12 1.17 -6.82
N GLN A 83 -14.71 2.19 -7.44
CA GLN A 83 -13.94 3.34 -7.99
C GLN A 83 -13.88 4.50 -6.99
N LEU A 84 -12.79 5.29 -7.06
CA LEU A 84 -12.60 6.45 -6.18
C LEU A 84 -13.55 7.59 -6.54
N ASP A 85 -13.99 8.34 -5.52
CA ASP A 85 -14.89 9.46 -5.71
C ASP A 85 -14.56 10.58 -4.73
N PHE A 86 -13.90 11.64 -5.22
CA PHE A 86 -13.53 12.80 -4.38
C PHE A 86 -14.79 13.49 -3.85
N GLU A 87 -15.81 13.59 -4.70
CA GLU A 87 -17.05 14.30 -4.37
C GLU A 87 -17.76 13.68 -3.16
N THR A 88 -17.48 12.40 -2.85
CA THR A 88 -18.14 11.73 -1.72
C THR A 88 -17.83 12.42 -0.38
N GLY A 89 -16.61 12.99 -0.27
CA GLY A 89 -16.22 13.71 0.94
C GLY A 89 -14.75 13.44 1.34
N PRO A 90 -14.45 12.35 2.09
CA PRO A 90 -13.07 12.06 2.57
C PRO A 90 -12.05 11.97 1.45
N ASN A 91 -10.85 12.51 1.69
CA ASN A 91 -9.75 12.47 0.73
C ASN A 91 -8.50 11.78 1.31
N ILE A 92 -8.49 11.54 2.64
CA ILE A 92 -7.37 10.87 3.30
C ILE A 92 -7.82 9.64 4.09
N PHE A 93 -7.05 8.55 3.96
CA PHE A 93 -7.31 7.36 4.76
C PHE A 93 -6.03 6.59 5.05
N ASP A 94 -5.91 6.10 6.29
CA ASP A 94 -4.74 5.37 6.72
C ASP A 94 -4.95 3.87 6.56
N LEU A 95 -3.96 3.21 5.98
CA LEU A 95 -4.01 1.76 5.74
C LEU A 95 -2.94 1.04 6.55
N GLN A 96 -3.39 0.09 7.38
CA GLN A 96 -2.47 -0.73 8.15
C GLN A 96 -2.03 -1.90 7.29
N ILE A 97 -0.81 -1.80 6.76
CA ILE A 97 -0.28 -2.82 5.86
C ILE A 97 0.75 -3.69 6.58
N TYR A 98 0.51 -5.00 6.54
CA TYR A 98 1.36 -5.98 7.19
C TYR A 98 2.11 -6.80 6.15
N VAL A 99 3.41 -7.08 6.39
CA VAL A 99 4.22 -7.84 5.42
C VAL A 99 4.86 -9.05 6.11
N LYS A 100 4.67 -10.22 5.50
CA LYS A 100 5.22 -11.46 6.05
C LYS A 100 5.88 -12.29 4.95
N ASP A 101 7.16 -12.60 5.17
CA ASP A 101 7.92 -13.43 4.25
C ASP A 101 7.67 -14.90 4.55
N GLU A 102 8.03 -15.77 3.61
CA GLU A 102 7.83 -17.21 3.79
C GLU A 102 8.62 -17.70 5.02
N VAL A 103 9.83 -17.17 5.21
CA VAL A 103 10.68 -17.53 6.34
C VAL A 103 10.04 -17.14 7.68
N GLY A 104 9.18 -16.10 7.68
CA GLY A 104 8.48 -15.68 8.91
C GLY A 104 8.73 -14.21 9.30
N VAL A 105 9.33 -13.42 8.41
CA VAL A 105 9.57 -11.98 8.69
C VAL A 105 8.22 -11.31 8.95
N THR A 106 8.24 -10.16 9.65
CA THR A 106 7.01 -9.44 9.97
C THR A 106 7.26 -7.95 10.11
N ASP A 107 6.37 -7.14 9.50
CA ASP A 107 6.46 -5.69 9.57
C ASP A 107 5.10 -5.04 9.31
N LEU A 108 4.70 -4.14 10.21
CA LEU A 108 3.42 -3.43 10.11
C LEU A 108 3.64 -1.92 10.03
N GLN A 109 2.99 -1.28 9.05
CA GLN A 109 3.13 0.16 8.84
C GLN A 109 1.80 0.81 8.48
N VAL A 110 1.74 2.14 8.61
CA VAL A 110 0.52 2.90 8.30
C VAL A 110 0.72 3.71 7.01
N LEU A 111 -0.16 3.51 6.04
CA LEU A 111 -0.07 4.18 4.74
C LEU A 111 -1.27 5.11 4.50
N THR A 112 -1.01 6.40 4.37
CA THR A 112 -2.07 7.38 4.12
C THR A 112 -2.25 7.58 2.62
N VAL A 113 -3.50 7.49 2.16
CA VAL A 113 -3.83 7.66 0.74
C VAL A 113 -4.55 8.97 0.52
N GLN A 114 -4.01 9.82 -0.37
CA GLN A 114 -4.61 11.12 -0.67
C GLN A 114 -5.31 11.11 -2.02
N VAL A 115 -6.44 11.81 -2.06
CA VAL A 115 -7.25 11.93 -3.28
C VAL A 115 -7.20 13.38 -3.78
N THR A 116 -6.79 13.56 -5.04
CA THR A 116 -6.67 14.88 -5.64
C THR A 116 -7.91 15.16 -6.51
N ASP A 117 -8.52 16.33 -6.30
CA ASP A 117 -9.73 16.72 -7.02
C ASP A 117 -9.42 17.15 -8.45
N VAL A 118 -9.90 16.36 -9.41
CA VAL A 118 -9.74 16.66 -10.84
C VAL A 118 -11.10 16.97 -11.44
N ASN A 119 -11.19 18.11 -12.15
CA ASN A 119 -12.46 18.56 -12.73
C ASN A 119 -12.76 17.83 -14.04
N GLU A 120 -13.82 17.01 -14.01
CA GLU A 120 -14.25 16.27 -15.20
C GLU A 120 -15.31 17.09 -15.98
N PRO A 121 -15.53 16.80 -17.28
CA PRO A 121 -16.55 17.56 -18.11
C PRO A 121 -17.96 17.48 -17.48
N PRO A 122 -18.77 18.57 -17.55
CA PRO A 122 -20.15 18.58 -16.96
C PRO A 122 -21.15 17.81 -17.83
N GLY A 123 -21.13 16.47 -17.70
CA GLY A 123 -22.01 15.60 -18.48
C GLY A 123 -23.41 15.55 -17.90
N GLY A 124 -24.28 14.77 -18.55
CA GLY A 124 -25.67 14.63 -18.12
C GLY A 124 -26.63 15.24 -19.15
N THR A 125 -27.89 14.81 -19.10
CA THR A 125 -28.91 15.29 -20.04
C THR A 125 -30.33 15.08 -19.45
N LYS A 126 -30.55 15.65 -18.26
CA LYS A 126 -31.85 15.53 -17.58
C LYS A 126 -31.99 16.60 -16.50
CA CA B . -13.41 16.00 -7.64
CA CA C . -15.10 13.74 -9.98
CA CA D . -15.40 18.52 -11.29
N MET A 1 12.08 6.41 26.45
CA MET A 1 13.25 5.93 25.64
C MET A 1 14.26 7.06 25.49
N ALA A 2 15.36 6.80 24.77
CA ALA A 2 16.41 7.78 24.56
C ALA A 2 17.06 7.58 23.20
N SER A 3 17.69 8.64 22.70
CA SER A 3 18.35 8.59 21.39
C SER A 3 19.45 7.55 21.36
N ASP A 4 20.20 7.45 22.47
CA ASP A 4 21.28 6.46 22.60
C ASP A 4 20.73 5.06 22.94
N TYR A 5 19.40 4.93 23.02
CA TYR A 5 18.75 3.67 23.33
C TYR A 5 18.05 3.12 22.07
N LYS A 6 18.47 1.94 21.61
CA LYS A 6 17.87 1.32 20.43
C LYS A 6 17.49 -0.14 20.72
N ASP A 7 16.19 -0.37 20.92
CA ASP A 7 15.69 -1.73 21.16
C ASP A 7 15.12 -2.39 19.88
N ASP A 8 15.25 -1.69 18.74
CA ASP A 8 14.76 -2.21 17.46
C ASP A 8 15.90 -2.73 16.56
N ASP A 9 17.11 -2.87 17.13
CA ASP A 9 18.28 -3.33 16.36
C ASP A 9 18.06 -4.74 15.83
N ASP A 10 17.43 -5.59 16.64
CA ASP A 10 17.14 -6.98 16.25
C ASP A 10 16.04 -7.05 15.17
N LYS A 11 15.19 -6.01 15.13
CA LYS A 11 14.10 -5.95 14.17
C LYS A 11 14.58 -5.37 12.83
N LEU A 12 14.28 -6.07 11.74
CA LEU A 12 14.65 -5.63 10.39
C LEU A 12 13.57 -4.67 9.84
N HIS A 13 13.96 -3.85 8.85
CA HIS A 13 13.02 -2.88 8.26
C HIS A 13 12.93 -3.03 6.76
N LEU A 14 11.81 -2.57 6.21
CA LEU A 14 11.57 -2.64 4.79
C LEU A 14 12.20 -1.44 4.07
N ILE A 15 12.61 -1.66 2.81
CA ILE A 15 13.24 -0.62 2.00
C ILE A 15 12.23 0.50 1.71
N LEU A 16 12.68 1.76 1.86
CA LEU A 16 11.81 2.94 1.66
C LEU A 16 10.80 3.04 2.79
N LEU A 17 11.16 3.81 3.84
CA LEU A 17 10.30 3.97 5.01
C LEU A 17 8.86 4.40 4.59
N PRO A 18 7.82 3.59 4.89
CA PRO A 18 6.41 3.91 4.49
C PRO A 18 5.74 4.98 5.41
N ALA A 19 4.73 5.77 4.89
CA ALA A 19 4.27 5.74 3.48
C ALA A 19 3.31 6.89 3.16
N THR A 20 3.44 7.45 1.97
CA THR A 20 2.55 8.50 1.49
C THR A 20 2.06 8.14 0.08
N GLY A 21 0.85 8.61 -0.27
CA GLY A 21 0.28 8.31 -1.58
C GLY A 21 -0.67 9.40 -2.05
N ASN A 22 -0.78 9.55 -3.38
CA ASN A 22 -1.70 10.53 -3.96
C ASN A 22 -2.09 10.17 -5.41
N VAL A 23 -3.39 10.22 -5.69
CA VAL A 23 -3.91 9.99 -7.05
C VAL A 23 -4.84 11.11 -7.49
N ALA A 24 -5.04 11.22 -8.81
CA ALA A 24 -5.94 12.20 -9.37
C ALA A 24 -7.35 11.60 -9.52
N GLU A 25 -8.08 11.56 -8.39
CA GLU A 25 -9.42 10.95 -8.37
C GLU A 25 -9.38 9.52 -8.96
N ASN A 26 -10.56 9.01 -9.36
CA ASN A 26 -10.66 7.66 -9.95
C ASN A 26 -10.44 7.66 -11.47
N SER A 27 -9.98 8.80 -12.02
CA SER A 27 -9.77 8.94 -13.46
C SER A 27 -8.74 7.91 -13.99
N PRO A 28 -7.53 7.79 -13.39
CA PRO A 28 -6.51 6.82 -13.88
C PRO A 28 -6.77 5.37 -13.37
N PRO A 29 -6.97 4.38 -14.26
CA PRO A 29 -7.18 2.96 -13.85
C PRO A 29 -5.88 2.16 -13.86
N GLY A 30 -5.67 1.35 -12.80
CA GLY A 30 -4.48 0.50 -12.71
C GLY A 30 -3.20 1.33 -12.57
N THR A 31 -3.31 2.50 -11.92
CA THR A 31 -2.17 3.39 -11.73
C THR A 31 -1.68 3.33 -10.30
N SER A 32 -0.37 3.09 -10.14
CA SER A 32 0.26 2.99 -8.83
C SER A 32 0.21 4.33 -8.12
N VAL A 33 -0.02 4.29 -6.80
CA VAL A 33 -0.07 5.51 -5.98
C VAL A 33 1.25 5.72 -5.27
N HIS A 34 1.79 4.62 -4.71
CA HIS A 34 3.06 4.66 -4.01
C HIS A 34 3.73 3.28 -4.06
N LYS A 35 5.06 3.27 -4.09
CA LYS A 35 5.81 2.01 -4.17
C LYS A 35 6.87 1.92 -3.07
N PHE A 36 7.21 0.68 -2.68
CA PHE A 36 8.21 0.43 -1.64
C PHE A 36 8.68 -1.01 -1.68
N SER A 37 9.83 -1.28 -1.05
CA SER A 37 10.40 -2.63 -1.03
C SER A 37 10.71 -3.08 0.39
N VAL A 38 11.11 -4.35 0.53
CA VAL A 38 11.42 -4.94 1.84
C VAL A 38 12.88 -5.40 1.87
N LYS A 39 13.55 -5.24 3.04
CA LYS A 39 14.96 -5.64 3.16
C LYS A 39 15.07 -7.17 3.00
N LEU A 40 15.98 -7.59 2.12
CA LEU A 40 16.16 -9.00 1.79
C LEU A 40 16.60 -9.82 3.01
N SER A 41 15.83 -10.86 3.33
CA SER A 41 16.12 -11.75 4.45
C SER A 41 17.38 -12.57 4.17
N ALA A 42 18.14 -12.84 5.22
CA ALA A 42 19.38 -13.62 5.11
C ALA A 42 19.11 -15.02 4.57
N SER A 43 17.99 -15.61 5.01
CA SER A 43 17.60 -16.96 4.59
C SER A 43 17.40 -17.05 3.09
N LEU A 44 16.80 -15.99 2.49
CA LEU A 44 16.56 -15.94 1.04
C LEU A 44 15.47 -16.95 0.63
N SER A 45 14.36 -16.95 1.39
CA SER A 45 13.24 -17.86 1.11
C SER A 45 12.17 -17.15 0.23
N PRO A 46 11.82 -17.69 -0.97
CA PRO A 46 10.78 -17.05 -1.86
C PRO A 46 9.43 -16.89 -1.16
N VAL A 47 8.73 -15.80 -1.48
CA VAL A 47 7.42 -15.51 -0.88
C VAL A 47 6.30 -16.23 -1.62
N ILE A 48 5.24 -16.59 -0.88
CA ILE A 48 4.09 -17.30 -1.46
C ILE A 48 3.14 -16.33 -2.22
N PRO A 49 2.26 -16.83 -3.12
CA PRO A 49 1.29 -15.97 -3.88
C PRO A 49 0.37 -15.20 -2.94
N GLY A 50 -0.03 -13.97 -3.35
CA GLY A 50 -0.88 -13.13 -2.52
C GLY A 50 -0.05 -12.38 -1.50
N PHE A 51 0.81 -11.48 -1.99
CA PHE A 51 1.75 -10.75 -1.13
C PHE A 51 1.01 -10.14 0.12
N PRO A 52 1.32 -10.60 1.35
CA PRO A 52 0.70 -10.03 2.61
C PRO A 52 1.10 -8.55 2.82
N GLN A 53 0.19 -7.63 3.32
CA GLN A 53 -1.23 -7.90 3.70
C GLN A 53 -1.91 -6.59 4.09
N ILE A 54 -3.22 -6.49 3.87
CA ILE A 54 -3.99 -5.33 4.29
C ILE A 54 -4.72 -5.67 5.60
N VAL A 55 -4.31 -5.02 6.72
CA VAL A 55 -4.90 -5.30 8.03
C VAL A 55 -5.95 -4.25 8.41
N ASN A 56 -5.66 -2.97 8.13
CA ASN A 56 -6.61 -1.90 8.48
C ASN A 56 -6.61 -0.77 7.45
N SER A 57 -7.75 -0.09 7.36
CA SER A 57 -7.90 1.04 6.44
C SER A 57 -8.86 2.07 7.03
N ASN A 58 -8.57 3.37 6.82
CA ASN A 58 -9.46 4.43 7.31
C ASN A 58 -10.63 4.61 6.30
N PRO A 59 -11.90 4.34 6.69
CA PRO A 59 -13.06 4.40 5.75
C PRO A 59 -13.45 5.84 5.35
N LEU A 60 -14.07 6.07 4.13
CA LEU A 60 -14.42 5.01 3.14
C LEU A 60 -13.30 4.89 2.10
N THR A 61 -12.75 3.66 1.95
CA THR A 61 -11.68 3.41 0.99
C THR A 61 -11.97 2.17 0.15
N GLU A 62 -12.07 2.35 -1.16
CA GLU A 62 -12.31 1.24 -2.09
C GLU A 62 -11.44 1.37 -3.33
N ALA A 63 -11.26 0.25 -4.05
CA ALA A 63 -10.47 0.21 -5.31
C ALA A 63 -8.96 0.30 -5.08
N PHE A 64 -8.51 -0.07 -3.88
CA PHE A 64 -7.08 -0.07 -3.56
C PHE A 64 -6.62 -1.48 -3.20
N ARG A 65 -5.45 -1.87 -3.72
CA ARG A 65 -4.90 -3.19 -3.45
C ARG A 65 -3.37 -3.20 -3.56
N VAL A 66 -2.74 -4.22 -2.97
CA VAL A 66 -1.28 -4.35 -2.98
C VAL A 66 -0.84 -5.19 -4.20
N ASN A 67 0.12 -4.67 -4.97
CA ASN A 67 0.60 -5.34 -6.17
C ASN A 67 2.08 -5.69 -6.06
N TRP A 68 2.37 -6.99 -6.03
CA TRP A 68 3.75 -7.46 -5.97
C TRP A 68 4.42 -7.21 -7.32
N LEU A 69 5.40 -6.29 -7.34
CA LEU A 69 6.06 -5.92 -8.58
C LEU A 69 7.15 -6.93 -8.96
N SER A 70 8.16 -7.08 -8.09
CA SER A 70 9.25 -8.04 -8.33
C SER A 70 10.08 -8.23 -7.07
N GLY A 71 10.58 -9.45 -6.88
CA GLY A 71 11.47 -9.79 -5.76
C GLY A 71 10.95 -9.26 -4.41
N THR A 72 11.34 -8.03 -4.07
CA THR A 72 10.94 -7.40 -2.79
C THR A 72 10.19 -6.07 -2.99
N TYR A 73 10.12 -5.59 -4.24
CA TYR A 73 9.46 -4.31 -4.56
C TYR A 73 7.97 -4.52 -4.84
N PHE A 74 7.13 -3.62 -4.29
CA PHE A 74 5.68 -3.69 -4.52
C PHE A 74 5.03 -2.32 -4.30
N GLU A 75 3.84 -2.14 -4.90
CA GLU A 75 3.12 -0.87 -4.81
C GLU A 75 1.60 -1.06 -4.75
N VAL A 76 0.91 -0.04 -4.22
CA VAL A 76 -0.55 -0.05 -4.14
C VAL A 76 -1.15 0.50 -5.43
N VAL A 77 -2.20 -0.15 -5.91
CA VAL A 77 -2.84 0.23 -7.19
C VAL A 77 -4.29 0.68 -6.97
N THR A 78 -4.67 1.77 -7.64
CA THR A 78 -6.02 2.33 -7.55
C THR A 78 -6.87 1.87 -8.75
N THR A 79 -8.16 1.61 -8.49
CA THR A 79 -9.14 1.14 -9.51
C THR A 79 -9.02 -0.37 -9.73
N GLY A 80 -9.65 -1.13 -8.83
CA GLY A 80 -9.66 -2.59 -8.91
C GLY A 80 -11.04 -3.10 -9.26
N MET A 81 -11.53 -4.07 -8.48
CA MET A 81 -12.84 -4.67 -8.70
C MET A 81 -13.95 -3.63 -8.54
N GLU A 82 -13.79 -2.75 -7.54
CA GLU A 82 -14.78 -1.70 -7.26
C GLU A 82 -14.24 -0.33 -7.66
N GLN A 83 -15.12 0.52 -8.21
CA GLN A 83 -14.73 1.86 -8.66
C GLN A 83 -14.44 2.77 -7.46
N LEU A 84 -13.60 3.80 -7.68
CA LEU A 84 -13.26 4.75 -6.63
C LEU A 84 -14.11 6.03 -6.73
N ASP A 85 -14.70 6.43 -5.60
CA ASP A 85 -15.59 7.59 -5.56
C ASP A 85 -15.18 8.57 -4.44
N PHE A 86 -14.72 9.76 -4.85
CA PHE A 86 -14.29 10.81 -3.90
C PHE A 86 -15.44 11.24 -2.97
N GLU A 87 -16.62 11.45 -3.55
CA GLU A 87 -17.77 11.95 -2.77
C GLU A 87 -18.13 11.02 -1.62
N THR A 88 -18.02 9.70 -1.85
CA THR A 88 -18.37 8.70 -0.83
C THR A 88 -17.23 8.45 0.18
N GLY A 89 -16.03 9.02 -0.08
CA GLY A 89 -14.87 8.79 0.82
C GLY A 89 -14.09 10.09 1.15
N PRO A 90 -13.31 10.13 2.26
CA PRO A 90 -12.51 11.33 2.64
C PRO A 90 -11.28 11.51 1.75
N ASN A 91 -10.69 12.71 1.80
CA ASN A 91 -9.51 13.04 1.01
C ASN A 91 -8.35 12.12 1.36
N ILE A 92 -8.18 11.83 2.66
CA ILE A 92 -7.07 11.00 3.12
C ILE A 92 -7.51 9.80 3.97
N PHE A 93 -6.79 8.67 3.80
CA PHE A 93 -7.03 7.48 4.61
C PHE A 93 -5.75 6.70 4.85
N ASP A 94 -5.63 6.10 6.04
CA ASP A 94 -4.44 5.36 6.44
C ASP A 94 -4.65 3.87 6.30
N LEU A 95 -3.64 3.17 5.78
CA LEU A 95 -3.72 1.72 5.59
C LEU A 95 -2.64 0.99 6.40
N GLN A 96 -3.07 0.17 7.37
CA GLN A 96 -2.16 -0.64 8.16
C GLN A 96 -1.81 -1.90 7.38
N ILE A 97 -0.61 -1.92 6.81
CA ILE A 97 -0.16 -3.03 5.99
C ILE A 97 0.77 -3.97 6.79
N TYR A 98 0.47 -5.26 6.78
CA TYR A 98 1.25 -6.26 7.50
C TYR A 98 1.95 -7.18 6.50
N VAL A 99 3.26 -7.35 6.63
CA VAL A 99 4.02 -8.20 5.67
C VAL A 99 4.69 -9.35 6.42
N LYS A 100 4.39 -10.58 5.97
CA LYS A 100 4.97 -11.78 6.58
C LYS A 100 5.71 -12.62 5.53
N ASP A 101 6.98 -12.91 5.82
CA ASP A 101 7.80 -13.73 4.94
C ASP A 101 7.56 -15.21 5.24
N GLU A 102 8.03 -16.06 4.32
CA GLU A 102 7.89 -17.51 4.48
C GLU A 102 8.61 -17.99 5.75
N VAL A 103 9.77 -17.39 6.03
CA VAL A 103 10.58 -17.76 7.20
C VAL A 103 9.83 -17.39 8.51
N GLY A 104 9.00 -16.34 8.46
CA GLY A 104 8.26 -15.88 9.64
C GLY A 104 8.67 -14.46 10.07
N VAL A 105 9.26 -13.70 9.13
CA VAL A 105 9.67 -12.32 9.39
C VAL A 105 8.45 -11.43 9.17
N THR A 106 8.10 -10.61 10.18
CA THR A 106 6.87 -9.79 10.11
C THR A 106 7.12 -8.31 10.34
N ASP A 107 6.22 -7.48 9.78
CA ASP A 107 6.28 -6.02 9.95
C ASP A 107 4.90 -5.40 9.69
N LEU A 108 4.56 -4.37 10.49
CA LEU A 108 3.29 -3.64 10.35
C LEU A 108 3.56 -2.16 10.18
N GLN A 109 3.12 -1.60 9.05
CA GLN A 109 3.33 -0.18 8.73
C GLN A 109 2.03 0.47 8.31
N VAL A 110 2.04 1.80 8.17
CA VAL A 110 0.84 2.56 7.78
C VAL A 110 1.03 3.23 6.43
N LEU A 111 -0.05 3.32 5.65
CA LEU A 111 0.00 3.92 4.31
C LEU A 111 -1.10 4.96 4.11
N THR A 112 -0.70 6.23 3.95
CA THR A 112 -1.67 7.30 3.73
C THR A 112 -1.94 7.49 2.24
N VAL A 113 -3.22 7.56 1.87
CA VAL A 113 -3.62 7.74 0.47
C VAL A 113 -4.40 9.04 0.32
N GLN A 114 -3.94 9.91 -0.59
CA GLN A 114 -4.61 11.18 -0.87
C GLN A 114 -5.43 11.09 -2.14
N VAL A 115 -6.61 11.70 -2.11
CA VAL A 115 -7.53 11.68 -3.25
C VAL A 115 -7.85 13.12 -3.68
N THR A 116 -7.71 13.39 -4.99
CA THR A 116 -7.96 14.71 -5.55
C THR A 116 -9.36 14.76 -6.18
N ASP A 117 -10.12 15.81 -5.84
CA ASP A 117 -11.48 15.98 -6.35
C ASP A 117 -11.47 16.57 -7.76
N VAL A 118 -11.88 15.75 -8.73
CA VAL A 118 -11.94 16.19 -10.14
C VAL A 118 -13.38 16.07 -10.66
N ASN A 119 -13.91 17.19 -11.17
CA ASN A 119 -15.28 17.22 -11.69
C ASN A 119 -15.33 16.83 -13.17
N GLU A 120 -16.32 16.01 -13.52
CA GLU A 120 -16.50 15.58 -14.91
C GLU A 120 -17.97 15.82 -15.36
N PRO A 121 -18.21 16.29 -16.60
CA PRO A 121 -19.62 16.57 -17.08
C PRO A 121 -20.39 15.26 -17.39
N PRO A 122 -21.71 15.18 -17.07
CA PRO A 122 -22.54 13.97 -17.40
C PRO A 122 -22.59 13.70 -18.90
N GLY A 123 -22.64 12.43 -19.28
CA GLY A 123 -22.67 12.06 -20.70
C GLY A 123 -23.94 12.60 -21.36
N GLY A 124 -23.78 13.24 -22.51
CA GLY A 124 -24.91 13.80 -23.25
C GLY A 124 -25.34 15.14 -22.66
N THR A 125 -26.27 15.82 -23.34
CA THR A 125 -26.79 17.11 -22.87
C THR A 125 -28.30 17.18 -23.04
N LYS A 126 -28.93 18.13 -22.32
CA LYS A 126 -30.38 18.31 -22.40
C LYS A 126 -30.77 18.96 -23.73
CA CA B . -14.95 14.77 -7.58
CA CA C . -16.48 11.87 -8.64
CA CA D . -17.95 16.35 -10.88
#